data_6PYY
#
_entry.id   6PYY
#
_cell.length_a   144.188
_cell.length_b   154.037
_cell.length_c   87.973
_cell.angle_alpha   90.000
_cell.angle_beta   90.000
_cell.angle_gamma   90.000
#
_symmetry.space_group_name_H-M   'P 21 21 2'
#
loop_
_entity.id
_entity.type
_entity.pdbx_description
1 polymer 'Tryptophan 2,3-dioxygenase'
2 non-polymer 'PROTOPORPHYRIN IX CONTAINING FE'
3 non-polymer (3S)-3-(5-fluoro-1H-indol-3-yl)pyrrolidine-2,5-dione
4 water water
#
_entity_poly.entity_id   1
_entity_poly.type   'polypeptide(L)'
_entity_poly.pdbx_seq_one_letter_code
;MLPVEGSEEDKSQTGVNRASKGGLIYGNYLHLEKVLNAQELQSETKGNKIHDEHLFIITHQAYELWFKQILWELDSVREI
FQNGHVRDERNMLKVVSRMHRVSVILKLLVQQFSILETMTALDFNDFREYLSPASGFQSLQFRLLENKIGVLQNMRVPYN
RRHYRDNFKGEENELLLKSEQEKTLLELVEAWLERTPGLEPHGFNFWGKLEKNITRGLEEEFIRIQAKEESEEKEEQVAE
FQKQKEVLLSLFDEKRHEHLLSKGERRLSYRALQGALMIYFYREEPRFQVPFQLLTSLMDIDSLMTKWRYNHVCMVHRML
GSKAGTGGSSGYHYLRSTVSDRYKVFVDLFNLSTYLIPRHWIPKMNPTIHKFLEHHHHHH
;
_entity_poly.pdbx_strand_id   A,B,C,D
#
# COMPACT_ATOMS: atom_id res chain seq x y z
N GLY A 22 -23.96 15.81 30.71
CA GLY A 22 -23.64 15.88 29.25
C GLY A 22 -23.22 14.53 28.71
N GLY A 23 -24.04 13.92 27.84
CA GLY A 23 -23.74 12.66 27.12
C GLY A 23 -22.51 12.83 26.23
N LEU A 24 -21.69 11.79 26.09
CA LEU A 24 -20.37 11.89 25.38
C LEU A 24 -20.56 12.19 23.89
N ILE A 25 -19.77 13.13 23.35
CA ILE A 25 -19.81 13.62 21.94
C ILE A 25 -18.42 13.44 21.28
N TYR A 26 -18.43 12.89 20.07
CA TYR A 26 -17.25 12.62 19.20
C TYR A 26 -16.17 13.71 19.38
N GLY A 27 -16.46 14.95 18.99
CA GLY A 27 -15.49 16.06 19.09
C GLY A 27 -14.83 16.15 20.46
N ASN A 28 -15.60 15.95 21.54
CA ASN A 28 -15.08 16.14 22.92
C ASN A 28 -14.20 14.95 23.32
N TYR A 29 -14.66 13.72 23.02
CA TYR A 29 -13.95 12.44 23.27
C TYR A 29 -12.50 12.55 22.77
N LEU A 30 -12.34 13.02 21.52
CA LEU A 30 -11.09 13.10 20.73
C LEU A 30 -10.40 14.45 20.95
N HIS A 31 -10.91 15.29 21.85
CA HIS A 31 -10.30 16.60 22.18
C HIS A 31 -9.89 17.31 20.90
N LEU A 32 -10.80 17.35 19.93
CA LEU A 32 -10.58 18.05 18.64
C LEU A 32 -10.49 19.57 18.83
N GLU A 33 -11.00 20.10 19.96
CA GLU A 33 -10.84 21.54 20.28
C GLU A 33 -9.37 21.83 20.49
N LYS A 34 -8.54 20.84 20.79
CA LYS A 34 -7.05 20.97 20.75
C LYS A 34 -6.48 20.64 19.38
N VAL A 35 -6.87 19.48 18.81
CA VAL A 35 -6.20 18.87 17.61
C VAL A 35 -6.42 19.77 16.39
N LEU A 36 -7.65 20.28 16.23
CA LEU A 36 -8.07 21.07 15.03
C LEU A 36 -7.97 22.58 15.32
N ASN A 37 -7.39 22.96 16.46
CA ASN A 37 -7.07 24.37 16.78
C ASN A 37 -5.57 24.48 17.06
N ALA A 38 -4.73 23.90 16.19
CA ALA A 38 -3.28 23.73 16.40
C ALA A 38 -2.50 24.05 15.13
N GLN A 39 -3.14 24.73 14.19
CA GLN A 39 -2.58 24.94 12.84
C GLN A 39 -2.35 26.44 12.66
N GLU A 40 -1.11 26.88 12.72
CA GLU A 40 -0.71 28.30 12.60
C GLU A 40 0.38 28.38 11.53
N LEU A 41 0.04 28.86 10.34
CA LEU A 41 1.00 29.03 9.23
C LEU A 41 1.91 30.20 9.61
N GLN A 42 3.20 29.96 9.82
CA GLN A 42 4.13 31.06 10.11
C GLN A 42 3.97 32.08 8.98
N SER A 43 3.82 31.64 7.73
CA SER A 43 3.69 32.53 6.55
C SER A 43 2.55 33.55 6.79
N GLU A 44 1.43 33.14 7.38
CA GLU A 44 0.27 34.04 7.64
C GLU A 44 0.61 34.99 8.80
N THR A 45 1.25 34.47 9.83
CA THR A 45 1.67 35.24 11.04
C THR A 45 2.63 36.36 10.64
N LYS A 46 3.55 36.13 9.70
CA LYS A 46 4.48 37.15 9.13
C LYS A 46 3.87 37.78 7.86
N GLY A 47 2.54 37.76 7.73
CA GLY A 47 1.74 38.55 6.76
C GLY A 47 1.65 37.97 5.34
N ASN A 48 2.35 36.89 5.00
CA ASN A 48 2.51 36.39 3.60
C ASN A 48 2.04 34.91 3.47
N LYS A 49 0.76 34.62 3.70
CA LYS A 49 0.19 33.23 3.69
C LYS A 49 0.65 32.42 2.45
N ILE A 50 1.28 31.26 2.64
CA ILE A 50 1.57 30.27 1.56
C ILE A 50 0.71 29.01 1.76
N HIS A 51 -0.11 28.68 0.76
CA HIS A 51 -1.12 27.59 0.80
C HIS A 51 -0.52 26.28 1.33
N ASP A 52 0.59 25.81 0.76
CA ASP A 52 1.09 24.44 1.02
C ASP A 52 1.64 24.32 2.44
N GLU A 53 1.88 25.43 3.16
CA GLU A 53 2.47 25.36 4.52
C GLU A 53 1.47 24.60 5.39
N HIS A 54 0.19 24.73 5.09
CA HIS A 54 -0.87 24.01 5.85
C HIS A 54 -0.59 22.50 5.78
N LEU A 55 -0.28 22.02 4.57
CA LEU A 55 0.01 20.59 4.33
C LEU A 55 1.25 20.21 5.15
N PHE A 56 2.24 21.10 5.17
CA PHE A 56 3.55 20.89 5.86
C PHE A 56 3.27 20.62 7.35
N ILE A 57 2.40 21.42 7.93
CA ILE A 57 2.11 21.33 9.38
C ILE A 57 1.35 20.04 9.63
N ILE A 58 0.27 19.81 8.88
CA ILE A 58 -0.65 18.66 9.15
C ILE A 58 0.15 17.36 9.00
N THR A 59 1.01 17.26 8.00
CA THR A 59 1.85 16.07 7.74
C THR A 59 2.67 15.73 8.99
N HIS A 60 3.37 16.72 9.56
CA HIS A 60 4.23 16.57 10.77
C HIS A 60 3.37 16.18 11.97
N GLN A 61 2.20 16.81 12.11
CA GLN A 61 1.32 16.60 13.28
C GLN A 61 0.81 15.15 13.21
N ALA A 62 0.46 14.64 12.03
CA ALA A 62 0.02 13.24 11.88
C ALA A 62 1.21 12.31 12.21
N TYR A 63 2.39 12.59 11.67
CA TYR A 63 3.61 11.79 12.01
C TYR A 63 3.71 11.75 13.55
N GLU A 64 3.51 12.88 14.22
CA GLU A 64 3.73 12.98 15.69
C GLU A 64 2.63 12.25 16.45
N LEU A 65 1.40 12.23 15.96
CA LEU A 65 0.34 11.40 16.58
C LEU A 65 0.82 9.95 16.53
N TRP A 66 1.34 9.51 15.38
CA TRP A 66 1.72 8.08 15.18
C TRP A 66 2.96 7.71 16.04
N PHE A 67 3.91 8.62 16.18
CA PHE A 67 5.07 8.45 17.09
C PHE A 67 4.57 8.18 18.52
N LYS A 68 3.65 9.01 19.02
CA LYS A 68 3.07 8.85 20.38
C LYS A 68 2.47 7.46 20.50
N GLN A 69 1.81 6.97 19.46
CA GLN A 69 1.14 5.65 19.51
C GLN A 69 2.18 4.54 19.48
N ILE A 70 3.21 4.65 18.64
CA ILE A 70 4.35 3.70 18.70
C ILE A 70 4.92 3.72 20.12
N LEU A 71 5.13 4.90 20.70
CA LEU A 71 5.73 5.01 22.06
C LEU A 71 4.82 4.31 23.07
N TRP A 72 3.51 4.39 22.86
CA TRP A 72 2.50 3.80 23.77
C TRP A 72 2.60 2.29 23.69
N GLU A 73 2.70 1.75 22.48
CA GLU A 73 2.81 0.29 22.28
C GLU A 73 4.15 -0.12 22.87
N LEU A 74 5.20 0.59 22.51
CA LEU A 74 6.60 0.26 22.82
C LEU A 74 6.86 0.32 24.34
N ASP A 75 6.47 1.41 25.01
CA ASP A 75 6.61 1.51 26.49
C ASP A 75 5.83 0.36 27.14
N SER A 76 4.66 -0.02 26.62
CA SER A 76 3.84 -1.13 27.18
C SER A 76 4.56 -2.48 27.05
N VAL A 77 5.26 -2.72 25.94
CA VAL A 77 5.98 -4.02 25.75
C VAL A 77 7.23 -4.03 26.65
N ARG A 78 7.97 -2.92 26.73
CA ARG A 78 9.09 -2.73 27.69
C ARG A 78 8.62 -3.05 29.12
N GLU A 79 7.51 -2.46 29.57
CA GLU A 79 6.92 -2.78 30.91
C GLU A 79 6.64 -4.27 31.10
N ILE A 80 6.21 -5.01 30.08
CA ILE A 80 5.90 -6.46 30.23
C ILE A 80 7.20 -7.24 30.46
N PHE A 81 8.33 -6.80 29.89
CA PHE A 81 9.66 -7.45 30.11
C PHE A 81 10.14 -7.04 31.51
N GLN A 82 10.16 -5.73 31.79
CA GLN A 82 10.78 -5.13 33.01
C GLN A 82 10.12 -5.65 34.28
N ASN A 83 8.82 -5.96 34.25
CA ASN A 83 8.04 -6.30 35.46
C ASN A 83 7.87 -7.82 35.55
N GLY A 84 8.43 -8.58 34.59
CA GLY A 84 8.50 -10.05 34.63
C GLY A 84 7.27 -10.75 34.08
N HIS A 85 6.25 -9.99 33.68
CA HIS A 85 5.02 -10.58 33.09
C HIS A 85 5.40 -11.42 31.87
N VAL A 86 6.40 -10.98 31.08
CA VAL A 86 6.84 -11.74 29.86
C VAL A 86 7.16 -13.19 30.25
N ARG A 87 7.50 -13.43 31.51
CA ARG A 87 7.87 -14.80 31.96
C ARG A 87 6.66 -15.72 31.83
N ASP A 88 5.45 -15.19 32.01
CA ASP A 88 4.21 -15.99 31.86
C ASP A 88 3.87 -15.94 30.38
N GLU A 89 3.79 -17.08 29.72
CA GLU A 89 3.73 -17.19 28.24
C GLU A 89 2.34 -16.83 27.71
N ARG A 90 1.33 -16.64 28.56
CA ARG A 90 0.00 -16.10 28.15
C ARG A 90 0.23 -14.77 27.45
N ASN A 91 1.27 -14.03 27.87
CA ASN A 91 1.45 -12.61 27.50
C ASN A 91 2.15 -12.48 26.16
N MET A 92 2.43 -13.58 25.47
CA MET A 92 3.32 -13.51 24.29
C MET A 92 2.50 -13.07 23.07
N LEU A 93 1.23 -13.44 23.03
CA LEU A 93 0.35 -13.02 21.92
C LEU A 93 0.23 -11.48 21.93
N LYS A 94 -0.03 -10.91 23.10
CA LYS A 94 -0.09 -9.47 23.36
C LYS A 94 1.23 -8.78 22.98
N VAL A 95 2.38 -9.34 23.35
CA VAL A 95 3.69 -8.75 22.97
C VAL A 95 3.82 -8.75 21.45
N VAL A 96 3.58 -9.89 20.79
CA VAL A 96 3.83 -9.99 19.33
C VAL A 96 2.83 -9.10 18.60
N SER A 97 1.56 -9.15 19.02
CA SER A 97 0.44 -8.34 18.47
C SER A 97 0.77 -6.83 18.53
N ARG A 98 1.27 -6.31 19.66
CA ARG A 98 1.64 -4.88 19.79
C ARG A 98 2.88 -4.54 18.95
N MET A 99 3.90 -5.41 18.93
CA MET A 99 5.15 -5.16 18.16
C MET A 99 4.82 -5.14 16.65
N HIS A 100 4.02 -6.10 16.19
CA HIS A 100 3.50 -6.14 14.80
C HIS A 100 2.70 -4.87 14.49
N ARG A 101 1.95 -4.37 15.47
CA ARG A 101 1.19 -3.11 15.32
C ARG A 101 2.18 -1.99 15.06
N VAL A 102 3.32 -1.97 15.73
CA VAL A 102 4.32 -0.89 15.50
C VAL A 102 4.81 -0.98 14.06
N SER A 103 5.00 -2.18 13.50
CA SER A 103 5.50 -2.27 12.10
C SER A 103 4.38 -1.84 11.14
N VAL A 104 3.12 -2.14 11.46
CA VAL A 104 1.97 -1.73 10.60
C VAL A 104 1.86 -0.22 10.59
N ILE A 105 2.08 0.44 11.72
CA ILE A 105 2.05 1.93 11.80
C ILE A 105 3.24 2.49 11.00
N LEU A 106 4.43 1.99 11.22
CA LEU A 106 5.63 2.47 10.48
C LEU A 106 5.41 2.32 8.98
N LYS A 107 4.84 1.20 8.55
CA LYS A 107 4.52 1.01 7.12
C LYS A 107 3.70 2.21 6.65
N LEU A 108 2.65 2.57 7.38
CA LEU A 108 1.82 3.74 7.01
C LEU A 108 2.70 4.99 6.99
N LEU A 109 3.60 5.15 7.97
CA LEU A 109 4.42 6.38 8.05
C LEU A 109 5.36 6.47 6.84
N VAL A 110 5.82 5.33 6.33
CA VAL A 110 6.70 5.30 5.12
C VAL A 110 5.87 5.76 3.94
N GLN A 111 4.61 5.32 3.87
CA GLN A 111 3.70 5.65 2.74
C GLN A 111 3.35 7.13 2.87
N GLN A 112 3.22 7.65 4.09
CA GLN A 112 2.69 9.02 4.34
C GLN A 112 3.58 10.05 3.63
N PHE A 113 4.83 9.72 3.32
CA PHE A 113 5.75 10.66 2.63
C PHE A 113 5.12 11.10 1.30
N SER A 114 4.40 10.19 0.64
CA SER A 114 3.83 10.41 -0.70
C SER A 114 2.86 11.60 -0.68
N ILE A 115 2.21 11.86 0.45
CA ILE A 115 1.31 13.04 0.57
C ILE A 115 2.14 14.32 0.41
N LEU A 116 3.26 14.39 1.11
CA LEU A 116 4.06 15.64 1.15
C LEU A 116 4.86 15.77 -0.14
N GLU A 117 5.05 14.67 -0.87
CA GLU A 117 5.72 14.66 -2.21
C GLU A 117 4.82 15.33 -3.27
N THR A 118 3.55 15.62 -2.98
CA THR A 118 2.62 16.42 -3.83
C THR A 118 2.95 17.92 -3.73
N MET A 119 3.77 18.31 -2.76
CA MET A 119 4.34 19.68 -2.63
C MET A 119 5.62 19.78 -3.46
N THR A 120 5.63 20.69 -4.43
CA THR A 120 6.80 20.94 -5.32
C THR A 120 7.88 21.63 -4.50
N ALA A 121 9.15 21.49 -4.88
CA ALA A 121 10.29 22.17 -4.23
C ALA A 121 10.07 23.69 -4.29
N LEU A 122 9.56 24.19 -5.41
CA LEU A 122 9.28 25.63 -5.65
C LEU A 122 8.26 26.16 -4.63
N ASP A 123 7.17 25.44 -4.39
CA ASP A 123 6.11 25.95 -3.48
C ASP A 123 6.64 25.90 -2.05
N PHE A 124 7.49 24.90 -1.76
CA PHE A 124 8.13 24.73 -0.43
C PHE A 124 8.97 25.97 -0.16
N ASN A 125 9.76 26.33 -1.17
CA ASN A 125 10.69 27.49 -1.16
C ASN A 125 9.96 28.78 -0.76
N ASP A 126 8.67 28.94 -1.09
CA ASP A 126 7.97 30.23 -0.84
C ASP A 126 7.68 30.40 0.66
N PHE A 127 7.76 29.35 1.49
CA PHE A 127 7.49 29.50 2.95
C PHE A 127 8.64 28.98 3.82
N ARG A 128 9.62 28.30 3.20
CA ARG A 128 10.74 27.65 3.91
C ARG A 128 11.32 28.63 4.93
N GLU A 129 11.50 29.89 4.50
CA GLU A 129 12.27 30.96 5.21
C GLU A 129 11.64 31.19 6.60
N TYR A 130 10.34 31.01 6.77
CA TYR A 130 9.64 31.29 8.05
C TYR A 130 9.90 30.15 9.04
N LEU A 131 10.66 29.12 8.65
CA LEU A 131 10.85 27.88 9.45
C LEU A 131 12.13 28.00 10.29
N SER A 132 13.15 28.74 9.82
CA SER A 132 14.48 28.83 10.50
C SER A 132 14.31 29.30 11.94
N PRO A 133 15.06 28.72 12.90
CA PRO A 133 15.97 27.60 12.65
C PRO A 133 15.37 26.22 13.01
N ALA A 134 14.05 26.14 13.20
CA ALA A 134 13.30 24.91 13.58
C ALA A 134 13.54 23.80 12.54
N SER A 135 13.56 22.53 12.98
CA SER A 135 13.73 21.34 12.09
C SER A 135 13.25 20.05 12.78
N GLY A 136 13.09 19.00 11.95
CA GLY A 136 12.71 17.64 12.37
C GLY A 136 13.62 17.11 13.45
N PHE A 137 14.90 17.48 13.38
CA PHE A 137 15.94 17.29 14.43
C PHE A 137 15.37 17.58 15.83
N GLN A 138 14.48 18.58 15.96
CA GLN A 138 13.92 19.01 17.25
C GLN A 138 12.75 18.08 17.65
N SER A 139 12.46 17.03 16.89
CA SER A 139 11.40 16.06 17.27
C SER A 139 11.85 15.32 18.54
N LEU A 140 11.34 15.75 19.69
CA LEU A 140 11.50 14.98 20.95
C LEU A 140 11.14 13.51 20.72
N GLN A 141 9.95 13.20 20.22
CA GLN A 141 9.37 11.82 20.19
C GLN A 141 10.16 10.90 19.25
N PHE A 142 10.76 11.44 18.20
CA PHE A 142 11.60 10.62 17.30
C PHE A 142 12.81 10.11 18.11
N ARG A 143 13.37 10.97 18.96
CA ARG A 143 14.53 10.66 19.82
C ARG A 143 14.09 9.67 20.91
N LEU A 144 12.95 9.91 21.56
CA LEU A 144 12.40 8.94 22.54
C LEU A 144 12.26 7.58 21.87
N LEU A 145 11.88 7.57 20.58
CA LEU A 145 11.61 6.31 19.87
C LEU A 145 12.95 5.61 19.58
N GLU A 146 13.92 6.31 18.99
CA GLU A 146 15.29 5.75 18.74
C GLU A 146 15.80 5.14 20.05
N ASN A 147 15.83 5.93 21.12
CA ASN A 147 16.43 5.54 22.41
C ASN A 147 15.71 4.30 22.97
N LYS A 148 14.40 4.39 23.14
CA LYS A 148 13.60 3.31 23.77
C LYS A 148 13.81 1.99 23.02
N ILE A 149 13.92 1.99 21.69
CA ILE A 149 14.20 0.74 20.89
C ILE A 149 15.59 0.26 21.30
N GLY A 150 16.56 1.17 21.36
CA GLY A 150 17.94 0.91 21.86
C GLY A 150 19.07 1.52 21.03
N VAL A 151 18.84 2.55 20.21
CA VAL A 151 19.97 3.24 19.55
C VAL A 151 20.90 3.77 20.66
N LEU A 152 22.19 3.40 20.63
CA LEU A 152 23.21 3.86 21.62
C LEU A 152 23.95 5.09 21.08
N GLN A 153 24.42 5.96 21.99
CA GLN A 153 25.30 7.14 21.74
C GLN A 153 26.43 6.75 20.76
N ASN A 154 27.12 5.64 21.00
CA ASN A 154 28.17 5.05 20.12
C ASN A 154 27.68 4.98 18.66
N MET A 155 26.46 4.48 18.44
CA MET A 155 25.88 4.17 17.11
C MET A 155 25.65 5.47 16.30
N ARG A 156 25.35 6.59 16.96
CA ARG A 156 24.87 7.84 16.32
C ARG A 156 26.01 8.50 15.52
N VAL A 157 25.72 8.89 14.27
CA VAL A 157 26.62 9.62 13.32
C VAL A 157 27.23 10.81 14.05
N PRO A 158 28.53 11.15 13.82
CA PRO A 158 29.20 12.23 14.54
C PRO A 158 28.37 13.51 14.76
N TYR A 159 27.79 14.08 13.70
CA TYR A 159 26.94 15.30 13.78
C TYR A 159 25.77 15.04 14.73
N ASN A 160 25.09 13.91 14.52
CA ASN A 160 23.88 13.46 15.27
C ASN A 160 24.20 13.45 16.78
N ARG A 161 25.34 12.85 17.17
CA ARG A 161 25.68 12.49 18.57
C ARG A 161 25.68 13.74 19.46
N ARG A 162 26.63 14.66 19.23
CA ARG A 162 26.81 15.87 20.09
C ARG A 162 25.51 16.69 20.04
N HIS A 163 24.93 16.85 18.84
CA HIS A 163 23.90 17.90 18.53
C HIS A 163 22.47 17.47 18.88
N TYR A 164 22.18 16.17 19.05
CA TYR A 164 20.77 15.70 19.14
C TYR A 164 20.16 16.14 20.48
N ARG A 165 20.83 15.93 21.61
CA ARG A 165 20.19 16.17 22.93
C ARG A 165 20.30 17.66 23.30
N ASP A 166 21.11 18.43 22.58
CA ASP A 166 21.36 19.87 22.90
C ASP A 166 20.08 20.69 22.66
N ASN A 167 19.22 20.27 21.72
CA ASN A 167 18.04 21.06 21.27
C ASN A 167 16.97 21.17 22.38
N PHE A 168 17.23 20.63 23.58
CA PHE A 168 16.18 20.30 24.59
C PHE A 168 16.54 20.90 25.97
N LYS A 169 15.54 21.09 26.83
CA LYS A 169 15.60 21.83 28.12
C LYS A 169 14.41 21.42 29.00
N GLY A 170 14.54 21.56 30.33
CA GLY A 170 13.44 21.29 31.29
C GLY A 170 12.97 19.84 31.20
N GLU A 171 11.66 19.61 31.38
CA GLU A 171 11.01 18.27 31.32
C GLU A 171 11.36 17.53 30.01
N GLU A 172 11.51 18.22 28.88
CA GLU A 172 11.87 17.62 27.58
C GLU A 172 13.27 16.97 27.70
N ASN A 173 14.21 17.72 28.27
CA ASN A 173 15.55 17.17 28.62
C ASN A 173 15.38 15.96 29.54
N GLU A 174 14.49 16.02 30.53
CA GLU A 174 14.34 14.92 31.54
C GLU A 174 13.85 13.63 30.86
N LEU A 175 12.82 13.71 30.00
CA LEU A 175 12.24 12.51 29.30
C LEU A 175 13.32 11.86 28.42
N LEU A 176 14.14 12.69 27.77
CA LEU A 176 15.20 12.21 26.87
C LEU A 176 16.24 11.43 27.69
N LEU A 177 16.58 11.90 28.89
CA LEU A 177 17.58 11.22 29.77
C LEU A 177 17.01 9.85 30.14
N LYS A 178 15.81 9.85 30.69
CA LYS A 178 15.11 8.61 31.10
C LYS A 178 15.13 7.63 29.93
N SER A 179 15.00 8.11 28.69
CA SER A 179 14.91 7.25 27.49
C SER A 179 16.28 6.61 27.25
N GLU A 180 17.36 7.31 27.60
CA GLU A 180 18.76 6.82 27.46
C GLU A 180 19.09 5.90 28.65
N GLN A 181 18.54 6.19 29.83
CA GLN A 181 18.91 5.58 31.14
C GLN A 181 18.06 4.35 31.46
N GLU A 182 16.75 4.40 31.25
CA GLU A 182 15.84 3.26 31.50
C GLU A 182 16.21 2.13 30.53
N LYS A 183 15.84 0.91 30.91
CA LYS A 183 16.06 -0.33 30.14
C LYS A 183 15.46 -0.16 28.75
N THR A 184 16.26 -0.36 27.71
CA THR A 184 15.85 -0.31 26.28
C THR A 184 15.26 -1.65 25.90
N LEU A 185 14.51 -1.68 24.79
CA LEU A 185 13.90 -2.92 24.25
C LEU A 185 14.99 -3.95 23.92
N LEU A 186 16.11 -3.50 23.34
CA LEU A 186 17.35 -4.32 23.15
C LEU A 186 17.77 -5.01 24.47
N GLU A 187 17.97 -4.26 25.54
CA GLU A 187 18.45 -4.83 26.84
C GLU A 187 17.43 -5.87 27.34
N LEU A 188 16.15 -5.51 27.35
CA LEU A 188 15.07 -6.38 27.88
C LEU A 188 14.95 -7.66 27.03
N VAL A 189 15.05 -7.55 25.71
CA VAL A 189 14.97 -8.71 24.80
C VAL A 189 16.20 -9.59 25.04
N GLU A 190 17.38 -8.97 25.19
CA GLU A 190 18.66 -9.65 25.53
C GLU A 190 18.48 -10.52 26.79
N ALA A 191 18.08 -9.94 27.92
CA ALA A 191 17.83 -10.68 29.18
C ALA A 191 16.90 -11.89 28.93
N TRP A 192 15.85 -11.68 28.14
CA TRP A 192 14.80 -12.69 27.90
C TRP A 192 15.39 -13.79 27.02
N LEU A 193 16.16 -13.42 25.99
CA LEU A 193 16.82 -14.38 25.08
C LEU A 193 17.80 -15.27 25.86
N GLU A 194 18.48 -14.69 26.85
CA GLU A 194 19.51 -15.38 27.68
C GLU A 194 18.85 -16.55 28.42
N ARG A 195 17.54 -16.48 28.72
CA ARG A 195 16.81 -17.56 29.45
C ARG A 195 16.12 -18.51 28.46
N THR A 196 16.39 -18.42 27.15
CA THR A 196 15.76 -19.32 26.17
C THR A 196 15.98 -20.76 26.63
N PRO A 197 14.91 -21.54 26.86
CA PRO A 197 15.03 -22.96 27.15
C PRO A 197 15.86 -23.71 26.11
N GLY A 198 16.64 -24.72 26.55
CA GLY A 198 17.51 -25.57 25.71
C GLY A 198 19.00 -25.17 25.70
N LEU A 199 19.38 -24.02 26.31
CA LEU A 199 20.80 -23.52 26.35
C LEU A 199 21.58 -24.14 27.52
N GLU A 200 20.86 -24.65 28.55
CA GLU A 200 21.44 -25.20 29.80
C GLU A 200 22.45 -26.31 29.44
N PRO A 201 23.74 -26.16 29.80
CA PRO A 201 24.71 -27.23 29.58
C PRO A 201 24.27 -28.55 30.23
N HIS A 202 23.64 -28.52 31.42
CA HIS A 202 23.15 -29.74 32.11
C HIS A 202 21.97 -30.36 31.34
N GLY A 203 21.19 -29.56 30.63
CA GLY A 203 20.02 -30.04 29.85
C GLY A 203 20.38 -30.31 28.41
N PHE A 204 19.65 -29.69 27.49
CA PHE A 204 19.72 -29.94 26.02
C PHE A 204 21.12 -29.59 25.46
N ASN A 205 21.84 -28.67 26.09
CA ASN A 205 23.24 -28.37 25.70
C ASN A 205 23.29 -27.99 24.21
N PHE A 206 22.47 -27.02 23.80
CA PHE A 206 22.23 -26.66 22.37
C PHE A 206 23.59 -26.34 21.72
N TRP A 207 24.36 -25.46 22.35
CA TRP A 207 25.60 -24.86 21.83
C TRP A 207 26.67 -25.94 21.63
N GLY A 208 26.79 -26.84 22.60
CA GLY A 208 27.69 -28.00 22.55
C GLY A 208 27.34 -28.91 21.38
N LYS A 209 26.10 -29.42 21.36
CA LYS A 209 25.60 -30.30 20.28
C LYS A 209 25.85 -29.62 18.94
N LEU A 210 25.55 -28.31 18.83
CA LEU A 210 25.68 -27.55 17.55
C LEU A 210 27.15 -27.52 17.10
N GLU A 211 28.06 -27.06 17.96
CA GLU A 211 29.52 -27.07 17.66
C GLU A 211 29.97 -28.46 17.19
N LYS A 212 29.54 -29.52 17.89
CA LYS A 212 29.86 -30.91 17.48
C LYS A 212 29.33 -31.15 16.07
N ASN A 213 28.03 -30.91 15.82
CA ASN A 213 27.37 -31.26 14.53
C ASN A 213 27.97 -30.42 13.37
N ILE A 214 28.29 -29.16 13.60
CA ILE A 214 28.86 -28.28 12.54
C ILE A 214 30.28 -28.78 12.21
N THR A 215 31.09 -29.06 13.24
CA THR A 215 32.44 -29.67 13.08
C THR A 215 32.25 -31.00 12.34
N ARG A 216 31.42 -31.91 12.84
CA ARG A 216 31.14 -33.18 12.13
C ARG A 216 30.75 -32.81 10.70
N GLY A 217 29.79 -31.88 10.51
CA GLY A 217 29.19 -31.52 9.20
C GLY A 217 30.21 -31.03 8.19
N LEU A 218 31.10 -30.14 8.62
CA LEU A 218 32.16 -29.57 7.78
C LEU A 218 33.13 -30.66 7.36
N GLU A 219 33.46 -31.58 8.28
CA GLU A 219 34.42 -32.69 7.99
C GLU A 219 33.85 -33.53 6.84
N GLU A 220 32.56 -33.87 6.86
CA GLU A 220 31.88 -34.64 5.78
C GLU A 220 32.00 -33.89 4.45
N GLU A 221 31.87 -32.56 4.50
CA GLU A 221 31.90 -31.65 3.33
C GLU A 221 33.31 -31.62 2.74
N PHE A 222 34.35 -31.49 3.58
CA PHE A 222 35.75 -31.46 3.11
C PHE A 222 36.07 -32.78 2.39
N ILE A 223 35.49 -33.88 2.88
CA ILE A 223 35.70 -35.24 2.34
C ILE A 223 34.98 -35.35 0.98
N ARG A 224 33.72 -34.89 0.87
CA ARG A 224 32.92 -34.86 -0.40
C ARG A 224 33.70 -34.11 -1.49
N ILE A 225 34.26 -32.95 -1.13
CA ILE A 225 34.98 -32.02 -2.06
C ILE A 225 36.32 -32.64 -2.45
N GLN A 226 37.13 -33.15 -1.50
CA GLN A 226 38.48 -33.71 -1.80
C GLN A 226 38.35 -35.00 -2.64
N ALA A 227 37.17 -35.62 -2.68
CA ALA A 227 36.89 -36.88 -3.42
C ALA A 227 36.70 -36.62 -4.92
N LYS A 228 36.60 -35.36 -5.34
CA LYS A 228 36.38 -35.00 -6.77
C LYS A 228 37.71 -35.08 -7.52
N GLU A 229 37.63 -35.15 -8.87
CA GLU A 229 38.79 -35.26 -9.80
C GLU A 229 39.45 -33.86 -9.93
N GLU A 230 40.71 -33.72 -9.50
CA GLU A 230 41.40 -32.41 -9.33
C GLU A 230 41.11 -31.55 -10.56
N SER A 231 39.94 -30.90 -10.60
CA SER A 231 39.44 -30.02 -11.70
C SER A 231 39.40 -28.57 -11.18
N GLU A 232 38.83 -27.64 -11.96
CA GLU A 232 38.72 -26.21 -11.59
C GLU A 232 37.34 -25.94 -10.97
N GLU A 233 36.29 -26.69 -11.36
CA GLU A 233 34.96 -26.68 -10.68
C GLU A 233 35.11 -27.06 -9.20
N LYS A 234 36.05 -27.97 -8.90
CA LYS A 234 36.42 -28.43 -7.53
C LYS A 234 37.22 -27.34 -6.81
N GLU A 235 38.28 -26.82 -7.46
CA GLU A 235 39.13 -25.71 -6.95
C GLU A 235 38.25 -24.53 -6.48
N GLU A 236 37.13 -24.29 -7.17
CA GLU A 236 36.13 -23.26 -6.77
C GLU A 236 35.52 -23.69 -5.43
N GLN A 237 35.17 -24.98 -5.28
CA GLN A 237 34.50 -25.56 -4.09
C GLN A 237 35.45 -25.56 -2.87
N VAL A 238 36.72 -25.95 -3.02
CA VAL A 238 37.68 -26.11 -1.88
C VAL A 238 37.89 -24.76 -1.18
N ALA A 239 37.93 -23.64 -1.92
CA ALA A 239 38.21 -22.30 -1.35
C ALA A 239 36.92 -21.65 -0.83
N GLU A 240 35.76 -21.95 -1.45
CA GLU A 240 34.40 -21.54 -0.98
C GLU A 240 34.13 -22.25 0.36
N PHE A 241 34.66 -23.47 0.52
CA PHE A 241 34.53 -24.29 1.74
C PHE A 241 35.33 -23.62 2.86
N GLN A 242 36.55 -23.17 2.55
CA GLN A 242 37.53 -22.73 3.55
C GLN A 242 37.04 -21.41 4.15
N LYS A 243 36.37 -20.58 3.34
CA LYS A 243 35.69 -19.32 3.79
C LYS A 243 34.52 -19.71 4.70
N GLN A 244 33.66 -20.63 4.25
CA GLN A 244 32.43 -21.04 4.97
C GLN A 244 32.83 -21.62 6.33
N LYS A 245 33.89 -22.42 6.34
CA LYS A 245 34.42 -23.08 7.55
C LYS A 245 34.95 -22.03 8.54
N GLU A 246 35.77 -21.08 8.08
CA GLU A 246 36.31 -20.02 8.98
C GLU A 246 35.11 -19.37 9.69
N VAL A 247 34.09 -19.00 8.90
CA VAL A 247 32.89 -18.22 9.31
C VAL A 247 32.08 -19.04 10.33
N LEU A 248 31.68 -20.26 9.96
CA LEU A 248 30.82 -21.12 10.82
C LEU A 248 31.51 -21.37 12.17
N LEU A 249 32.82 -21.64 12.16
CA LEU A 249 33.57 -21.96 13.39
C LEU A 249 33.81 -20.70 14.23
N SER A 250 33.84 -19.50 13.61
CA SER A 250 34.02 -18.21 14.34
C SER A 250 32.77 -17.98 15.20
N LEU A 251 31.65 -18.58 14.84
CA LEU A 251 30.43 -18.55 15.69
C LEU A 251 30.79 -18.93 17.14
N PHE A 252 31.70 -19.91 17.33
CA PHE A 252 31.99 -20.51 18.65
C PHE A 252 33.12 -19.76 19.35
N ASP A 253 33.67 -18.71 18.75
CA ASP A 253 34.82 -17.95 19.30
C ASP A 253 34.26 -16.81 20.13
N GLU A 254 33.98 -17.07 21.41
CA GLU A 254 33.35 -16.04 22.29
C GLU A 254 34.20 -14.77 22.34
N LYS A 255 35.52 -14.86 22.18
CA LYS A 255 36.43 -13.68 22.31
C LYS A 255 36.29 -12.81 21.06
N ARG A 256 36.07 -13.42 19.90
CA ARG A 256 35.75 -12.67 18.65
C ARG A 256 34.44 -11.89 18.85
N HIS A 257 33.47 -12.53 19.51
CA HIS A 257 32.18 -11.88 19.87
C HIS A 257 32.48 -10.60 20.67
N GLU A 258 33.19 -10.74 21.79
CA GLU A 258 33.45 -9.62 22.74
C GLU A 258 34.22 -8.55 21.99
N HIS A 259 35.12 -8.94 21.09
CA HIS A 259 35.90 -7.99 20.27
C HIS A 259 34.92 -7.21 19.39
N LEU A 260 34.03 -7.94 18.67
CA LEU A 260 33.01 -7.34 17.76
C LEU A 260 31.99 -6.55 18.59
N LEU A 261 31.69 -6.99 19.80
CA LEU A 261 30.83 -6.23 20.74
C LEU A 261 31.38 -4.81 20.91
N SER A 262 32.70 -4.68 21.00
CA SER A 262 33.41 -3.44 21.39
C SER A 262 33.53 -2.47 20.22
N LYS A 263 33.62 -2.97 18.98
CA LYS A 263 33.57 -2.14 17.74
C LYS A 263 32.10 -1.84 17.39
N GLY A 264 31.16 -2.30 18.23
CA GLY A 264 29.69 -2.18 18.06
C GLY A 264 29.21 -2.79 16.74
N GLU A 265 29.87 -3.83 16.24
CA GLU A 265 29.41 -4.58 15.04
C GLU A 265 28.39 -5.61 15.49
N ARG A 266 28.35 -5.89 16.79
CA ARG A 266 27.31 -6.70 17.47
C ARG A 266 26.83 -5.93 18.71
N ARG A 267 25.62 -6.25 19.18
CA ARG A 267 25.00 -5.56 20.32
C ARG A 267 24.56 -6.58 21.37
N LEU A 268 24.22 -7.80 20.96
CA LEU A 268 23.62 -8.82 21.85
C LEU A 268 24.71 -9.64 22.54
N SER A 269 24.51 -9.91 23.83
CA SER A 269 25.33 -10.85 24.62
C SER A 269 25.52 -12.15 23.82
N TYR A 270 26.65 -12.81 24.03
CA TYR A 270 26.97 -14.10 23.37
C TYR A 270 25.78 -15.05 23.58
N ARG A 271 25.21 -15.00 24.78
CA ARG A 271 24.23 -16.00 25.25
C ARG A 271 22.84 -15.68 24.69
N ALA A 272 22.49 -14.40 24.60
CA ALA A 272 21.28 -13.94 23.85
C ALA A 272 21.38 -14.43 22.41
N LEU A 273 22.53 -14.25 21.76
CA LEU A 273 22.76 -14.75 20.38
C LEU A 273 22.38 -16.22 20.27
N GLN A 274 22.80 -17.02 21.25
CA GLN A 274 22.57 -18.48 21.30
C GLN A 274 21.08 -18.73 21.47
N GLY A 275 20.44 -17.91 22.29
CA GLY A 275 18.98 -17.99 22.48
C GLY A 275 18.24 -17.76 21.17
N ALA A 276 18.60 -16.69 20.45
CA ALA A 276 17.97 -16.25 19.18
C ALA A 276 18.15 -17.36 18.13
N LEU A 277 19.29 -18.02 18.16
CA LEU A 277 19.59 -19.09 17.17
C LEU A 277 18.81 -20.35 17.52
N MET A 278 18.62 -20.60 18.81
CA MET A 278 17.81 -21.76 19.28
C MET A 278 16.39 -21.53 18.75
N ILE A 279 15.89 -20.29 18.91
CA ILE A 279 14.48 -19.97 18.54
C ILE A 279 14.32 -20.19 17.03
N TYR A 280 15.30 -19.75 16.23
CA TYR A 280 15.35 -19.87 14.75
C TYR A 280 15.30 -21.34 14.32
N PHE A 281 16.27 -22.15 14.77
CA PHE A 281 16.39 -23.56 14.36
C PHE A 281 15.16 -24.35 14.83
N TYR A 282 14.60 -24.08 16.01
CA TYR A 282 13.52 -24.93 16.59
C TYR A 282 12.16 -24.21 16.59
N ARG A 283 11.98 -23.23 15.70
CA ARG A 283 10.86 -22.25 15.66
C ARG A 283 9.49 -22.92 15.59
N GLU A 284 9.41 -24.12 15.01
CA GLU A 284 8.15 -24.91 14.84
C GLU A 284 7.70 -25.54 16.17
N GLU A 285 8.61 -25.85 17.09
CA GLU A 285 8.25 -26.35 18.44
C GLU A 285 7.23 -25.38 19.03
N PRO A 286 6.12 -25.89 19.59
CA PRO A 286 5.01 -25.02 20.02
C PRO A 286 5.45 -23.79 20.82
N ARG A 287 6.40 -23.95 21.75
CA ARG A 287 6.79 -22.88 22.71
C ARG A 287 7.66 -21.82 22.03
N PHE A 288 8.13 -22.08 20.82
CA PHE A 288 9.01 -21.14 20.09
C PHE A 288 8.24 -20.44 18.95
N GLN A 289 7.01 -20.87 18.65
CA GLN A 289 6.23 -20.35 17.50
C GLN A 289 6.05 -18.83 17.65
N VAL A 290 5.49 -18.37 18.75
CA VAL A 290 5.28 -16.92 18.98
C VAL A 290 6.61 -16.24 19.27
N PRO A 291 7.55 -16.82 20.05
CA PRO A 291 8.89 -16.26 20.17
C PRO A 291 9.57 -15.98 18.81
N PHE A 292 9.36 -16.84 17.82
CA PHE A 292 9.96 -16.67 16.47
C PHE A 292 9.32 -15.46 15.77
N GLN A 293 7.99 -15.38 15.89
CA GLN A 293 7.16 -14.24 15.42
C GLN A 293 7.73 -12.95 16.03
N LEU A 294 8.04 -12.94 17.33
CA LEU A 294 8.54 -11.70 17.96
C LEU A 294 9.85 -11.29 17.30
N LEU A 295 10.75 -12.24 17.09
CA LEU A 295 12.12 -11.96 16.56
C LEU A 295 11.93 -11.37 15.16
N THR A 296 11.03 -11.95 14.37
CA THR A 296 10.71 -11.46 13.00
C THR A 296 10.19 -10.01 13.10
N SER A 297 9.34 -9.68 14.07
CA SER A 297 8.77 -8.30 14.22
C SER A 297 9.87 -7.29 14.62
N LEU A 298 10.86 -7.70 15.43
CA LEU A 298 11.98 -6.80 15.79
C LEU A 298 12.81 -6.46 14.56
N MET A 299 13.09 -7.44 13.69
CA MET A 299 13.79 -7.17 12.40
C MET A 299 12.94 -6.24 11.52
N ASP A 300 11.61 -6.45 11.45
CA ASP A 300 10.66 -5.66 10.63
C ASP A 300 10.73 -4.19 11.05
N ILE A 301 10.67 -3.94 12.35
CA ILE A 301 10.71 -2.57 12.94
C ILE A 301 12.02 -1.91 12.52
N ASP A 302 13.16 -2.65 12.61
CA ASP A 302 14.48 -2.14 12.16
C ASP A 302 14.45 -1.84 10.66
N SER A 303 13.94 -2.76 9.86
CA SER A 303 13.85 -2.61 8.38
C SER A 303 13.02 -1.34 8.07
N LEU A 304 11.84 -1.17 8.68
CA LEU A 304 10.92 -0.04 8.44
C LEU A 304 11.47 1.28 9.00
N MET A 305 12.10 1.29 10.17
CA MET A 305 12.75 2.52 10.68
C MET A 305 13.74 2.99 9.60
N THR A 306 14.46 2.06 8.98
CA THR A 306 15.46 2.43 7.96
C THR A 306 14.77 2.90 6.68
N LYS A 307 13.69 2.24 6.29
CA LYS A 307 12.94 2.64 5.08
C LYS A 307 12.36 4.03 5.34
N TRP A 308 12.00 4.34 6.59
CA TRP A 308 11.53 5.70 6.97
C TRP A 308 12.67 6.69 6.72
N ARG A 309 13.85 6.45 7.28
CA ARG A 309 15.06 7.29 7.11
C ARG A 309 15.32 7.48 5.60
N TYR A 310 15.21 6.40 4.82
CA TYR A 310 15.55 6.42 3.38
C TYR A 310 14.50 7.18 2.58
N ASN A 311 13.20 7.01 2.88
CA ASN A 311 12.13 7.78 2.20
C ASN A 311 12.26 9.27 2.58
N HIS A 312 12.75 9.60 3.78
CA HIS A 312 12.92 10.99 4.26
C HIS A 312 14.02 11.64 3.38
N VAL A 313 15.16 10.95 3.24
CA VAL A 313 16.33 11.36 2.41
C VAL A 313 15.85 11.68 0.99
N CYS A 314 15.22 10.74 0.29
CA CYS A 314 14.81 10.89 -1.13
C CYS A 314 14.00 12.18 -1.30
N MET A 315 13.08 12.45 -0.37
CA MET A 315 12.18 13.64 -0.39
C MET A 315 12.99 14.92 -0.14
N VAL A 316 13.87 14.95 0.88
CA VAL A 316 14.73 16.12 1.20
C VAL A 316 15.59 16.44 -0.03
N HIS A 317 16.11 15.43 -0.71
CA HIS A 317 16.89 15.64 -1.95
C HIS A 317 16.10 16.50 -2.94
N ARG A 318 14.84 16.15 -3.21
CA ARG A 318 13.97 16.89 -4.16
C ARG A 318 13.65 18.27 -3.60
N MET A 319 13.62 18.41 -2.28
CA MET A 319 13.19 19.67 -1.64
C MET A 319 14.36 20.65 -1.48
N LEU A 320 15.60 20.19 -1.25
CA LEU A 320 16.75 21.06 -0.90
C LEU A 320 17.94 20.86 -1.86
N GLY A 321 18.05 19.76 -2.60
CA GLY A 321 19.24 19.43 -3.42
C GLY A 321 20.49 19.21 -2.55
N SER A 322 21.49 20.09 -2.68
CA SER A 322 22.78 20.04 -1.93
C SER A 322 22.76 20.95 -0.70
N LYS A 323 21.78 21.88 -0.61
CA LYS A 323 21.74 23.02 0.35
C LYS A 323 21.63 22.55 1.81
N ALA A 324 22.36 23.23 2.71
CA ALA A 324 22.33 23.05 4.18
C ALA A 324 20.88 23.11 4.68
N GLY A 325 20.55 22.36 5.73
CA GLY A 325 19.21 22.34 6.36
C GLY A 325 19.06 23.44 7.39
N THR A 326 17.82 23.84 7.68
CA THR A 326 17.51 24.92 8.65
C THR A 326 18.11 24.59 10.02
N GLY A 327 18.34 23.31 10.34
CA GLY A 327 18.92 22.83 11.62
C GLY A 327 20.42 23.04 11.72
N GLY A 328 21.08 23.25 10.57
CA GLY A 328 22.52 23.57 10.47
C GLY A 328 23.36 22.34 10.12
N SER A 329 22.74 21.32 9.51
CA SER A 329 23.42 20.10 8.98
C SER A 329 23.70 20.31 7.49
N SER A 330 24.59 19.49 6.91
CA SER A 330 24.90 19.42 5.45
C SER A 330 23.60 19.21 4.65
N GLY A 331 22.58 18.65 5.31
CA GLY A 331 21.23 18.40 4.77
C GLY A 331 21.15 16.98 4.24
N TYR A 332 20.95 16.85 2.92
CA TYR A 332 20.80 15.58 2.17
C TYR A 332 21.93 14.59 2.51
N HIS A 333 23.15 15.07 2.74
CA HIS A 333 24.36 14.22 2.98
C HIS A 333 24.32 13.63 4.39
N TYR A 334 24.03 14.46 5.39
CA TYR A 334 23.98 14.04 6.81
C TYR A 334 22.93 12.92 6.97
N LEU A 335 21.74 13.12 6.39
CA LEU A 335 20.60 12.18 6.47
C LEU A 335 20.97 10.86 5.77
N ARG A 336 21.68 10.94 4.65
CA ARG A 336 22.13 9.76 3.88
C ARG A 336 23.00 8.86 4.78
N SER A 337 23.76 9.45 5.70
CA SER A 337 24.68 8.72 6.61
C SER A 337 23.91 7.98 7.73
N THR A 338 22.65 8.36 7.99
CA THR A 338 21.76 7.74 9.02
C THR A 338 21.11 6.45 8.48
N VAL A 339 21.05 6.31 7.17
CA VAL A 339 20.60 5.07 6.48
C VAL A 339 21.79 4.12 6.43
N SER A 340 22.07 3.43 7.54
CA SER A 340 23.25 2.55 7.74
C SER A 340 22.91 1.53 8.81
N ASP A 341 23.54 0.35 8.76
CA ASP A 341 23.37 -0.73 9.78
C ASP A 341 23.84 -0.22 11.17
N ARG A 342 24.56 0.88 11.24
CA ARG A 342 25.00 1.43 12.54
C ARG A 342 23.75 1.84 13.36
N TYR A 343 22.61 2.11 12.72
CA TYR A 343 21.33 2.49 13.39
C TYR A 343 20.35 1.30 13.53
N LYS A 344 20.62 0.13 12.93
CA LYS A 344 19.84 -1.13 13.09
C LYS A 344 20.12 -1.68 14.50
N VAL A 345 19.16 -1.62 15.42
CA VAL A 345 19.35 -2.04 16.83
C VAL A 345 19.49 -3.57 16.88
N PHE A 346 18.75 -4.29 16.05
CA PHE A 346 18.65 -5.77 16.12
C PHE A 346 19.44 -6.36 14.96
N VAL A 347 20.53 -5.66 14.59
CA VAL A 347 21.39 -6.01 13.42
C VAL A 347 21.82 -7.47 13.54
N ASP A 348 21.99 -7.97 14.77
CA ASP A 348 22.43 -9.37 15.02
C ASP A 348 21.39 -10.38 14.53
N LEU A 349 20.10 -10.08 14.67
CA LEU A 349 19.02 -11.00 14.25
C LEU A 349 19.11 -11.15 12.73
N PHE A 350 19.53 -10.09 12.04
CA PHE A 350 19.78 -10.14 10.58
C PHE A 350 21.00 -11.03 10.30
N ASN A 351 22.08 -10.79 11.06
CA ASN A 351 23.42 -11.34 10.77
C ASN A 351 23.44 -12.83 11.18
N LEU A 352 22.45 -13.31 11.95
CA LEU A 352 22.33 -14.77 12.22
C LEU A 352 22.11 -15.54 10.91
N SER A 353 21.69 -14.90 9.82
CA SER A 353 21.47 -15.61 8.53
C SER A 353 22.80 -16.06 7.92
N THR A 354 23.89 -15.39 8.27
CA THR A 354 25.30 -15.77 7.93
C THR A 354 25.62 -17.20 8.40
N TYR A 355 25.03 -17.66 9.51
CA TYR A 355 25.38 -18.92 10.23
C TYR A 355 24.31 -20.01 10.03
N LEU A 356 23.49 -19.88 8.98
CA LEU A 356 22.49 -20.95 8.67
C LEU A 356 23.24 -22.16 8.08
N ILE A 357 22.88 -23.35 8.56
CA ILE A 357 23.48 -24.66 8.18
C ILE A 357 22.39 -25.51 7.57
N PRO A 358 22.74 -26.58 6.82
CA PRO A 358 21.74 -27.55 6.38
C PRO A 358 20.95 -28.13 7.56
N ARG A 359 19.68 -28.47 7.33
CA ARG A 359 18.72 -28.83 8.41
C ARG A 359 19.23 -30.11 9.10
N HIS A 360 19.86 -30.99 8.32
CA HIS A 360 20.44 -32.29 8.75
C HIS A 360 21.45 -32.08 9.90
N TRP A 361 22.17 -30.96 9.94
CA TRP A 361 23.18 -30.69 10.99
C TRP A 361 22.53 -30.17 12.27
N ILE A 362 21.22 -29.91 12.28
CA ILE A 362 20.58 -29.24 13.46
C ILE A 362 20.45 -30.32 14.54
N PRO A 363 21.02 -30.12 15.75
CA PRO A 363 20.89 -31.13 16.80
C PRO A 363 19.46 -31.64 16.88
N LYS A 364 19.28 -32.94 16.68
CA LYS A 364 17.96 -33.62 16.72
C LYS A 364 17.34 -33.37 18.10
N MET A 365 16.01 -33.37 18.15
CA MET A 365 15.23 -33.30 19.42
C MET A 365 14.76 -34.70 19.79
N ASN A 366 14.98 -35.09 21.05
CA ASN A 366 14.54 -36.40 21.64
C ASN A 366 13.20 -36.17 22.36
N PRO A 367 12.36 -37.23 22.53
CA PRO A 367 11.05 -37.10 23.19
C PRO A 367 10.97 -36.25 24.48
N THR A 368 11.96 -36.31 25.37
CA THR A 368 12.00 -35.56 26.65
C THR A 368 11.78 -34.05 26.40
N ILE A 369 12.63 -33.47 25.53
CA ILE A 369 12.76 -32.00 25.28
C ILE A 369 11.66 -31.53 24.30
N HIS A 370 11.12 -32.44 23.48
CA HIS A 370 9.90 -32.21 22.65
C HIS A 370 8.70 -31.88 23.55
N LYS A 371 8.36 -32.77 24.51
CA LYS A 371 7.23 -32.60 25.48
C LYS A 371 7.42 -31.28 26.25
N PHE A 372 8.66 -30.97 26.66
CA PHE A 372 9.10 -29.66 27.22
C PHE A 372 8.84 -28.55 26.20
N GLY B 22 12.95 33.63 21.25
CA GLY B 22 14.27 33.81 20.58
C GLY B 22 14.20 33.39 19.12
N GLY B 23 14.08 32.08 18.88
CA GLY B 23 13.92 31.45 17.55
C GLY B 23 12.86 30.37 17.57
N LEU B 24 12.24 30.09 16.42
CA LEU B 24 11.11 29.14 16.29
C LEU B 24 11.60 27.72 16.62
N ILE B 25 10.87 27.01 17.49
CA ILE B 25 11.16 25.60 17.90
C ILE B 25 10.06 24.70 17.29
N TYR B 26 10.48 23.60 16.66
CA TYR B 26 9.67 22.52 16.04
C TYR B 26 8.36 22.29 16.80
N GLY B 27 8.48 21.94 18.07
CA GLY B 27 7.30 21.64 18.92
C GLY B 27 6.31 22.78 18.91
N ASN B 28 6.81 24.01 18.97
CA ASN B 28 5.98 25.24 19.12
C ASN B 28 5.27 25.49 17.78
N TYR B 29 6.05 25.47 16.71
CA TYR B 29 5.55 25.65 15.32
C TYR B 29 4.34 24.76 15.10
N LEU B 30 4.43 23.50 15.51
CA LEU B 30 3.40 22.45 15.25
C LEU B 30 2.32 22.43 16.35
N HIS B 31 2.50 23.26 17.38
CA HIS B 31 1.54 23.37 18.52
C HIS B 31 1.33 22.00 19.13
N LEU B 32 2.43 21.26 19.32
CA LEU B 32 2.40 19.90 19.90
C LEU B 32 1.99 19.97 21.37
N GLU B 33 2.01 21.14 22.01
CA GLU B 33 1.47 21.27 23.39
C GLU B 33 -0.02 20.92 23.34
N LYS B 34 -0.65 21.10 22.17
CA LYS B 34 -2.08 20.80 21.93
C LYS B 34 -2.22 19.37 21.39
N VAL B 35 -1.60 19.12 20.24
CA VAL B 35 -1.74 17.83 19.51
C VAL B 35 -1.43 16.67 20.45
N LEU B 36 -0.34 16.74 21.22
CA LEU B 36 0.10 15.57 22.03
C LEU B 36 -0.44 15.64 23.46
N ASN B 37 -1.41 16.52 23.77
CA ASN B 37 -2.11 16.54 25.07
C ASN B 37 -3.62 16.45 24.85
N ALA B 38 -4.07 15.60 23.91
CA ALA B 38 -5.48 15.50 23.45
C ALA B 38 -5.99 14.07 23.61
N GLN B 39 -5.25 13.27 24.37
CA GLN B 39 -5.42 11.79 24.40
C GLN B 39 -5.85 11.39 25.80
N GLU B 40 -7.16 11.27 25.98
CA GLU B 40 -7.84 11.00 27.26
C GLU B 40 -8.67 9.71 27.08
N LEU B 41 -8.21 8.61 27.66
CA LEU B 41 -8.91 7.30 27.60
C LEU B 41 -10.10 7.35 28.55
N GLN B 42 -11.31 7.23 28.02
CA GLN B 42 -12.54 7.25 28.85
C GLN B 42 -12.44 6.10 29.84
N SER B 43 -11.92 4.95 29.40
CA SER B 43 -11.73 3.76 30.24
C SER B 43 -10.83 4.14 31.44
N GLU B 44 -9.85 5.03 31.26
CA GLU B 44 -8.94 5.46 32.36
C GLU B 44 -9.67 6.46 33.28
N THR B 45 -10.38 7.43 32.70
CA THR B 45 -11.24 8.41 33.42
C THR B 45 -12.25 7.66 34.31
N LYS B 46 -12.72 6.46 33.93
CA LYS B 46 -13.65 5.62 34.74
C LYS B 46 -12.92 4.45 35.45
N GLY B 47 -11.61 4.57 35.70
CA GLY B 47 -10.80 3.66 36.55
C GLY B 47 -10.77 2.21 36.09
N ASN B 48 -10.75 1.97 34.77
CA ASN B 48 -10.60 0.63 34.12
C ASN B 48 -9.85 0.81 32.79
N LYS B 49 -8.65 1.41 32.82
CA LYS B 49 -7.76 1.67 31.66
C LYS B 49 -7.66 0.41 30.79
N ILE B 50 -8.02 0.53 29.51
CA ILE B 50 -7.91 -0.53 28.46
C ILE B 50 -6.91 -0.06 27.42
N HIS B 51 -5.81 -0.77 27.28
CA HIS B 51 -4.63 -0.35 26.47
C HIS B 51 -5.06 0.18 25.08
N ASP B 52 -5.89 -0.59 24.36
CA ASP B 52 -6.10 -0.42 22.90
C ASP B 52 -6.96 0.80 22.64
N GLU B 53 -7.59 1.36 23.68
CA GLU B 53 -8.37 2.62 23.55
C GLU B 53 -7.46 3.73 23.02
N HIS B 54 -6.20 3.76 23.40
CA HIS B 54 -5.27 4.81 22.93
C HIS B 54 -5.16 4.78 21.40
N LEU B 55 -5.14 3.59 20.81
CA LEU B 55 -5.05 3.44 19.33
C LEU B 55 -6.32 3.99 18.66
N PHE B 56 -7.49 3.63 19.20
CA PHE B 56 -8.82 4.09 18.71
C PHE B 56 -8.78 5.62 18.57
N ILE B 57 -8.34 6.30 19.63
CA ILE B 57 -8.28 7.79 19.71
C ILE B 57 -7.32 8.34 18.67
N ILE B 58 -6.09 7.87 18.66
CA ILE B 58 -5.08 8.41 17.73
C ILE B 58 -5.58 8.20 16.31
N THR B 59 -6.11 7.02 15.98
CA THR B 59 -6.53 6.72 14.59
C THR B 59 -7.52 7.79 14.15
N HIS B 60 -8.53 8.10 14.97
CA HIS B 60 -9.57 9.11 14.63
C HIS B 60 -8.94 10.50 14.57
N GLN B 61 -8.08 10.84 15.53
CA GLN B 61 -7.36 12.14 15.51
C GLN B 61 -6.57 12.24 14.20
N ALA B 62 -5.97 11.16 13.73
CA ALA B 62 -5.21 11.18 12.45
C ALA B 62 -6.18 11.43 11.28
N TYR B 63 -7.26 10.68 11.23
CA TYR B 63 -8.31 10.86 10.19
C TYR B 63 -8.72 12.34 10.18
N GLU B 64 -8.99 12.92 11.35
CA GLU B 64 -9.55 14.30 11.45
C GLU B 64 -8.54 15.35 11.00
N LEU B 65 -7.23 15.16 11.23
CA LEU B 65 -6.18 16.08 10.71
C LEU B 65 -6.27 16.08 9.18
N TRP B 66 -6.45 14.92 8.58
CA TRP B 66 -6.40 14.75 7.11
C TRP B 66 -7.70 15.28 6.51
N PHE B 67 -8.83 15.11 7.19
CA PHE B 67 -10.13 15.72 6.81
C PHE B 67 -9.94 17.23 6.75
N LYS B 68 -9.24 17.81 7.73
CA LYS B 68 -8.99 19.28 7.79
C LYS B 68 -8.11 19.67 6.60
N GLN B 69 -7.07 18.92 6.28
CA GLN B 69 -6.24 19.20 5.07
C GLN B 69 -7.10 19.12 3.80
N ILE B 70 -7.98 18.11 3.67
CA ILE B 70 -8.77 17.90 2.42
C ILE B 70 -9.69 19.13 2.26
N LEU B 71 -10.30 19.58 3.36
CA LEU B 71 -11.20 20.75 3.33
C LEU B 71 -10.40 21.96 2.90
N TRP B 72 -9.20 22.11 3.43
CA TRP B 72 -8.28 23.21 3.06
C TRP B 72 -8.06 23.25 1.55
N GLU B 73 -7.72 22.12 0.95
CA GLU B 73 -7.40 22.01 -0.50
C GLU B 73 -8.69 22.27 -1.27
N LEU B 74 -9.76 21.60 -0.86
CA LEU B 74 -11.08 21.66 -1.53
C LEU B 74 -11.64 23.10 -1.53
N ASP B 75 -11.73 23.76 -0.36
CA ASP B 75 -12.17 25.19 -0.24
C ASP B 75 -11.28 26.05 -1.13
N SER B 76 -9.97 25.81 -1.23
CA SER B 76 -9.11 26.65 -2.09
C SER B 76 -9.54 26.49 -3.55
N VAL B 77 -9.96 25.30 -3.97
CA VAL B 77 -10.32 24.97 -5.39
C VAL B 77 -11.72 25.53 -5.69
N ARG B 78 -12.66 25.40 -4.77
CA ARG B 78 -13.99 26.04 -4.86
C ARG B 78 -13.80 27.55 -5.14
N GLU B 79 -12.98 28.23 -4.34
CA GLU B 79 -12.77 29.70 -4.41
C GLU B 79 -12.19 30.07 -5.79
N ILE B 80 -11.27 29.27 -6.30
CA ILE B 80 -10.68 29.50 -7.66
C ILE B 80 -11.77 29.39 -8.74
N PHE B 81 -12.82 28.58 -8.55
CA PHE B 81 -13.93 28.50 -9.53
C PHE B 81 -14.84 29.70 -9.27
N GLN B 82 -15.18 29.94 -7.99
CA GLN B 82 -16.21 30.92 -7.53
C GLN B 82 -15.76 32.36 -7.87
N ASN B 83 -14.46 32.67 -7.91
CA ASN B 83 -13.92 34.05 -8.12
C ASN B 83 -13.45 34.24 -9.57
N GLY B 84 -13.68 33.25 -10.44
CA GLY B 84 -13.37 33.33 -11.88
C GLY B 84 -11.90 33.11 -12.21
N HIS B 85 -11.05 32.78 -11.22
CA HIS B 85 -9.60 32.59 -11.51
C HIS B 85 -9.41 31.38 -12.43
N VAL B 86 -10.33 30.41 -12.37
CA VAL B 86 -10.29 29.23 -13.27
C VAL B 86 -10.39 29.67 -14.74
N ARG B 87 -10.97 30.85 -15.03
CA ARG B 87 -11.14 31.37 -16.42
C ARG B 87 -9.76 31.58 -17.02
N ASP B 88 -8.79 31.88 -16.17
CA ASP B 88 -7.39 32.10 -16.58
C ASP B 88 -6.67 30.76 -16.44
N GLU B 89 -6.41 30.12 -17.59
CA GLU B 89 -5.92 28.72 -17.66
C GLU B 89 -4.52 28.59 -17.05
N ARG B 90 -3.86 29.70 -16.70
CA ARG B 90 -2.59 29.66 -15.94
C ARG B 90 -2.81 28.85 -14.65
N ASN B 91 -4.03 28.86 -14.09
CA ASN B 91 -4.34 28.32 -12.73
C ASN B 91 -4.78 26.84 -12.77
N MET B 92 -4.84 26.19 -13.93
CA MET B 92 -5.33 24.79 -14.05
C MET B 92 -4.32 23.79 -13.43
N LEU B 93 -3.01 24.05 -13.48
CA LEU B 93 -2.00 23.14 -12.87
C LEU B 93 -2.18 23.15 -11.35
N LYS B 94 -2.41 24.34 -10.77
CA LYS B 94 -2.72 24.46 -9.33
C LYS B 94 -3.99 23.66 -9.05
N VAL B 95 -4.99 23.73 -9.92
CA VAL B 95 -6.32 23.12 -9.64
C VAL B 95 -6.11 21.60 -9.65
N VAL B 96 -5.52 21.07 -10.72
CA VAL B 96 -5.40 19.60 -10.88
C VAL B 96 -4.48 19.05 -9.79
N SER B 97 -3.39 19.75 -9.46
CA SER B 97 -2.38 19.29 -8.49
C SER B 97 -3.01 19.20 -7.09
N ARG B 98 -3.82 20.18 -6.71
CA ARG B 98 -4.56 20.13 -5.41
C ARG B 98 -5.64 19.04 -5.44
N MET B 99 -6.35 18.89 -6.55
CA MET B 99 -7.40 17.83 -6.59
C MET B 99 -6.69 16.47 -6.58
N HIS B 100 -5.55 16.35 -7.23
CA HIS B 100 -4.73 15.10 -7.18
C HIS B 100 -4.26 14.85 -5.72
N ARG B 101 -3.84 15.91 -5.04
CA ARG B 101 -3.36 15.83 -3.66
C ARG B 101 -4.47 15.26 -2.76
N VAL B 102 -5.70 15.64 -3.04
CA VAL B 102 -6.85 15.17 -2.22
C VAL B 102 -6.91 13.66 -2.41
N SER B 103 -6.77 13.18 -3.63
CA SER B 103 -6.96 11.73 -3.89
C SER B 103 -5.78 10.97 -3.30
N VAL B 104 -4.61 11.58 -3.25
CA VAL B 104 -3.42 10.93 -2.62
C VAL B 104 -3.65 10.81 -1.12
N ILE B 105 -4.25 11.83 -0.50
CA ILE B 105 -4.53 11.81 0.97
C ILE B 105 -5.55 10.70 1.25
N LEU B 106 -6.60 10.59 0.42
CA LEU B 106 -7.71 9.62 0.60
C LEU B 106 -7.15 8.21 0.43
N LYS B 107 -6.20 7.99 -0.48
CA LYS B 107 -5.52 6.67 -0.61
C LYS B 107 -4.93 6.32 0.74
N LEU B 108 -4.23 7.26 1.39
CA LEU B 108 -3.67 7.02 2.74
C LEU B 108 -4.79 6.71 3.74
N LEU B 109 -5.90 7.43 3.69
CA LEU B 109 -6.97 7.22 4.70
C LEU B 109 -7.62 5.85 4.51
N VAL B 110 -7.70 5.36 3.27
CA VAL B 110 -8.16 3.97 3.00
C VAL B 110 -7.14 2.97 3.58
N GLN B 111 -5.84 3.14 3.33
CA GLN B 111 -4.78 2.25 3.86
C GLN B 111 -4.81 2.31 5.38
N GLN B 112 -5.24 3.44 5.95
CA GLN B 112 -5.09 3.73 7.41
C GLN B 112 -5.96 2.78 8.23
N PHE B 113 -7.06 2.27 7.66
CA PHE B 113 -7.89 1.23 8.34
C PHE B 113 -7.02 0.04 8.74
N SER B 114 -5.94 -0.23 8.02
CA SER B 114 -5.08 -1.42 8.32
C SER B 114 -4.53 -1.32 9.75
N ILE B 115 -4.24 -0.12 10.23
CA ILE B 115 -3.71 0.11 11.60
C ILE B 115 -4.79 -0.30 12.61
N LEU B 116 -6.01 0.17 12.41
CA LEU B 116 -7.08 -0.05 13.41
C LEU B 116 -7.54 -1.52 13.39
N GLU B 117 -7.32 -2.20 12.26
CA GLU B 117 -7.65 -3.64 12.13
C GLU B 117 -6.69 -4.50 12.95
N THR B 118 -5.59 -3.97 13.48
CA THR B 118 -4.72 -4.70 14.44
C THR B 118 -5.33 -4.67 15.84
N MET B 119 -6.49 -4.04 16.02
CA MET B 119 -7.25 -4.14 17.29
C MET B 119 -8.24 -5.29 17.12
N THR B 120 -8.21 -6.29 17.98
CA THR B 120 -9.23 -7.38 17.92
C THR B 120 -10.59 -6.83 18.37
N ALA B 121 -11.65 -7.51 17.99
CA ALA B 121 -13.04 -7.15 18.35
C ALA B 121 -13.21 -7.33 19.86
N LEU B 122 -12.51 -8.34 20.39
CA LEU B 122 -12.52 -8.75 21.81
C LEU B 122 -11.90 -7.63 22.64
N ASP B 123 -10.80 -7.07 22.16
CA ASP B 123 -10.10 -5.95 22.85
C ASP B 123 -10.97 -4.71 22.76
N PHE B 124 -11.64 -4.51 21.63
CA PHE B 124 -12.50 -3.34 21.40
C PHE B 124 -13.69 -3.46 22.34
N ASN B 125 -14.22 -4.67 22.45
CA ASN B 125 -15.36 -4.96 23.32
C ASN B 125 -15.05 -4.46 24.74
N ASP B 126 -13.79 -4.38 25.16
CA ASP B 126 -13.45 -4.05 26.57
C ASP B 126 -13.59 -2.55 26.87
N PHE B 127 -13.63 -1.65 25.90
CA PHE B 127 -13.78 -0.19 26.18
C PHE B 127 -14.98 0.39 25.44
N ARG B 128 -15.69 -0.42 24.64
CA ARG B 128 -16.76 0.07 23.72
C ARG B 128 -17.88 0.78 24.51
N GLU B 129 -18.26 0.25 25.67
CA GLU B 129 -19.37 0.76 26.54
C GLU B 129 -19.12 2.23 26.92
N TYR B 130 -17.85 2.66 27.03
CA TYR B 130 -17.45 4.00 27.53
C TYR B 130 -17.62 5.06 26.44
N LEU B 131 -17.94 4.66 25.21
CA LEU B 131 -18.07 5.53 24.01
C LEU B 131 -19.52 6.01 23.91
N SER B 132 -20.47 5.15 24.28
CA SER B 132 -21.93 5.42 24.25
C SER B 132 -22.18 6.80 24.84
N PRO B 133 -22.99 7.68 24.19
CA PRO B 133 -23.65 7.40 22.92
C PRO B 133 -22.99 8.06 21.70
N ALA B 134 -21.69 8.40 21.79
CA ALA B 134 -20.93 9.11 20.74
C ALA B 134 -20.70 8.18 19.54
N SER B 135 -20.45 8.77 18.36
CA SER B 135 -20.16 8.04 17.10
C SER B 135 -19.65 8.98 16.02
N GLY B 136 -19.18 8.37 14.91
CA GLY B 136 -18.72 9.01 13.67
C GLY B 136 -19.75 9.94 13.04
N PHE B 137 -21.05 9.65 13.18
CA PHE B 137 -22.15 10.54 12.71
C PHE B 137 -21.90 11.96 13.21
N GLN B 138 -21.16 12.10 14.31
CA GLN B 138 -20.88 13.41 14.93
C GLN B 138 -19.59 14.02 14.37
N SER B 139 -18.95 13.40 13.37
CA SER B 139 -17.81 14.01 12.64
C SER B 139 -18.30 15.19 11.80
N LEU B 140 -18.03 16.39 12.25
CA LEU B 140 -18.42 17.61 11.53
C LEU B 140 -17.71 17.61 10.17
N GLN B 141 -16.40 17.35 10.18
CA GLN B 141 -15.56 17.48 8.98
C GLN B 141 -15.99 16.42 7.95
N PHE B 142 -16.38 15.23 8.37
CA PHE B 142 -16.76 14.21 7.35
C PHE B 142 -17.97 14.77 6.60
N ARG B 143 -18.94 15.35 7.32
CA ARG B 143 -20.19 15.91 6.71
C ARG B 143 -19.86 17.14 5.86
N LEU B 144 -19.01 18.04 6.35
CA LEU B 144 -18.60 19.24 5.58
C LEU B 144 -17.99 18.81 4.24
N LEU B 145 -17.14 17.79 4.24
CA LEU B 145 -16.48 17.22 3.04
C LEU B 145 -17.54 16.69 2.06
N GLU B 146 -18.40 15.78 2.52
CA GLU B 146 -19.54 15.26 1.71
C GLU B 146 -20.29 16.42 1.03
N ASN B 147 -20.70 17.43 1.81
CA ASN B 147 -21.55 18.54 1.30
C ASN B 147 -20.75 19.37 0.31
N LYS B 148 -19.50 19.66 0.61
CA LYS B 148 -18.71 20.62 -0.19
C LYS B 148 -18.41 20.02 -1.56
N ILE B 149 -18.31 18.69 -1.64
CA ILE B 149 -18.11 17.98 -2.93
C ILE B 149 -19.44 18.05 -3.67
N GLY B 150 -20.53 17.69 -2.97
CA GLY B 150 -21.91 17.75 -3.55
C GLY B 150 -22.81 16.56 -3.22
N VAL B 151 -22.72 15.94 -2.05
CA VAL B 151 -23.77 14.99 -1.59
C VAL B 151 -25.00 15.83 -1.20
N LEU B 152 -26.14 15.65 -1.89
CA LEU B 152 -27.42 16.37 -1.59
C LEU B 152 -28.09 15.79 -0.33
N GLN B 153 -28.77 16.64 0.45
CA GLN B 153 -29.55 16.24 1.65
C GLN B 153 -30.52 15.10 1.29
N ASN B 154 -31.13 15.18 0.11
CA ASN B 154 -32.30 14.35 -0.31
C ASN B 154 -31.85 13.04 -0.97
N MET B 155 -30.55 12.84 -1.17
CA MET B 155 -29.94 11.62 -1.78
C MET B 155 -29.30 10.72 -0.71
N ARG B 156 -29.21 11.20 0.53
CA ARG B 156 -28.75 10.40 1.70
C ARG B 156 -29.78 9.27 1.94
N VAL B 157 -29.28 8.05 2.21
CA VAL B 157 -30.11 6.83 2.45
C VAL B 157 -31.08 7.12 3.60
N PRO B 158 -32.31 6.55 3.57
CA PRO B 158 -33.41 7.01 4.41
C PRO B 158 -32.96 7.38 5.84
N TYR B 159 -32.23 6.49 6.52
CA TYR B 159 -31.90 6.62 7.96
C TYR B 159 -31.09 7.91 8.20
N ASN B 160 -30.34 8.41 7.20
CA ASN B 160 -29.67 9.74 7.19
C ASN B 160 -30.42 10.70 6.25
N HIS B 163 -31.66 14.65 8.14
CA HIS B 163 -31.78 13.94 9.44
C HIS B 163 -30.39 13.70 10.07
N TYR B 164 -29.31 13.88 9.31
CA TYR B 164 -27.90 13.69 9.77
C TYR B 164 -27.49 14.84 10.69
N ARG B 165 -28.06 16.04 10.49
CA ARG B 165 -27.61 17.30 11.15
C ARG B 165 -28.15 17.40 12.57
N ASP B 166 -29.12 16.55 12.94
CA ASP B 166 -29.76 16.53 14.29
C ASP B 166 -28.70 16.09 15.32
N ASN B 167 -27.66 15.40 14.85
CA ASN B 167 -26.47 14.98 15.63
C ASN B 167 -25.58 16.20 15.96
N PHE B 168 -26.00 17.42 15.58
CA PHE B 168 -25.24 18.69 15.76
C PHE B 168 -26.16 19.80 16.28
N LYS B 169 -25.56 20.79 16.95
CA LYS B 169 -26.22 21.96 17.59
C LYS B 169 -25.23 23.14 17.55
N GLY B 170 -25.70 24.38 17.63
CA GLY B 170 -24.85 25.56 17.90
C GLY B 170 -24.14 26.07 16.67
N GLU B 171 -22.91 26.59 16.83
CA GLU B 171 -22.04 27.12 15.75
C GLU B 171 -21.82 26.02 14.68
N GLU B 172 -21.38 24.83 15.11
CA GLU B 172 -21.19 23.64 14.24
C GLU B 172 -22.38 23.52 13.27
N ASN B 173 -23.60 23.60 13.80
CA ASN B 173 -24.86 23.37 13.03
C ASN B 173 -24.98 24.46 11.96
N GLU B 174 -24.58 25.70 12.25
CA GLU B 174 -24.63 26.82 11.26
C GLU B 174 -23.69 26.46 10.10
N LEU B 175 -22.46 26.07 10.41
CA LEU B 175 -21.40 25.73 9.41
C LEU B 175 -21.90 24.67 8.41
N LEU B 176 -22.65 23.67 8.88
CA LEU B 176 -23.21 22.60 8.02
C LEU B 176 -24.11 23.23 6.96
N LEU B 177 -24.92 24.22 7.33
CA LEU B 177 -25.92 24.88 6.43
C LEU B 177 -25.16 25.80 5.46
N LYS B 178 -24.17 26.57 5.92
CA LYS B 178 -23.27 27.33 5.01
C LYS B 178 -22.74 26.34 3.96
N SER B 179 -22.33 25.13 4.39
CA SER B 179 -21.78 24.03 3.55
C SER B 179 -22.86 23.45 2.62
N GLU B 180 -24.12 23.45 3.04
CA GLU B 180 -25.25 22.91 2.24
C GLU B 180 -25.70 23.95 1.20
N GLN B 181 -25.60 25.26 1.51
CA GLN B 181 -26.17 26.35 0.66
C GLN B 181 -25.06 26.96 -0.21
N GLU B 182 -23.82 27.03 0.28
CA GLU B 182 -22.69 27.57 -0.53
C GLU B 182 -22.47 26.64 -1.73
N LYS B 183 -21.85 27.17 -2.78
CA LYS B 183 -21.70 26.46 -4.07
C LYS B 183 -20.77 25.25 -3.85
N THR B 184 -21.27 24.04 -4.16
CA THR B 184 -20.51 22.78 -4.08
C THR B 184 -19.49 22.71 -5.22
N LEU B 185 -18.51 21.82 -5.07
CA LEU B 185 -17.53 21.52 -6.14
C LEU B 185 -18.31 21.09 -7.38
N LEU B 186 -19.34 20.26 -7.21
CA LEU B 186 -20.20 19.78 -8.31
C LEU B 186 -20.77 20.97 -9.11
N GLU B 187 -21.39 21.94 -8.43
CA GLU B 187 -22.04 23.13 -9.07
C GLU B 187 -20.96 23.94 -9.78
N LEU B 188 -19.80 24.10 -9.14
CA LEU B 188 -18.77 25.02 -9.69
C LEU B 188 -18.17 24.36 -10.95
N VAL B 189 -18.03 23.03 -10.95
CA VAL B 189 -17.45 22.26 -12.10
C VAL B 189 -18.51 22.28 -13.22
N GLU B 190 -19.79 22.12 -12.86
CA GLU B 190 -20.94 22.20 -13.82
C GLU B 190 -20.89 23.51 -14.61
N ALA B 191 -20.72 24.64 -13.92
CA ALA B 191 -20.70 25.98 -14.55
C ALA B 191 -19.48 26.03 -15.48
N TRP B 192 -18.34 25.58 -15.01
CA TRP B 192 -17.09 25.56 -15.82
C TRP B 192 -17.29 24.66 -17.04
N LEU B 193 -17.92 23.49 -16.87
CA LEU B 193 -18.17 22.56 -18.01
C LEU B 193 -19.10 23.24 -19.01
N GLU B 194 -20.11 23.97 -18.54
CA GLU B 194 -21.08 24.69 -19.41
C GLU B 194 -20.38 25.71 -20.31
N ARG B 195 -19.17 26.21 -19.97
CA ARG B 195 -18.41 27.16 -20.82
C ARG B 195 -17.35 26.45 -21.70
N THR B 196 -17.28 25.11 -21.73
CA THR B 196 -16.24 24.40 -22.52
C THR B 196 -16.25 24.92 -23.96
N PRO B 197 -15.11 25.35 -24.51
CA PRO B 197 -15.04 25.77 -25.90
C PRO B 197 -15.32 24.62 -26.88
N GLY B 198 -16.09 24.92 -27.93
CA GLY B 198 -16.47 23.95 -28.96
C GLY B 198 -17.95 23.70 -29.01
N LEU B 199 -18.68 24.04 -27.95
CA LEU B 199 -20.14 23.75 -27.83
C LEU B 199 -21.00 24.75 -28.62
N GLU B 200 -20.44 25.84 -29.13
CA GLU B 200 -21.23 26.97 -29.68
C GLU B 200 -21.89 26.49 -30.98
N PRO B 201 -23.23 26.54 -31.08
CA PRO B 201 -23.90 26.10 -32.32
C PRO B 201 -23.41 26.80 -33.60
N HIS B 202 -22.95 28.05 -33.48
CA HIS B 202 -22.44 28.87 -34.62
C HIS B 202 -20.92 28.66 -34.77
N GLY B 203 -20.26 28.04 -33.79
CA GLY B 203 -18.83 27.70 -33.83
C GLY B 203 -18.58 26.28 -34.31
N PHE B 204 -17.85 25.50 -33.52
CA PHE B 204 -17.50 24.09 -33.86
C PHE B 204 -18.78 23.23 -33.86
N ASN B 205 -19.81 23.62 -33.11
CA ASN B 205 -21.13 22.92 -33.13
C ASN B 205 -20.93 21.43 -32.83
N PHE B 206 -20.20 21.11 -31.76
CA PHE B 206 -19.87 19.70 -31.40
C PHE B 206 -21.15 18.87 -31.38
N TRP B 207 -22.16 19.33 -30.63
CA TRP B 207 -23.36 18.52 -30.30
C TRP B 207 -24.11 18.15 -31.58
N GLY B 208 -24.36 19.12 -32.46
CA GLY B 208 -25.04 18.91 -33.76
C GLY B 208 -24.22 18.01 -34.67
N LYS B 209 -22.90 18.14 -34.68
CA LYS B 209 -22.00 17.29 -35.50
C LYS B 209 -22.01 15.87 -34.94
N LEU B 210 -22.00 15.72 -33.61
CA LEU B 210 -21.90 14.38 -32.97
C LEU B 210 -23.19 13.63 -33.29
N GLU B 211 -24.34 14.29 -33.12
CA GLU B 211 -25.67 13.71 -33.43
C GLU B 211 -25.65 13.21 -34.87
N LYS B 212 -25.15 14.03 -35.80
CA LYS B 212 -25.16 13.72 -37.25
C LYS B 212 -24.26 12.52 -37.52
N ASN B 213 -23.10 12.43 -36.88
CA ASN B 213 -22.07 11.40 -37.18
C ASN B 213 -22.53 10.06 -36.60
N ILE B 214 -23.22 10.09 -35.46
CA ILE B 214 -23.71 8.86 -34.79
C ILE B 214 -24.88 8.31 -35.62
N THR B 215 -25.80 9.19 -36.02
CA THR B 215 -26.98 8.90 -36.87
C THR B 215 -26.47 8.25 -38.17
N ARG B 216 -25.49 8.86 -38.84
CA ARG B 216 -24.88 8.32 -40.09
C ARG B 216 -24.17 6.99 -39.79
N GLY B 217 -23.23 6.98 -38.85
CA GLY B 217 -22.45 5.78 -38.48
C GLY B 217 -23.35 4.56 -38.23
N LEU B 218 -24.49 4.79 -37.56
CA LEU B 218 -25.49 3.74 -37.28
C LEU B 218 -26.17 3.28 -38.57
N GLU B 219 -26.72 4.22 -39.35
CA GLU B 219 -27.38 3.90 -40.66
C GLU B 219 -26.49 2.90 -41.40
N GLU B 220 -25.22 3.26 -41.64
CA GLU B 220 -24.19 2.43 -42.34
C GLU B 220 -23.99 1.08 -41.66
N GLU B 221 -23.83 1.10 -40.33
CA GLU B 221 -23.61 -0.10 -39.50
C GLU B 221 -24.74 -1.09 -39.81
N PHE B 222 -25.98 -0.61 -39.98
CA PHE B 222 -27.21 -1.42 -40.23
C PHE B 222 -27.21 -2.02 -41.64
N ILE B 223 -26.72 -1.26 -42.62
CA ILE B 223 -26.56 -1.70 -44.03
C ILE B 223 -25.65 -2.93 -44.02
N ARG B 224 -24.58 -2.92 -43.25
CA ARG B 224 -23.61 -4.05 -43.17
C ARG B 224 -24.24 -5.27 -42.48
N ILE B 225 -25.35 -5.09 -41.74
CA ILE B 225 -26.06 -6.22 -41.05
C ILE B 225 -27.00 -6.86 -42.09
N GLN B 226 -27.68 -6.07 -42.90
CA GLN B 226 -28.63 -6.57 -43.95
C GLN B 226 -27.90 -7.14 -45.17
N ALA B 227 -26.56 -7.09 -45.17
CA ALA B 227 -25.71 -7.83 -46.14
C ALA B 227 -25.75 -9.31 -45.76
N LYS B 228 -25.56 -9.62 -44.47
CA LYS B 228 -25.31 -10.99 -43.94
C LYS B 228 -26.49 -11.92 -44.28
N GLU B 229 -26.20 -13.23 -44.34
CA GLU B 229 -27.13 -14.33 -44.72
C GLU B 229 -27.97 -14.72 -43.48
N GLU B 230 -29.29 -14.54 -43.56
CA GLU B 230 -30.22 -14.63 -42.41
C GLU B 230 -29.84 -15.85 -41.57
N SER B 231 -29.58 -15.67 -40.27
CA SER B 231 -29.12 -16.72 -39.32
C SER B 231 -29.46 -16.31 -37.89
N GLU B 232 -29.12 -17.12 -36.89
CA GLU B 232 -29.29 -16.79 -35.44
C GLU B 232 -28.05 -16.01 -34.95
N GLU B 233 -26.99 -15.91 -35.77
CA GLU B 233 -25.81 -15.05 -35.53
C GLU B 233 -26.16 -13.60 -35.94
N LYS B 234 -26.61 -13.43 -37.19
CA LYS B 234 -27.08 -12.13 -37.75
C LYS B 234 -28.15 -11.52 -36.84
N GLU B 235 -28.98 -12.36 -36.22
CA GLU B 235 -30.04 -11.88 -35.32
C GLU B 235 -29.42 -11.29 -34.05
N GLU B 236 -28.27 -11.83 -33.60
CA GLU B 236 -27.51 -11.35 -32.42
C GLU B 236 -26.90 -9.97 -32.73
N GLN B 237 -26.37 -9.78 -33.93
CA GLN B 237 -25.88 -8.47 -34.41
C GLN B 237 -27.05 -7.46 -34.45
N VAL B 238 -28.18 -7.82 -35.09
CA VAL B 238 -29.37 -6.92 -35.21
C VAL B 238 -29.80 -6.54 -33.80
N ALA B 239 -29.69 -7.47 -32.86
CA ALA B 239 -30.20 -7.31 -31.48
C ALA B 239 -29.22 -6.43 -30.71
N GLU B 240 -27.92 -6.64 -30.90
CA GLU B 240 -26.82 -5.81 -30.35
C GLU B 240 -27.00 -4.38 -30.89
N PHE B 241 -27.06 -4.24 -32.22
CA PHE B 241 -27.21 -2.96 -32.94
C PHE B 241 -28.40 -2.17 -32.38
N GLN B 242 -29.54 -2.81 -32.12
CA GLN B 242 -30.77 -2.10 -31.71
C GLN B 242 -30.58 -1.54 -30.30
N LYS B 243 -29.91 -2.29 -29.43
CA LYS B 243 -29.57 -1.90 -28.03
C LYS B 243 -28.63 -0.67 -28.09
N GLN B 244 -27.55 -0.74 -28.90
CA GLN B 244 -26.59 0.38 -29.10
C GLN B 244 -27.32 1.62 -29.59
N LYS B 245 -27.98 1.55 -30.76
CA LYS B 245 -28.76 2.64 -31.37
C LYS B 245 -29.55 3.38 -30.30
N GLU B 246 -30.25 2.65 -29.43
CA GLU B 246 -31.22 3.23 -28.47
C GLU B 246 -30.44 4.05 -27.44
N VAL B 247 -29.31 3.51 -26.98
CA VAL B 247 -28.43 4.13 -25.96
C VAL B 247 -27.75 5.39 -26.54
N LEU B 248 -27.05 5.26 -27.67
CA LEU B 248 -26.33 6.41 -28.27
C LEU B 248 -27.36 7.48 -28.64
N LEU B 249 -28.50 7.13 -29.23
CA LEU B 249 -29.45 8.16 -29.67
C LEU B 249 -30.09 8.84 -28.47
N SER B 250 -30.27 8.16 -27.33
CA SER B 250 -30.91 8.71 -26.11
C SER B 250 -30.02 9.80 -25.47
N LEU B 251 -28.75 9.86 -25.86
CA LEU B 251 -27.80 10.91 -25.42
C LEU B 251 -28.35 12.28 -25.86
N PHE B 252 -29.05 12.31 -26.99
CA PHE B 252 -29.61 13.54 -27.61
C PHE B 252 -31.06 13.78 -27.17
N ASP B 253 -31.57 13.08 -26.14
CA ASP B 253 -32.94 13.31 -25.59
C ASP B 253 -32.83 14.23 -24.36
N GLU B 254 -32.94 15.54 -24.54
CA GLU B 254 -32.80 16.48 -23.41
C GLU B 254 -33.93 16.28 -22.40
N LYS B 255 -35.14 15.97 -22.86
CA LYS B 255 -36.32 15.85 -21.98
C LYS B 255 -36.07 14.69 -21.00
N ARG B 256 -35.43 13.63 -21.48
CA ARG B 256 -35.02 12.42 -20.70
C ARG B 256 -34.03 12.80 -19.59
N HIS B 257 -32.95 13.52 -19.92
CA HIS B 257 -31.94 14.06 -18.98
C HIS B 257 -32.63 14.86 -17.85
N GLU B 258 -33.58 15.75 -18.17
CA GLU B 258 -34.24 16.61 -17.14
C GLU B 258 -35.06 15.71 -16.19
N HIS B 259 -35.77 14.74 -16.77
CA HIS B 259 -36.53 13.73 -16.00
C HIS B 259 -35.54 13.02 -15.07
N LEU B 260 -34.43 12.51 -15.59
CA LEU B 260 -33.47 11.71 -14.78
C LEU B 260 -32.79 12.59 -13.73
N LEU B 261 -32.51 13.88 -14.02
CA LEU B 261 -32.01 14.86 -12.99
C LEU B 261 -32.95 14.86 -11.78
N SER B 262 -34.25 15.02 -12.03
CA SER B 262 -35.28 15.22 -10.97
C SER B 262 -35.37 13.98 -10.08
N LYS B 263 -35.10 12.80 -10.62
CA LYS B 263 -35.10 11.52 -9.87
C LYS B 263 -33.74 11.30 -9.18
N GLY B 264 -32.76 12.17 -9.46
CA GLY B 264 -31.41 12.10 -8.88
C GLY B 264 -30.56 11.00 -9.47
N GLU B 265 -30.84 10.53 -10.70
CA GLU B 265 -30.00 9.50 -11.37
C GLU B 265 -28.89 10.19 -12.18
N ARG B 266 -29.01 11.50 -12.39
CA ARG B 266 -27.96 12.35 -12.96
C ARG B 266 -27.83 13.59 -12.09
N ARG B 267 -26.70 14.26 -12.16
CA ARG B 267 -26.38 15.44 -11.32
C ARG B 267 -26.07 16.67 -12.18
N LEU B 268 -25.51 16.47 -13.38
CA LEU B 268 -24.93 17.55 -14.22
C LEU B 268 -26.01 18.06 -15.17
N SER B 269 -26.05 19.37 -15.37
CA SER B 269 -26.88 19.98 -16.43
C SER B 269 -26.58 19.27 -17.76
N TYR B 270 -27.53 19.27 -18.70
CA TYR B 270 -27.36 18.70 -20.05
C TYR B 270 -26.15 19.34 -20.71
N ARG B 271 -25.94 20.64 -20.50
CA ARG B 271 -24.89 21.37 -21.25
C ARG B 271 -23.52 21.03 -20.66
N ALA B 272 -23.38 20.87 -19.35
CA ALA B 272 -22.13 20.43 -18.69
C ALA B 272 -21.70 19.04 -19.23
N LEU B 273 -22.66 18.13 -19.38
CA LEU B 273 -22.47 16.78 -19.95
C LEU B 273 -21.81 16.92 -21.32
N GLN B 274 -22.31 17.84 -22.15
CA GLN B 274 -21.75 18.08 -23.50
C GLN B 274 -20.29 18.51 -23.39
N GLY B 275 -20.00 19.43 -22.45
CA GLY B 275 -18.64 19.94 -22.21
C GLY B 275 -17.70 18.84 -21.75
N ALA B 276 -18.21 17.95 -20.90
CA ALA B 276 -17.44 16.80 -20.36
C ALA B 276 -17.10 15.84 -21.50
N LEU B 277 -18.09 15.53 -22.33
CA LEU B 277 -17.88 14.65 -23.52
C LEU B 277 -16.90 15.33 -24.48
N MET B 278 -16.90 16.66 -24.57
CA MET B 278 -15.99 17.35 -25.50
C MET B 278 -14.58 17.11 -24.97
N ILE B 279 -14.42 17.25 -23.65
CA ILE B 279 -13.09 17.13 -22.99
C ILE B 279 -12.59 15.69 -23.17
N TYR B 280 -13.46 14.70 -22.98
CA TYR B 280 -13.10 13.28 -23.19
C TYR B 280 -12.63 13.08 -24.63
N PHE B 281 -13.45 13.44 -25.61
CA PHE B 281 -13.18 13.06 -27.02
C PHE B 281 -11.89 13.78 -27.50
N TYR B 282 -11.66 15.02 -27.05
CA TYR B 282 -10.60 15.94 -27.60
C TYR B 282 -9.50 16.21 -26.57
N ARG B 283 -9.26 15.27 -25.66
CA ARG B 283 -8.36 15.41 -24.47
C ARG B 283 -6.92 15.71 -24.90
N GLU B 284 -6.49 15.24 -26.06
CA GLU B 284 -5.09 15.41 -26.52
C GLU B 284 -4.86 16.86 -26.97
N GLU B 285 -5.93 17.60 -27.28
CA GLU B 285 -5.83 19.03 -27.64
C GLU B 285 -5.26 19.77 -26.42
N PRO B 286 -4.16 20.53 -26.59
CA PRO B 286 -3.47 21.17 -25.47
C PRO B 286 -4.37 21.86 -24.44
N ARG B 287 -5.43 22.54 -24.89
CA ARG B 287 -6.31 23.32 -23.97
C ARG B 287 -7.11 22.34 -23.10
N PHE B 288 -7.22 21.08 -23.52
CA PHE B 288 -8.05 20.05 -22.88
C PHE B 288 -7.19 19.06 -22.07
N GLN B 289 -5.87 19.01 -22.27
CA GLN B 289 -4.99 18.01 -21.59
C GLN B 289 -5.24 18.08 -20.06
N VAL B 290 -5.08 19.24 -19.43
CA VAL B 290 -5.17 19.35 -17.96
C VAL B 290 -6.63 19.27 -17.54
N PRO B 291 -7.58 19.93 -18.22
CA PRO B 291 -8.99 19.70 -17.93
C PRO B 291 -9.39 18.22 -17.93
N PHE B 292 -8.90 17.42 -18.87
CA PHE B 292 -9.10 15.96 -18.84
C PHE B 292 -8.54 15.37 -17.53
N GLN B 293 -7.31 15.75 -17.14
CA GLN B 293 -6.68 15.28 -15.87
C GLN B 293 -7.61 15.67 -14.71
N LEU B 294 -8.26 16.84 -14.79
CA LEU B 294 -9.18 17.30 -13.71
C LEU B 294 -10.37 16.34 -13.58
N LEU B 295 -11.02 16.01 -14.70
CA LEU B 295 -12.23 15.14 -14.70
C LEU B 295 -11.82 13.77 -14.14
N THR B 296 -10.64 13.28 -14.52
CA THR B 296 -10.10 11.99 -14.06
C THR B 296 -9.95 12.05 -12.54
N SER B 297 -9.40 13.14 -12.02
CA SER B 297 -9.21 13.36 -10.58
C SER B 297 -10.54 13.38 -9.82
N LEU B 298 -11.59 14.01 -10.38
CA LEU B 298 -12.93 14.10 -9.73
C LEU B 298 -13.50 12.68 -9.59
N MET B 299 -13.40 11.87 -10.64
CA MET B 299 -13.81 10.45 -10.61
C MET B 299 -12.96 9.69 -9.60
N ASP B 300 -11.64 9.94 -9.55
CA ASP B 300 -10.71 9.37 -8.54
C ASP B 300 -11.30 9.65 -7.16
N ILE B 301 -11.68 10.88 -6.90
CA ILE B 301 -12.10 11.28 -5.54
C ILE B 301 -13.39 10.55 -5.14
N ASP B 302 -14.35 10.40 -6.04
CA ASP B 302 -15.60 9.62 -5.77
C ASP B 302 -15.23 8.16 -5.48
N SER B 303 -14.34 7.61 -6.29
CA SER B 303 -13.92 6.20 -6.20
C SER B 303 -13.29 5.95 -4.81
N LEU B 304 -12.47 6.90 -4.31
CA LEU B 304 -11.71 6.72 -3.05
C LEU B 304 -12.61 6.99 -1.84
N MET B 305 -13.54 7.92 -1.95
CA MET B 305 -14.59 8.17 -0.91
C MET B 305 -15.35 6.86 -0.71
N THR B 306 -15.79 6.23 -1.79
CA THR B 306 -16.60 5.00 -1.75
C THR B 306 -15.69 3.85 -1.25
N LYS B 307 -14.41 3.81 -1.62
CA LYS B 307 -13.48 2.78 -1.07
C LYS B 307 -13.35 2.99 0.43
N TRP B 308 -13.33 4.26 0.84
CA TRP B 308 -13.28 4.65 2.27
C TRP B 308 -14.50 4.03 2.96
N ARG B 309 -15.70 4.30 2.46
CA ARG B 309 -16.94 3.75 3.05
C ARG B 309 -16.88 2.21 3.07
N TYR B 310 -16.36 1.58 2.02
CA TYR B 310 -16.34 0.11 1.94
C TYR B 310 -15.34 -0.45 2.96
N ASN B 311 -14.13 0.11 3.08
CA ASN B 311 -13.13 -0.40 4.04
C ASN B 311 -13.66 -0.19 5.46
N HIS B 312 -14.36 0.92 5.74
CA HIS B 312 -15.00 1.20 7.05
C HIS B 312 -15.97 0.05 7.33
N VAL B 313 -16.94 -0.16 6.42
CA VAL B 313 -17.92 -1.28 6.49
C VAL B 313 -17.23 -2.61 6.87
N CYS B 314 -16.18 -3.02 6.15
CA CYS B 314 -15.55 -4.37 6.28
C CYS B 314 -14.97 -4.55 7.68
N MET B 315 -14.41 -3.48 8.26
CA MET B 315 -13.78 -3.44 9.60
C MET B 315 -14.88 -3.49 10.67
N VAL B 316 -15.93 -2.64 10.52
CA VAL B 316 -17.07 -2.59 11.48
C VAL B 316 -17.74 -3.97 11.56
N HIS B 317 -17.84 -4.71 10.45
CA HIS B 317 -18.41 -6.08 10.45
C HIS B 317 -17.62 -6.93 11.45
N ARG B 318 -16.28 -6.95 11.33
CA ARG B 318 -15.41 -7.75 12.25
C ARG B 318 -15.60 -7.24 13.68
N MET B 319 -15.76 -5.93 13.91
CA MET B 319 -15.79 -5.33 15.28
C MET B 319 -17.15 -5.58 15.98
N LEU B 320 -18.28 -5.42 15.27
CA LEU B 320 -19.64 -5.35 15.87
C LEU B 320 -20.49 -6.56 15.49
N GLY B 321 -20.22 -7.25 14.38
CA GLY B 321 -21.15 -8.23 13.78
C GLY B 321 -22.40 -7.55 13.24
N SER B 322 -23.59 -8.05 13.61
CA SER B 322 -24.89 -7.43 13.23
C SER B 322 -25.46 -6.61 14.42
N LYS B 323 -24.67 -6.40 15.48
CA LYS B 323 -24.98 -5.46 16.59
C LYS B 323 -25.17 -4.04 16.05
N ALA B 324 -25.99 -3.26 16.75
CA ALA B 324 -26.36 -1.88 16.40
C ALA B 324 -25.29 -0.93 16.94
N GLY B 325 -25.12 0.23 16.29
CA GLY B 325 -24.08 1.21 16.64
C GLY B 325 -24.45 2.04 17.85
N THR B 326 -23.42 2.56 18.54
CA THR B 326 -23.54 3.45 19.73
C THR B 326 -24.24 4.74 19.30
N GLY B 327 -24.14 5.09 18.01
CA GLY B 327 -24.76 6.30 17.43
C GLY B 327 -26.21 6.08 17.03
N GLY B 328 -26.74 4.88 17.27
CA GLY B 328 -28.17 4.56 17.14
C GLY B 328 -28.44 3.53 16.05
N SER B 329 -27.85 3.72 14.87
CA SER B 329 -28.11 2.96 13.60
C SER B 329 -27.86 1.47 13.84
N SER B 330 -28.27 0.62 12.88
CA SER B 330 -28.12 -0.86 12.92
C SER B 330 -26.63 -1.22 12.77
N GLY B 331 -25.80 -0.24 12.42
CA GLY B 331 -24.35 -0.41 12.26
C GLY B 331 -24.02 -0.92 10.86
N TYR B 332 -23.51 -2.15 10.79
CA TYR B 332 -23.02 -2.81 9.56
C TYR B 332 -24.01 -2.66 8.38
N HIS B 333 -25.23 -3.21 8.45
CA HIS B 333 -26.25 -3.15 7.37
C HIS B 333 -26.48 -1.70 6.86
N TYR B 334 -26.63 -0.71 7.77
CA TYR B 334 -26.82 0.71 7.39
C TYR B 334 -25.62 1.22 6.57
N LEU B 335 -24.41 0.98 7.07
CA LEU B 335 -23.15 1.46 6.42
C LEU B 335 -23.03 0.83 5.03
N ARG B 336 -23.39 -0.45 4.86
CA ARG B 336 -23.41 -1.13 3.53
C ARG B 336 -24.20 -0.25 2.55
N SER B 337 -25.32 0.29 2.99
CA SER B 337 -26.26 1.05 2.13
C SER B 337 -25.57 2.32 1.61
N THR B 338 -24.57 2.86 2.34
CA THR B 338 -23.84 4.10 1.94
C THR B 338 -22.84 3.82 0.79
N VAL B 339 -22.66 2.54 0.40
CA VAL B 339 -21.72 2.11 -0.68
C VAL B 339 -22.57 1.85 -1.93
N SER B 340 -23.03 2.93 -2.56
CA SER B 340 -23.88 2.92 -3.78
C SER B 340 -23.60 4.19 -4.57
N ASP B 341 -24.14 4.28 -5.77
CA ASP B 341 -23.89 5.43 -6.68
C ASP B 341 -24.77 6.60 -6.25
N ARG B 342 -25.67 6.38 -5.28
CA ARG B 342 -26.43 7.45 -4.58
C ARG B 342 -25.46 8.55 -4.11
N TYR B 343 -24.28 8.16 -3.62
CA TYR B 343 -23.30 9.05 -2.93
C TYR B 343 -22.17 9.46 -3.88
N LYS B 344 -22.21 8.96 -5.12
CA LYS B 344 -21.24 9.27 -6.19
C LYS B 344 -21.63 10.61 -6.80
N VAL B 345 -20.95 11.68 -6.41
CA VAL B 345 -21.27 13.04 -6.88
C VAL B 345 -21.07 13.15 -8.39
N PHE B 346 -19.97 12.63 -8.93
CA PHE B 346 -19.59 12.77 -10.35
C PHE B 346 -19.94 11.48 -11.11
N VAL B 347 -21.00 10.79 -10.68
CA VAL B 347 -21.56 9.59 -11.38
C VAL B 347 -21.67 9.85 -12.88
N ASP B 348 -22.06 11.05 -13.30
CA ASP B 348 -22.24 11.39 -14.74
C ASP B 348 -20.92 11.19 -15.49
N LEU B 349 -19.79 11.48 -14.86
CA LEU B 349 -18.47 11.39 -15.53
C LEU B 349 -18.11 9.91 -15.72
N PHE B 350 -18.47 9.03 -14.78
CA PHE B 350 -18.31 7.56 -14.95
C PHE B 350 -19.20 7.14 -16.12
N ASN B 351 -20.44 7.63 -16.19
CA ASN B 351 -21.48 7.05 -17.10
C ASN B 351 -21.33 7.56 -18.51
N LEU B 352 -20.36 8.42 -18.79
CA LEU B 352 -20.02 8.85 -20.18
C LEU B 352 -19.37 7.72 -20.96
N SER B 353 -18.73 6.78 -20.26
CA SER B 353 -18.21 5.51 -20.83
C SER B 353 -19.31 4.73 -21.56
N THR B 354 -20.57 4.80 -21.10
CA THR B 354 -21.74 4.18 -21.76
C THR B 354 -21.89 4.65 -23.21
N TYR B 355 -21.46 5.88 -23.55
CA TYR B 355 -21.74 6.54 -24.86
C TYR B 355 -20.46 6.72 -25.67
N LEU B 356 -19.42 5.93 -25.38
CA LEU B 356 -18.20 5.94 -26.22
C LEU B 356 -18.53 5.28 -27.56
N ILE B 357 -17.89 5.80 -28.60
CA ILE B 357 -18.19 5.52 -30.03
C ILE B 357 -16.85 5.24 -30.71
N PRO B 358 -16.86 4.63 -31.92
CA PRO B 358 -15.62 4.40 -32.65
C PRO B 358 -14.95 5.73 -32.98
N ARG B 359 -13.62 5.78 -33.00
CA ARG B 359 -12.81 7.00 -33.30
C ARG B 359 -13.32 7.71 -34.57
N HIS B 360 -13.53 6.96 -35.64
CA HIS B 360 -13.88 7.47 -36.99
C HIS B 360 -15.12 8.36 -36.89
N TRP B 361 -16.01 8.11 -35.91
CA TRP B 361 -17.29 8.84 -35.76
C TRP B 361 -17.10 10.19 -35.08
N ILE B 362 -16.01 10.39 -34.33
CA ILE B 362 -15.85 11.66 -33.55
C ILE B 362 -15.66 12.79 -34.58
N PRO B 363 -16.43 13.90 -34.48
CA PRO B 363 -16.32 14.98 -35.43
C PRO B 363 -14.86 15.43 -35.56
N LYS B 364 -14.39 15.61 -36.79
CA LYS B 364 -12.97 15.96 -37.06
C LYS B 364 -12.80 17.42 -36.64
N MET B 365 -11.64 17.76 -36.10
CA MET B 365 -11.34 19.12 -35.59
C MET B 365 -10.50 19.90 -36.61
N GLY C 23 -14.83 -18.66 -31.35
CA GLY C 23 -14.83 -17.59 -30.30
C GLY C 23 -13.54 -17.59 -29.48
N LEU C 24 -13.00 -16.40 -29.19
CA LEU C 24 -11.80 -16.17 -28.34
C LEU C 24 -12.08 -16.60 -26.89
N ILE C 25 -11.11 -17.28 -26.28
CA ILE C 25 -11.19 -17.76 -24.87
C ILE C 25 -10.05 -17.12 -24.04
N TYR C 26 -10.43 -16.61 -22.86
CA TYR C 26 -9.56 -15.94 -21.86
C TYR C 26 -8.19 -16.61 -21.80
N GLY C 27 -8.14 -17.91 -21.51
CA GLY C 27 -6.88 -18.64 -21.34
C GLY C 27 -5.99 -18.54 -22.55
N ASN C 28 -6.58 -18.62 -23.74
CA ASN C 28 -5.84 -18.61 -25.03
C ASN C 28 -5.42 -17.17 -25.34
N TYR C 29 -6.30 -16.20 -25.10
CA TYR C 29 -5.97 -14.74 -25.28
C TYR C 29 -4.70 -14.43 -24.49
N LEU C 30 -4.61 -14.97 -23.27
CA LEU C 30 -3.56 -14.62 -22.28
C LEU C 30 -2.37 -15.59 -22.40
N HIS C 31 -2.45 -16.55 -23.32
CA HIS C 31 -1.45 -17.64 -23.52
C HIS C 31 -1.05 -18.19 -22.17
N LEU C 32 -2.05 -18.51 -21.35
CA LEU C 32 -1.86 -19.17 -20.02
C LEU C 32 -1.21 -20.56 -20.18
N GLU C 33 -1.33 -21.19 -21.35
CA GLU C 33 -0.71 -22.52 -21.62
C GLU C 33 0.81 -22.38 -21.48
N LYS C 34 1.37 -21.16 -21.62
CA LYS C 34 2.82 -20.91 -21.41
C LYS C 34 3.06 -20.35 -20.00
N VAL C 35 2.25 -19.38 -19.59
CA VAL C 35 2.47 -18.59 -18.35
C VAL C 35 2.37 -19.53 -17.14
N LEU C 36 1.37 -20.40 -17.14
CA LEU C 36 1.01 -21.28 -16.00
C LEU C 36 1.58 -22.68 -16.24
N ASN C 37 2.51 -22.84 -17.17
CA ASN C 37 3.31 -24.09 -17.37
C ASN C 37 4.79 -23.71 -17.39
N ALA C 38 5.17 -22.68 -16.60
CA ALA C 38 6.54 -22.14 -16.54
C ALA C 38 7.11 -22.26 -15.14
N GLN C 39 6.53 -23.11 -14.28
CA GLN C 39 6.93 -23.23 -12.85
C GLN C 39 7.58 -24.60 -12.62
N GLU C 40 8.91 -24.58 -12.57
CA GLU C 40 9.75 -25.78 -12.34
C GLU C 40 10.62 -25.53 -11.10
N LEU C 41 10.33 -26.24 -10.01
CA LEU C 41 11.15 -26.19 -8.78
C LEU C 41 12.38 -27.05 -9.02
N GLN C 42 13.55 -26.41 -9.09
CA GLN C 42 14.90 -27.04 -9.17
C GLN C 42 15.06 -28.01 -8.00
N SER C 43 14.54 -27.67 -6.81
CA SER C 43 14.56 -28.52 -5.60
C SER C 43 13.80 -29.82 -5.88
N GLU C 44 12.69 -29.73 -6.60
CA GLU C 44 11.87 -30.93 -6.94
C GLU C 44 12.62 -31.76 -7.97
N THR C 45 13.21 -31.10 -8.96
CA THR C 45 13.98 -31.74 -10.07
C THR C 45 15.14 -32.56 -9.48
N LYS C 46 15.73 -32.15 -8.35
CA LYS C 46 16.84 -32.90 -7.71
C LYS C 46 16.33 -33.72 -6.50
N GLY C 47 15.02 -33.99 -6.41
CA GLY C 47 14.46 -35.08 -5.59
C GLY C 47 13.95 -34.69 -4.20
N ASN C 48 14.19 -33.47 -3.69
CA ASN C 48 13.52 -33.04 -2.43
C ASN C 48 12.89 -31.65 -2.60
N LYS C 49 11.66 -31.63 -3.12
CA LYS C 49 10.80 -30.44 -3.31
C LYS C 49 10.76 -29.63 -2.00
N ILE C 50 11.08 -28.34 -2.08
CA ILE C 50 10.94 -27.36 -0.96
C ILE C 50 9.78 -26.42 -1.28
N HIS C 51 8.70 -26.47 -0.50
CA HIS C 51 7.42 -25.74 -0.73
C HIS C 51 7.72 -24.31 -1.20
N ASP C 52 8.62 -23.61 -0.49
CA ASP C 52 8.69 -22.14 -0.62
C ASP C 52 9.38 -21.75 -1.92
N GLU C 53 9.97 -22.70 -2.65
CA GLU C 53 10.67 -22.36 -3.92
C GLU C 53 9.61 -21.89 -4.93
N HIS C 54 8.41 -22.44 -4.87
CA HIS C 54 7.31 -22.05 -5.79
C HIS C 54 7.04 -20.55 -5.68
N LEU C 55 6.97 -19.98 -4.46
CA LEU C 55 6.87 -18.50 -4.23
C LEU C 55 8.03 -17.75 -4.87
N PHE C 56 9.25 -18.26 -4.77
CA PHE C 56 10.48 -17.58 -5.23
C PHE C 56 10.39 -17.43 -6.75
N ILE C 57 9.91 -18.48 -7.42
CA ILE C 57 9.76 -18.52 -8.90
C ILE C 57 8.68 -17.50 -9.29
N ILE C 58 7.45 -17.67 -8.80
CA ILE C 58 6.30 -16.79 -9.14
C ILE C 58 6.68 -15.33 -8.85
N THR C 59 7.29 -15.01 -7.72
CA THR C 59 7.63 -13.61 -7.42
C THR C 59 8.48 -13.05 -8.57
N HIS C 60 9.52 -13.76 -9.01
CA HIS C 60 10.49 -13.30 -10.06
C HIS C 60 9.75 -13.15 -11.38
N GLN C 61 8.86 -14.09 -11.69
CA GLN C 61 8.10 -14.08 -12.96
C GLN C 61 7.22 -12.82 -13.04
N ALA C 62 6.53 -12.45 -11.95
CA ALA C 62 5.66 -11.27 -11.93
C ALA C 62 6.52 -10.02 -12.06
N TYR C 63 7.62 -9.91 -11.32
CA TYR C 63 8.63 -8.82 -11.55
C TYR C 63 8.97 -8.71 -13.06
N GLU C 64 9.20 -9.84 -13.75
CA GLU C 64 9.68 -9.82 -15.16
C GLU C 64 8.54 -9.39 -16.10
N LEU C 65 7.33 -9.94 -15.94
CA LEU C 65 6.11 -9.44 -16.64
C LEU C 65 6.05 -7.92 -16.50
N TRP C 66 6.26 -7.38 -15.31
CA TRP C 66 6.11 -5.92 -15.09
C TRP C 66 7.29 -5.17 -15.72
N PHE C 67 8.51 -5.71 -15.63
CA PHE C 67 9.68 -5.14 -16.35
C PHE C 67 9.35 -5.03 -17.84
N LYS C 68 8.74 -6.07 -18.42
CA LYS C 68 8.36 -6.02 -19.84
C LYS C 68 7.39 -4.86 -20.10
N GLN C 69 6.44 -4.62 -19.19
CA GLN C 69 5.40 -3.60 -19.42
C GLN C 69 6.08 -2.23 -19.30
N ILE C 70 7.07 -2.10 -18.43
CA ILE C 70 7.81 -0.81 -18.26
C ILE C 70 8.62 -0.53 -19.51
N LEU C 71 9.26 -1.57 -20.10
CA LEU C 71 10.06 -1.48 -21.36
C LEU C 71 9.17 -1.04 -22.51
N TRP C 72 7.95 -1.59 -22.58
CA TRP C 72 6.92 -1.28 -23.62
C TRP C 72 6.50 0.19 -23.51
N GLU C 73 6.24 0.69 -22.30
CA GLU C 73 5.90 2.11 -22.08
C GLU C 73 7.14 2.92 -22.45
N LEU C 74 8.26 2.65 -21.81
CA LEU C 74 9.51 3.44 -21.98
C LEU C 74 9.90 3.55 -23.47
N ASP C 75 9.89 2.45 -24.21
CA ASP C 75 10.27 2.37 -25.66
C ASP C 75 9.30 3.24 -26.47
N SER C 76 8.01 3.23 -26.11
CA SER C 76 6.97 3.99 -26.86
C SER C 76 7.19 5.48 -26.60
N VAL C 77 7.72 5.86 -25.45
CA VAL C 77 8.01 7.28 -25.13
C VAL C 77 9.31 7.68 -25.81
N ARG C 78 10.32 6.82 -25.76
CA ARG C 78 11.58 6.98 -26.54
C ARG C 78 11.20 7.26 -28.00
N GLU C 79 10.35 6.41 -28.58
CA GLU C 79 10.03 6.50 -30.02
C GLU C 79 9.30 7.82 -30.32
N ILE C 80 8.51 8.37 -29.39
CA ILE C 80 7.69 9.62 -29.55
C ILE C 80 8.61 10.84 -29.52
N PHE C 81 9.74 10.78 -28.82
CA PHE C 81 10.77 11.84 -28.90
C PHE C 81 11.54 11.73 -30.23
N GLN C 82 11.92 10.51 -30.59
CA GLN C 82 12.92 10.23 -31.65
C GLN C 82 12.30 10.45 -33.05
N ASN C 83 11.02 10.15 -33.22
CA ASN C 83 10.30 10.31 -34.52
C ASN C 83 9.75 11.74 -34.69
N GLY C 84 9.96 12.64 -33.71
CA GLY C 84 9.62 14.07 -33.78
C GLY C 84 8.28 14.42 -33.15
N HIS C 85 7.35 13.46 -33.04
CA HIS C 85 5.97 13.63 -32.55
C HIS C 85 5.92 14.46 -31.26
N VAL C 86 6.90 14.35 -30.36
CA VAL C 86 6.90 15.13 -29.09
C VAL C 86 6.82 16.63 -29.41
N ARG C 87 7.32 17.05 -30.58
CA ARG C 87 7.27 18.47 -31.03
C ARG C 87 5.81 18.89 -31.20
N ASP C 88 4.91 17.96 -31.53
CA ASP C 88 3.44 18.17 -31.53
C ASP C 88 2.91 18.05 -30.09
N GLU C 89 2.57 19.17 -29.47
CA GLU C 89 2.24 19.22 -28.02
C GLU C 89 0.93 18.52 -27.69
N ARG C 90 0.17 18.07 -28.68
CA ARG C 90 -1.05 17.29 -28.35
C ARG C 90 -0.61 15.91 -27.83
N ASN C 91 0.66 15.56 -28.01
CA ASN C 91 1.21 14.23 -27.61
C ASN C 91 1.71 14.28 -26.17
N MET C 92 1.78 15.46 -25.56
CA MET C 92 2.33 15.60 -24.19
C MET C 92 1.47 14.83 -23.20
N LEU C 93 0.15 14.76 -23.41
CA LEU C 93 -0.74 14.06 -22.46
C LEU C 93 -0.35 12.57 -22.43
N LYS C 94 -0.23 11.94 -23.60
CA LYS C 94 0.16 10.53 -23.79
C LYS C 94 1.50 10.26 -23.09
N VAL C 95 2.46 11.16 -23.28
CA VAL C 95 3.86 11.02 -22.77
C VAL C 95 3.82 11.02 -21.24
N VAL C 96 3.24 12.05 -20.63
CA VAL C 96 3.23 12.19 -19.14
C VAL C 96 2.40 11.05 -18.55
N SER C 97 1.38 10.59 -19.26
CA SER C 97 0.47 9.51 -18.80
C SER C 97 1.23 8.19 -18.85
N ARG C 98 2.07 7.97 -19.86
CA ARG C 98 2.81 6.68 -19.94
C ARG C 98 3.95 6.70 -18.93
N MET C 99 4.57 7.87 -18.70
CA MET C 99 5.68 8.03 -17.73
C MET C 99 5.08 7.81 -16.33
N HIS C 100 3.94 8.45 -16.06
CA HIS C 100 3.18 8.26 -14.79
C HIS C 100 2.90 6.77 -14.56
N ARG C 101 2.49 6.05 -15.61
CA ARG C 101 2.14 4.61 -15.53
C ARG C 101 3.38 3.81 -15.07
N VAL C 102 4.58 4.20 -15.51
CA VAL C 102 5.83 3.47 -15.16
C VAL C 102 6.00 3.63 -13.65
N SER C 103 5.66 4.81 -13.13
CA SER C 103 5.74 5.13 -11.68
C SER C 103 4.79 4.22 -10.89
N VAL C 104 3.56 4.07 -11.35
CA VAL C 104 2.55 3.27 -10.61
C VAL C 104 3.04 1.82 -10.59
N ILE C 105 3.56 1.31 -11.71
CA ILE C 105 4.08 -0.08 -11.80
C ILE C 105 5.25 -0.23 -10.83
N LEU C 106 6.18 0.72 -10.82
CA LEU C 106 7.34 0.67 -9.92
C LEU C 106 6.86 0.68 -8.45
N LYS C 107 5.85 1.50 -8.09
CA LYS C 107 5.28 1.52 -6.72
C LYS C 107 4.80 0.11 -6.32
N LEU C 108 4.12 -0.58 -7.21
CA LEU C 108 3.71 -1.99 -6.96
C LEU C 108 4.95 -2.89 -6.85
N LEU C 109 5.99 -2.64 -7.63
CA LEU C 109 7.18 -3.53 -7.64
C LEU C 109 7.92 -3.38 -6.30
N VAL C 110 7.96 -2.18 -5.74
CA VAL C 110 8.47 -1.89 -4.38
C VAL C 110 7.60 -2.60 -3.34
N GLN C 111 6.28 -2.44 -3.37
CA GLN C 111 5.35 -3.12 -2.43
C GLN C 111 5.50 -4.64 -2.53
N GLN C 112 5.87 -5.16 -3.69
CA GLN C 112 5.81 -6.61 -3.99
C GLN C 112 6.86 -7.37 -3.15
N PHE C 113 7.93 -6.72 -2.68
CA PHE C 113 8.93 -7.37 -1.80
C PHE C 113 8.23 -7.90 -0.55
N SER C 114 7.18 -7.22 -0.06
CA SER C 114 6.38 -7.63 1.11
C SER C 114 5.97 -9.11 0.98
N ILE C 115 5.67 -9.59 -0.23
CA ILE C 115 5.27 -11.00 -0.50
C ILE C 115 6.45 -11.94 -0.24
N LEU C 116 7.62 -11.62 -0.77
CA LEU C 116 8.76 -12.56 -0.72
C LEU C 116 9.30 -12.57 0.73
N GLU C 117 9.05 -11.50 1.45
CA GLU C 117 9.46 -11.41 2.88
C GLU C 117 8.57 -12.30 3.77
N THR C 118 7.48 -12.91 3.28
CA THR C 118 6.73 -13.91 4.06
C THR C 118 7.49 -15.26 4.02
N MET C 119 8.60 -15.32 3.30
CA MET C 119 9.54 -16.47 3.26
C MET C 119 10.65 -16.18 4.27
N THR C 120 10.90 -17.08 5.22
CA THR C 120 11.99 -16.92 6.22
C THR C 120 13.32 -17.28 5.58
N ALA C 121 14.39 -16.66 6.05
CA ALA C 121 15.77 -17.04 5.70
C ALA C 121 15.92 -18.57 5.88
N LEU C 122 15.43 -19.13 6.98
CA LEU C 122 15.61 -20.59 7.26
C LEU C 122 15.12 -21.37 6.05
N ASP C 123 13.92 -21.04 5.57
CA ASP C 123 13.21 -21.81 4.51
C ASP C 123 13.89 -21.53 3.15
N PHE C 124 14.35 -20.31 2.97
CA PHE C 124 15.09 -19.92 1.75
C PHE C 124 16.31 -20.82 1.69
N ASN C 125 17.06 -20.81 2.79
CA ASN C 125 18.29 -21.62 3.02
C ASN C 125 18.08 -23.08 2.57
N ASP C 126 16.86 -23.62 2.64
CA ASP C 126 16.61 -25.05 2.30
C ASP C 126 16.63 -25.31 0.78
N PHE C 127 16.49 -24.31 -0.08
CA PHE C 127 16.51 -24.60 -1.55
C PHE C 127 17.53 -23.72 -2.24
N ARG C 128 18.20 -22.81 -1.53
CA ARG C 128 19.16 -21.85 -2.10
C ARG C 128 20.26 -22.59 -2.87
N GLU C 129 20.71 -23.73 -2.36
CA GLU C 129 21.81 -24.53 -2.96
C GLU C 129 21.52 -24.78 -4.45
N TYR C 130 20.25 -25.02 -4.83
CA TYR C 130 19.87 -25.43 -6.21
C TYR C 130 19.89 -24.25 -7.19
N LEU C 131 20.09 -23.01 -6.73
CA LEU C 131 20.08 -21.78 -7.58
C LEU C 131 21.48 -21.50 -8.13
N SER C 132 22.52 -22.09 -7.55
CA SER C 132 23.93 -21.82 -7.92
C SER C 132 24.21 -22.29 -9.35
N PRO C 133 24.83 -21.45 -10.20
CA PRO C 133 25.17 -20.07 -9.85
C PRO C 133 24.27 -18.97 -10.45
N ALA C 134 22.96 -19.20 -10.64
CA ALA C 134 22.03 -18.20 -11.23
C ALA C 134 21.84 -17.01 -10.27
N SER C 135 21.46 -15.83 -10.78
CA SER C 135 21.22 -14.60 -9.99
C SER C 135 20.48 -13.51 -10.80
N GLY C 136 20.04 -12.48 -10.08
CA GLY C 136 19.49 -11.23 -10.64
C GLY C 136 20.42 -10.59 -11.66
N PHE C 137 21.75 -10.73 -11.53
CA PHE C 137 22.75 -10.17 -12.47
C PHE C 137 22.48 -10.60 -13.91
N GLN C 138 21.71 -11.69 -14.07
CA GLN C 138 21.39 -12.33 -15.37
C GLN C 138 19.98 -11.94 -15.81
N SER C 139 19.32 -10.99 -15.15
CA SER C 139 18.04 -10.43 -15.62
C SER C 139 18.32 -9.43 -16.74
N LEU C 140 18.05 -9.86 -17.97
CA LEU C 140 18.22 -9.03 -19.18
C LEU C 140 17.34 -7.79 -19.08
N GLN C 141 16.07 -8.00 -18.72
CA GLN C 141 15.08 -6.89 -18.70
C GLN C 141 15.54 -5.83 -17.69
N PHE C 142 16.06 -6.19 -16.51
CA PHE C 142 16.50 -5.17 -15.52
C PHE C 142 17.57 -4.29 -16.17
N ARG C 143 18.51 -4.87 -16.90
CA ARG C 143 19.65 -4.12 -17.51
C ARG C 143 19.13 -3.25 -18.66
N LEU C 144 18.33 -3.82 -19.57
CA LEU C 144 17.68 -3.08 -20.68
C LEU C 144 17.00 -1.83 -20.10
N LEU C 145 16.30 -2.00 -18.98
CA LEU C 145 15.55 -0.91 -18.31
C LEU C 145 16.54 0.15 -17.83
N GLU C 146 17.58 -0.25 -17.10
CA GLU C 146 18.65 0.67 -16.61
C GLU C 146 19.27 1.42 -17.82
N ASN C 147 19.57 0.70 -18.89
CA ASN C 147 20.28 1.30 -20.04
C ASN C 147 19.32 2.29 -20.73
N LYS C 148 18.11 1.84 -21.10
CA LYS C 148 17.10 2.66 -21.81
C LYS C 148 16.75 3.94 -21.03
N ILE C 149 16.78 3.93 -19.70
CA ILE C 149 16.49 5.18 -18.94
C ILE C 149 17.71 6.09 -19.10
N GLY C 150 18.92 5.55 -18.89
CA GLY C 150 20.18 6.21 -19.26
C GLY C 150 21.28 6.04 -18.23
N VAL C 151 21.33 4.92 -17.52
CA VAL C 151 22.46 4.63 -16.59
C VAL C 151 23.69 4.39 -17.46
N LEU C 152 24.81 5.05 -17.18
CA LEU C 152 26.06 4.86 -17.96
C LEU C 152 26.91 3.74 -17.33
N GLN C 153 27.51 2.89 -18.17
CA GLN C 153 28.30 1.72 -17.72
C GLN C 153 29.61 2.19 -17.04
N ASN C 154 30.12 3.38 -17.39
CA ASN C 154 31.38 3.94 -16.80
C ASN C 154 31.13 4.50 -15.40
N MET C 155 29.87 4.61 -14.97
CA MET C 155 29.48 5.10 -13.62
C MET C 155 29.00 3.94 -12.74
N ARG C 156 28.85 2.74 -13.31
CA ARG C 156 28.42 1.51 -12.58
C ARG C 156 29.51 1.11 -11.58
N VAL C 157 29.11 0.59 -10.42
CA VAL C 157 30.02 -0.03 -9.41
C VAL C 157 30.25 -1.47 -9.88
N PRO C 158 31.51 -1.92 -10.10
CA PRO C 158 31.77 -3.24 -10.68
C PRO C 158 31.52 -4.45 -9.76
N HIS C 163 32.75 -6.26 -16.04
CA HIS C 163 31.56 -5.72 -16.74
C HIS C 163 30.35 -6.58 -16.40
N TYR C 164 29.15 -5.98 -16.39
CA TYR C 164 27.86 -6.67 -16.07
C TYR C 164 27.45 -7.55 -17.25
N ARG C 165 27.85 -7.18 -18.49
CA ARG C 165 27.56 -7.90 -19.76
C ARG C 165 28.25 -9.26 -19.79
N ASP C 166 29.34 -9.43 -19.03
CA ASP C 166 30.10 -10.71 -18.87
C ASP C 166 29.15 -11.84 -18.48
N ASN C 167 27.98 -11.49 -17.92
CA ASN C 167 26.91 -12.43 -17.52
C ASN C 167 26.15 -12.93 -18.76
N PHE C 168 26.15 -12.13 -19.84
CA PHE C 168 25.27 -12.32 -21.03
C PHE C 168 26.13 -12.73 -22.23
N LYS C 169 25.52 -13.45 -23.18
CA LYS C 169 26.14 -13.97 -24.42
C LYS C 169 25.04 -14.22 -25.47
N GLY C 170 25.40 -14.37 -26.75
CA GLY C 170 24.46 -14.62 -27.85
C GLY C 170 23.62 -13.39 -28.16
N GLU C 171 22.34 -13.59 -28.52
CA GLU C 171 21.38 -12.51 -28.93
C GLU C 171 21.09 -11.54 -27.77
N GLU C 172 21.17 -12.01 -26.52
CA GLU C 172 20.93 -11.16 -25.33
C GLU C 172 22.05 -10.11 -25.20
N ASN C 173 23.30 -10.48 -25.47
CA ASN C 173 24.44 -9.53 -25.42
C ASN C 173 24.24 -8.47 -26.52
N GLU C 174 23.60 -8.83 -27.64
CA GLU C 174 23.27 -7.91 -28.76
C GLU C 174 22.27 -6.86 -28.25
N LEU C 175 21.03 -7.27 -27.99
CA LEU C 175 19.94 -6.40 -27.42
C LEU C 175 20.58 -5.43 -26.42
N LEU C 176 21.33 -5.98 -25.47
CA LEU C 176 21.99 -5.22 -24.37
C LEU C 176 22.91 -4.17 -24.98
N LEU C 177 23.71 -4.54 -25.97
CA LEU C 177 24.65 -3.61 -26.65
C LEU C 177 23.84 -2.49 -27.32
N LYS C 178 22.83 -2.83 -28.12
CA LYS C 178 21.90 -1.86 -28.78
C LYS C 178 21.40 -0.87 -27.73
N SER C 179 21.04 -1.36 -26.54
CA SER C 179 20.37 -0.57 -25.48
C SER C 179 21.32 0.49 -24.90
N GLU C 180 22.64 0.36 -25.08
CA GLU C 180 23.63 1.38 -24.60
C GLU C 180 23.87 2.40 -25.69
N GLN C 181 23.83 1.97 -26.96
CA GLN C 181 24.20 2.77 -28.15
C GLN C 181 23.00 3.61 -28.61
N GLU C 182 21.85 2.96 -28.85
CA GLU C 182 20.57 3.64 -29.18
C GLU C 182 20.33 4.75 -28.15
N LYS C 183 19.59 5.78 -28.52
CA LYS C 183 19.44 7.00 -27.68
C LYS C 183 18.60 6.67 -26.43
N THR C 184 19.06 7.16 -25.28
CA THR C 184 18.45 6.90 -23.97
C THR C 184 17.32 7.90 -23.74
N LEU C 185 16.48 7.66 -22.72
CA LEU C 185 15.39 8.57 -22.36
C LEU C 185 16.00 9.92 -21.96
N LEU C 186 17.14 9.90 -21.27
CA LEU C 186 17.86 11.11 -20.79
C LEU C 186 18.30 11.98 -21.98
N GLU C 187 18.88 11.34 -23.00
CA GLU C 187 19.39 12.01 -24.22
C GLU C 187 18.20 12.64 -24.96
N LEU C 188 17.13 11.87 -25.14
CA LEU C 188 15.96 12.36 -25.91
C LEU C 188 15.36 13.52 -25.14
N VAL C 189 15.23 13.35 -23.83
CA VAL C 189 14.72 14.42 -22.92
C VAL C 189 15.67 15.61 -22.98
N GLU C 190 16.98 15.38 -23.15
CA GLU C 190 18.03 16.44 -23.26
C GLU C 190 17.76 17.32 -24.49
N ALA C 191 17.85 16.73 -25.68
CA ALA C 191 17.49 17.38 -26.97
C ALA C 191 16.25 18.25 -26.75
N TRP C 192 15.16 17.62 -26.27
CA TRP C 192 13.85 18.29 -26.05
C TRP C 192 14.02 19.49 -25.10
N LEU C 193 14.77 19.36 -24.00
CA LEU C 193 14.98 20.48 -23.05
C LEU C 193 15.79 21.60 -23.73
N GLU C 194 16.75 21.24 -24.60
CA GLU C 194 17.62 22.19 -25.36
C GLU C 194 16.73 23.11 -26.25
N ARG C 195 15.65 22.61 -26.85
CA ARG C 195 14.73 23.38 -27.74
C ARG C 195 13.61 24.09 -26.96
N THR C 196 13.74 24.31 -25.65
CA THR C 196 12.67 24.88 -24.79
C THR C 196 12.47 26.34 -25.14
N PRO C 197 11.23 26.78 -25.45
CA PRO C 197 10.94 28.19 -25.68
C PRO C 197 11.48 29.08 -24.55
N GLY C 198 12.22 30.13 -24.91
CA GLY C 198 12.53 31.27 -24.01
C GLY C 198 14.01 31.42 -23.72
N LEU C 199 14.86 30.51 -24.19
CA LEU C 199 16.31 30.54 -23.90
C LEU C 199 17.06 31.36 -24.95
N GLU C 200 16.48 31.52 -26.14
CA GLU C 200 16.98 32.38 -27.26
C GLU C 200 17.57 33.67 -26.68
N PRO C 201 18.87 33.97 -26.91
CA PRO C 201 19.49 35.20 -26.39
C PRO C 201 18.84 36.50 -26.91
N HIS C 202 18.35 36.52 -28.16
CA HIS C 202 17.67 37.68 -28.80
C HIS C 202 16.14 37.46 -28.81
N GLY C 203 15.65 36.55 -27.97
CA GLY C 203 14.21 36.35 -27.70
C GLY C 203 13.83 36.92 -26.34
N PHE C 204 13.33 36.07 -25.43
CA PHE C 204 13.01 36.40 -24.02
C PHE C 204 14.31 36.46 -23.20
N ASN C 205 15.35 35.75 -23.67
CA ASN C 205 16.71 35.73 -23.06
C ASN C 205 16.57 35.43 -21.56
N PHE C 206 16.14 34.21 -21.23
CA PHE C 206 15.89 33.77 -19.83
C PHE C 206 17.21 33.87 -19.05
N TRP C 207 18.28 33.29 -19.63
CA TRP C 207 19.57 33.09 -18.92
C TRP C 207 20.21 34.44 -18.57
N GLY C 208 20.28 35.37 -19.52
CA GLY C 208 20.86 36.71 -19.31
C GLY C 208 20.12 37.44 -18.19
N LYS C 209 18.78 37.43 -18.26
CA LYS C 209 17.90 38.16 -17.32
C LYS C 209 17.99 37.52 -15.94
N LEU C 210 18.26 36.22 -15.86
CA LEU C 210 18.37 35.53 -14.55
C LEU C 210 19.66 35.98 -13.88
N GLU C 211 20.77 36.02 -14.63
CA GLU C 211 22.10 36.47 -14.12
C GLU C 211 22.00 37.93 -13.65
N LYS C 212 21.34 38.79 -14.44
CA LYS C 212 21.05 40.19 -14.05
C LYS C 212 20.34 40.19 -12.69
N ASN C 213 19.34 39.32 -12.52
CA ASN C 213 18.37 39.39 -11.40
C ASN C 213 18.94 38.76 -10.12
N ILE C 214 19.72 37.67 -10.21
CA ILE C 214 20.35 37.04 -9.01
C ILE C 214 21.38 38.05 -8.46
N THR C 215 22.18 38.66 -9.36
CA THR C 215 23.24 39.66 -9.07
C THR C 215 22.63 40.89 -8.36
N ARG C 216 21.52 41.41 -8.89
CA ARG C 216 20.82 42.64 -8.42
C ARG C 216 20.15 42.43 -7.05
N GLY C 217 19.91 41.17 -6.66
CA GLY C 217 19.24 40.83 -5.39
C GLY C 217 20.25 40.52 -4.30
N LEU C 218 21.39 39.93 -4.67
CA LEU C 218 22.51 39.59 -3.78
C LEU C 218 23.17 40.90 -3.32
N GLU C 219 22.56 41.53 -2.31
CA GLU C 219 23.10 42.72 -1.59
C GLU C 219 22.64 42.65 -0.10
N GLU C 220 21.42 42.12 0.13
CA GLU C 220 20.86 41.74 1.45
C GLU C 220 19.47 41.11 1.25
N VAL C 238 27.29 36.58 11.15
CA VAL C 238 26.63 35.25 11.08
C VAL C 238 26.06 35.01 9.67
N ALA C 239 26.29 35.92 8.71
CA ALA C 239 25.66 35.98 7.37
C ALA C 239 26.05 34.76 6.51
N GLU C 240 25.09 33.85 6.31
CA GLU C 240 25.17 32.68 5.38
C GLU C 240 25.20 33.19 3.93
N PHE C 241 24.79 34.44 3.69
CA PHE C 241 24.71 35.14 2.38
C PHE C 241 25.94 34.83 1.52
N GLN C 242 27.14 34.79 2.13
CA GLN C 242 28.45 34.57 1.41
C GLN C 242 28.44 33.18 0.76
N LYS C 243 27.99 32.15 1.50
CA LYS C 243 27.83 30.76 0.98
C LYS C 243 26.75 30.73 -0.10
N GLN C 244 25.58 31.34 0.15
CA GLN C 244 24.40 31.39 -0.75
C GLN C 244 24.74 32.10 -2.06
N LYS C 245 25.52 33.19 -2.04
CA LYS C 245 25.95 33.93 -3.27
C LYS C 245 26.96 33.08 -4.06
N GLU C 246 27.87 32.38 -3.38
CA GLU C 246 28.97 31.60 -4.04
C GLU C 246 28.36 30.47 -4.88
N VAL C 247 27.28 29.83 -4.38
CA VAL C 247 26.68 28.60 -4.99
C VAL C 247 25.73 29.02 -6.12
N LEU C 248 24.86 30.02 -5.87
CA LEU C 248 23.96 30.56 -6.91
C LEU C 248 24.80 30.87 -8.15
N LEU C 249 25.75 31.80 -8.03
CA LEU C 249 26.45 32.39 -9.20
C LEU C 249 27.22 31.32 -9.99
N SER C 250 27.62 30.21 -9.35
CA SER C 250 28.31 29.07 -10.02
C SER C 250 27.36 28.33 -10.98
N LEU C 251 26.08 28.72 -11.02
CA LEU C 251 25.06 28.27 -12.00
C LEU C 251 25.41 28.81 -13.40
N PHE C 252 26.02 30.00 -13.46
CA PHE C 252 26.37 30.72 -14.71
C PHE C 252 27.79 30.35 -15.16
N ASP C 253 28.52 29.63 -14.32
CA ASP C 253 29.88 29.12 -14.64
C ASP C 253 29.73 27.95 -15.60
N GLU C 254 29.53 28.24 -16.89
CA GLU C 254 29.41 27.22 -17.96
C GLU C 254 30.59 26.24 -17.91
N LYS C 255 31.76 26.69 -17.41
CA LYS C 255 33.03 25.90 -17.41
C LYS C 255 33.00 24.84 -16.32
N ARG C 256 32.64 25.25 -15.09
CA ARG C 256 32.47 24.33 -13.93
C ARG C 256 31.54 23.18 -14.34
N HIS C 257 30.40 23.51 -14.95
CA HIS C 257 29.42 22.55 -15.50
C HIS C 257 30.11 21.58 -16.45
N GLU C 258 30.84 22.10 -17.44
CA GLU C 258 31.63 21.30 -18.42
C GLU C 258 32.44 20.24 -17.67
N HIS C 259 33.16 20.65 -16.62
CA HIS C 259 34.09 19.78 -15.83
C HIS C 259 33.27 18.71 -15.11
N LEU C 260 32.29 19.12 -14.30
CA LEU C 260 31.39 18.23 -13.52
C LEU C 260 30.63 17.27 -14.46
N LEU C 261 30.29 17.71 -15.68
CA LEU C 261 29.56 16.91 -16.71
C LEU C 261 30.45 15.76 -17.18
N SER C 262 31.62 16.06 -17.75
CA SER C 262 32.62 15.07 -18.22
C SER C 262 32.93 14.06 -17.10
N LYS C 263 33.13 14.56 -15.88
CA LYS C 263 33.39 13.76 -14.64
C LYS C 263 32.24 12.77 -14.41
N GLY C 264 30.99 13.21 -14.66
CA GLY C 264 29.78 12.36 -14.57
C GLY C 264 28.89 12.69 -13.38
N GLU C 265 29.27 13.68 -12.57
CA GLU C 265 28.48 14.18 -11.41
C GLU C 265 27.25 14.97 -11.88
N ARG C 266 27.26 15.42 -13.15
CA ARG C 266 26.11 16.00 -13.89
C ARG C 266 25.92 15.20 -15.18
N ARG C 267 24.71 15.21 -15.75
CA ARG C 267 24.36 14.39 -16.93
C ARG C 267 23.80 15.25 -18.07
N LEU C 268 23.19 16.40 -17.78
CA LEU C 268 22.52 17.25 -18.81
C LEU C 268 23.53 18.25 -19.38
N SER C 269 23.37 18.55 -20.66
CA SER C 269 23.92 19.77 -21.33
C SER C 269 23.60 20.99 -20.47
N TYR C 270 24.46 22.02 -20.56
CA TYR C 270 24.29 23.32 -19.87
C TYR C 270 22.95 23.96 -20.28
N ARG C 271 22.63 23.87 -21.59
CA ARG C 271 21.43 24.49 -22.20
C ARG C 271 20.16 23.72 -21.76
N ALA C 272 20.18 22.38 -21.79
CA ALA C 272 19.12 21.51 -21.24
C ALA C 272 18.78 21.94 -19.81
N LEU C 273 19.80 22.25 -19.02
CA LEU C 273 19.65 22.63 -17.59
C LEU C 273 18.97 24.00 -17.51
N GLN C 274 19.19 24.84 -18.52
CA GLN C 274 18.51 26.16 -18.65
C GLN C 274 17.00 25.92 -18.91
N GLY C 275 16.70 25.03 -19.88
CA GLY C 275 15.31 24.63 -20.23
C GLY C 275 14.57 24.08 -19.02
N ALA C 276 15.20 23.14 -18.32
CA ALA C 276 14.68 22.55 -17.07
C ALA C 276 14.26 23.70 -16.17
N LEU C 277 15.17 24.65 -15.94
CA LEU C 277 14.95 25.68 -14.88
C LEU C 277 13.85 26.65 -15.34
N MET C 278 13.80 26.88 -16.65
CA MET C 278 12.76 27.69 -17.32
C MET C 278 11.40 27.10 -16.94
N ILE C 279 11.24 25.78 -17.14
CA ILE C 279 9.97 25.02 -16.94
C ILE C 279 9.62 25.03 -15.46
N TYR C 280 10.59 24.91 -14.55
CA TYR C 280 10.31 25.00 -13.10
C TYR C 280 9.69 26.37 -12.78
N PHE C 281 10.37 27.45 -13.15
CA PHE C 281 10.02 28.82 -12.72
C PHE C 281 8.70 29.27 -13.35
N TYR C 282 8.45 28.90 -14.61
CA TYR C 282 7.26 29.32 -15.39
C TYR C 282 6.26 28.16 -15.57
N ARG C 283 6.25 27.21 -14.62
CA ARG C 283 5.49 25.93 -14.71
C ARG C 283 3.99 26.21 -14.90
N GLU C 284 3.46 27.30 -14.34
CA GLU C 284 2.00 27.63 -14.40
C GLU C 284 1.64 28.10 -15.83
N GLU C 285 2.58 28.56 -16.64
CA GLU C 285 2.25 29.02 -18.02
C GLU C 285 1.63 27.86 -18.77
N PRO C 286 0.45 28.03 -19.42
CA PRO C 286 -0.24 26.92 -20.05
C PRO C 286 0.68 25.91 -20.73
N ARG C 287 1.62 26.37 -21.56
CA ARG C 287 2.47 25.48 -22.39
C ARG C 287 3.48 24.71 -21.52
N PHE C 288 3.67 25.13 -20.27
CA PHE C 288 4.70 24.57 -19.36
C PHE C 288 4.10 23.57 -18.38
N GLN C 289 2.79 23.55 -18.22
CA GLN C 289 2.11 22.76 -17.17
C GLN C 289 2.47 21.28 -17.36
N VAL C 290 2.16 20.70 -18.53
CA VAL C 290 2.35 19.23 -18.72
C VAL C 290 3.83 18.89 -18.85
N PRO C 291 4.68 19.74 -19.49
CA PRO C 291 6.13 19.59 -19.39
C PRO C 291 6.70 19.54 -17.96
N PHE C 292 6.18 20.34 -17.04
CA PHE C 292 6.57 20.32 -15.61
C PHE C 292 6.16 18.99 -14.97
N GLN C 293 4.98 18.47 -15.36
CA GLN C 293 4.45 17.16 -14.87
C GLN C 293 5.42 16.08 -15.35
N LEU C 294 5.94 16.22 -16.57
CA LEU C 294 6.90 15.26 -17.15
C LEU C 294 8.21 15.28 -16.34
N LEU C 295 8.75 16.46 -16.00
CA LEU C 295 10.00 16.54 -15.22
C LEU C 295 9.76 15.89 -13.85
N THR C 296 8.62 16.20 -13.23
CA THR C 296 8.22 15.64 -11.91
C THR C 296 8.23 14.10 -11.98
N SER C 297 7.60 13.54 -13.00
CA SER C 297 7.47 12.07 -13.17
C SER C 297 8.83 11.45 -13.51
N LEU C 298 9.74 12.18 -14.15
CA LEU C 298 11.13 11.69 -14.42
C LEU C 298 11.88 11.55 -13.09
N MET C 299 11.82 12.55 -12.23
CA MET C 299 12.41 12.42 -10.88
C MET C 299 11.73 11.23 -10.15
N ASP C 300 10.38 11.14 -10.15
CA ASP C 300 9.60 10.02 -9.54
C ASP C 300 10.22 8.65 -9.94
N ILE C 301 10.59 8.47 -11.20
CA ILE C 301 11.08 7.16 -11.70
C ILE C 301 12.48 6.88 -11.13
N ASP C 302 13.31 7.90 -10.98
CA ASP C 302 14.64 7.77 -10.34
C ASP C 302 14.44 7.32 -8.89
N SER C 303 13.64 8.07 -8.12
CA SER C 303 13.29 7.77 -6.70
C SER C 303 12.86 6.29 -6.61
N LEU C 304 11.90 5.89 -7.43
CA LEU C 304 11.26 4.57 -7.28
C LEU C 304 12.27 3.49 -7.69
N MET C 305 13.17 3.75 -8.61
CA MET C 305 14.22 2.75 -8.93
C MET C 305 15.10 2.54 -7.70
N THR C 306 15.56 3.64 -7.13
CA THR C 306 16.41 3.67 -5.91
C THR C 306 15.62 3.02 -4.75
N LYS C 307 14.31 3.23 -4.68
CA LYS C 307 13.49 2.63 -3.60
C LYS C 307 13.44 1.12 -3.85
N TRP C 308 13.44 0.69 -5.11
CA TRP C 308 13.38 -0.75 -5.46
C TRP C 308 14.69 -1.36 -5.01
N ARG C 309 15.78 -0.65 -5.29
CA ARG C 309 17.17 -1.07 -4.97
C ARG C 309 17.30 -1.24 -3.46
N TYR C 310 16.83 -0.25 -2.70
CA TYR C 310 16.96 -0.25 -1.22
C TYR C 310 16.09 -1.36 -0.59
N ASN C 311 14.84 -1.53 -1.04
CA ASN C 311 13.97 -2.62 -0.55
C ASN C 311 14.62 -3.97 -0.85
N HIS C 312 15.19 -4.16 -2.04
CA HIS C 312 15.91 -5.42 -2.41
C HIS C 312 16.97 -5.69 -1.33
N VAL C 313 17.86 -4.72 -1.12
CA VAL C 313 18.93 -4.72 -0.07
C VAL C 313 18.40 -5.15 1.30
N CYS C 314 17.33 -4.50 1.81
CA CYS C 314 16.76 -4.76 3.16
C CYS C 314 16.39 -6.24 3.25
N MET C 315 15.78 -6.78 2.19
CA MET C 315 15.32 -8.19 2.17
C MET C 315 16.53 -9.14 2.05
N VAL C 316 17.46 -8.85 1.14
CA VAL C 316 18.71 -9.65 0.97
C VAL C 316 19.48 -9.68 2.31
N HIS C 317 19.50 -8.59 3.08
CA HIS C 317 20.18 -8.54 4.39
C HIS C 317 19.59 -9.59 5.34
N ARG C 318 18.28 -9.63 5.52
CA ARG C 318 17.60 -10.66 6.35
C ARG C 318 17.84 -12.05 5.74
N MET C 319 17.97 -12.20 4.42
CA MET C 319 17.95 -13.54 3.77
C MET C 319 19.32 -14.23 3.88
N LEU C 320 20.41 -13.50 3.58
CA LEU C 320 21.79 -14.02 3.47
C LEU C 320 22.68 -13.53 4.63
N GLY C 321 22.41 -12.38 5.23
CA GLY C 321 23.32 -11.72 6.18
C GLY C 321 24.50 -11.12 5.44
N SER C 322 25.72 -11.35 5.91
CA SER C 322 26.97 -10.88 5.25
C SER C 322 27.62 -12.00 4.42
N LYS C 323 26.86 -13.04 4.06
CA LYS C 323 27.24 -14.11 3.09
C LYS C 323 27.48 -13.50 1.69
N ALA C 324 28.25 -14.22 0.86
CA ALA C 324 28.43 -13.98 -0.58
C ALA C 324 27.16 -14.42 -1.34
N GLY C 325 26.82 -13.72 -2.42
CA GLY C 325 25.67 -14.09 -3.29
C GLY C 325 26.06 -15.16 -4.30
N THR C 326 25.08 -15.93 -4.79
CA THR C 326 25.29 -17.12 -5.66
C THR C 326 25.99 -16.70 -6.97
N GLY C 327 25.87 -15.43 -7.37
CA GLY C 327 26.46 -14.88 -8.60
C GLY C 327 27.88 -14.38 -8.40
N GLY C 328 28.51 -14.67 -7.25
CA GLY C 328 29.93 -14.42 -6.99
C GLY C 328 30.20 -13.28 -6.03
N SER C 329 29.47 -12.16 -6.17
CA SER C 329 29.71 -10.89 -5.43
C SER C 329 29.47 -11.09 -3.92
N SER C 330 30.11 -10.26 -3.08
CA SER C 330 29.69 -10.00 -1.67
C SER C 330 28.33 -9.31 -1.77
N GLY C 331 27.26 -10.09 -1.72
CA GLY C 331 25.93 -9.66 -2.15
C GLY C 331 25.59 -8.32 -1.55
N TYR C 332 25.41 -8.33 -0.23
CA TYR C 332 24.79 -7.25 0.57
C TYR C 332 25.53 -5.91 0.34
N HIS C 333 26.86 -5.86 0.52
CA HIS C 333 27.63 -4.58 0.49
C HIS C 333 27.65 -4.03 -0.96
N TYR C 334 27.76 -4.89 -1.99
CA TYR C 334 27.71 -4.44 -3.41
C TYR C 334 26.34 -3.77 -3.70
N LEU C 335 25.22 -4.45 -3.38
CA LEU C 335 23.84 -3.92 -3.57
C LEU C 335 23.66 -2.58 -2.81
N ARG C 336 24.27 -2.38 -1.64
CA ARG C 336 24.26 -1.06 -0.94
C ARG C 336 24.91 0.03 -1.80
N SER C 337 25.93 -0.31 -2.60
CA SER C 337 26.69 0.64 -3.44
C SER C 337 25.81 1.12 -4.61
N THR C 338 24.90 0.30 -5.14
CA THR C 338 23.96 0.66 -6.24
C THR C 338 22.96 1.74 -5.77
N VAL C 339 22.68 1.86 -4.47
CA VAL C 339 21.78 2.87 -3.85
C VAL C 339 22.58 4.17 -3.67
N SER C 340 22.90 4.87 -4.76
CA SER C 340 23.64 6.16 -4.75
C SER C 340 23.36 6.96 -6.02
N ASP C 341 23.82 8.21 -6.07
CA ASP C 341 23.52 9.16 -7.17
C ASP C 341 24.30 8.81 -8.45
N ARG C 342 25.23 7.85 -8.39
CA ARG C 342 25.84 7.22 -9.59
C ARG C 342 24.73 6.74 -10.53
N TYR C 343 23.60 6.32 -9.97
CA TYR C 343 22.54 5.58 -10.69
C TYR C 343 21.29 6.45 -10.90
N LYS C 344 21.24 7.65 -10.31
CA LYS C 344 20.19 8.68 -10.53
C LYS C 344 20.47 9.40 -11.86
N VAL C 345 19.87 8.92 -12.94
CA VAL C 345 20.00 9.48 -14.31
C VAL C 345 19.62 10.97 -14.33
N PHE C 346 18.57 11.37 -13.62
CA PHE C 346 17.95 12.72 -13.69
C PHE C 346 18.32 13.53 -12.44
N VAL C 347 19.48 13.20 -11.84
CA VAL C 347 20.06 13.87 -10.62
C VAL C 347 20.03 15.40 -10.78
N ASP C 348 20.24 15.87 -12.01
CA ASP C 348 20.25 17.32 -12.33
C ASP C 348 18.91 17.94 -11.90
N LEU C 349 17.79 17.28 -12.24
CA LEU C 349 16.43 17.80 -11.95
C LEU C 349 16.28 17.86 -10.44
N PHE C 350 16.87 16.91 -9.71
CA PHE C 350 16.86 16.95 -8.23
C PHE C 350 17.69 18.16 -7.75
N ASN C 351 18.88 18.35 -8.34
CA ASN C 351 19.94 19.27 -7.79
C ASN C 351 19.57 20.74 -8.04
N LEU C 352 18.76 21.01 -9.05
CA LEU C 352 18.21 22.35 -9.36
C LEU C 352 17.46 22.96 -8.17
N SER C 353 17.17 22.22 -7.10
CA SER C 353 16.49 22.75 -5.90
C SER C 353 17.44 23.67 -5.10
N THR C 354 18.74 23.43 -5.25
CA THR C 354 19.85 24.27 -4.74
C THR C 354 19.64 25.74 -5.15
N TYR C 355 19.35 25.96 -6.44
CA TYR C 355 19.38 27.27 -7.14
C TYR C 355 17.98 27.90 -7.17
N LEU C 356 17.17 27.64 -6.13
CA LEU C 356 15.80 28.21 -6.05
C LEU C 356 15.94 29.59 -5.39
N ILE C 357 15.18 30.56 -5.89
CA ILE C 357 15.25 31.99 -5.47
C ILE C 357 13.85 32.46 -5.11
N PRO C 358 13.73 33.59 -4.39
CA PRO C 358 12.43 34.23 -4.17
C PRO C 358 11.81 34.59 -5.52
N ARG C 359 10.48 34.58 -5.61
CA ARG C 359 9.76 34.68 -6.91
C ARG C 359 9.98 36.10 -7.46
N HIS C 360 10.03 37.13 -6.59
CA HIS C 360 10.16 38.55 -7.03
C HIS C 360 11.51 38.76 -7.74
N TRP C 361 12.50 37.86 -7.59
CA TRP C 361 13.74 37.86 -8.41
C TRP C 361 13.48 37.26 -9.80
N ILE C 362 12.62 36.25 -9.92
CA ILE C 362 12.44 35.52 -11.20
C ILE C 362 12.06 36.55 -12.24
N PRO C 363 12.69 36.55 -13.43
CA PRO C 363 12.37 37.52 -14.48
C PRO C 363 10.87 37.66 -14.76
N LYS C 364 10.29 38.82 -14.38
CA LYS C 364 8.90 39.22 -14.73
C LYS C 364 8.68 38.76 -16.17
N MET C 365 7.52 38.18 -16.47
CA MET C 365 7.15 37.78 -17.86
C MET C 365 6.17 38.81 -18.43
N ASN C 366 6.61 39.52 -19.47
CA ASN C 366 5.88 40.63 -20.13
C ASN C 366 4.65 40.06 -20.83
N PRO C 367 3.69 40.93 -21.25
CA PRO C 367 2.57 40.50 -22.10
C PRO C 367 2.88 39.82 -23.45
N THR C 368 4.11 39.91 -23.97
CA THR C 368 4.51 39.34 -25.30
C THR C 368 4.73 37.82 -25.20
N ILE C 369 5.59 37.36 -24.27
CA ILE C 369 6.03 35.93 -24.17
C ILE C 369 4.98 35.15 -23.37
N HIS C 370 4.12 35.83 -22.61
CA HIS C 370 2.83 35.28 -22.09
C HIS C 370 2.00 34.78 -23.27
N LYS C 371 1.92 35.57 -24.35
CA LYS C 371 1.14 35.29 -25.60
C LYS C 371 1.68 34.06 -26.32
N PHE C 372 3.01 33.86 -26.35
CA PHE C 372 3.70 32.74 -27.06
C PHE C 372 3.44 31.41 -26.33
N LEU C 373 3.30 31.45 -24.99
CA LEU C 373 3.17 30.26 -24.09
C LEU C 373 1.68 29.99 -23.73
N GLU C 374 0.74 30.46 -24.57
CA GLU C 374 -0.71 30.12 -24.57
C GLU C 374 -0.99 29.11 -25.70
N HIS C 375 -2.16 28.49 -25.67
CA HIS C 375 -2.46 27.28 -26.49
C HIS C 375 -3.19 27.68 -27.77
N GLY D 23 25.69 -24.80 -15.97
CA GLY D 23 25.30 -23.83 -14.91
C GLY D 23 23.85 -23.40 -15.09
N LEU D 24 23.11 -23.27 -13.98
CA LEU D 24 21.71 -22.76 -14.00
C LEU D 24 21.74 -21.27 -14.36
N ILE D 25 20.84 -20.85 -15.26
CA ILE D 25 20.72 -19.42 -15.70
C ILE D 25 19.32 -18.87 -15.35
N TYR D 26 19.30 -17.65 -14.81
CA TYR D 26 18.10 -16.92 -14.33
C TYR D 26 16.96 -17.16 -15.31
N GLY D 27 17.10 -16.72 -16.57
CA GLY D 27 16.03 -16.86 -17.58
C GLY D 27 15.54 -18.29 -17.72
N ASN D 28 16.45 -19.26 -17.71
CA ASN D 28 16.05 -20.67 -17.92
C ASN D 28 15.31 -21.16 -16.69
N TYR D 29 15.86 -20.89 -15.50
CA TYR D 29 15.27 -21.24 -14.19
C TYR D 29 13.80 -20.82 -14.10
N LEU D 30 13.54 -19.56 -14.46
CA LEU D 30 12.21 -18.92 -14.40
C LEU D 30 11.36 -19.30 -15.62
N HIS D 31 11.94 -20.02 -16.57
CA HIS D 31 11.30 -20.34 -17.88
C HIS D 31 10.73 -19.06 -18.51
N LEU D 32 11.57 -18.02 -18.59
CA LEU D 32 11.19 -16.74 -19.22
C LEU D 32 10.95 -16.93 -20.72
N GLU D 33 11.37 -18.03 -21.31
CA GLU D 33 11.21 -18.28 -22.77
C GLU D 33 9.73 -18.55 -23.03
N LYS D 34 8.97 -18.86 -21.98
CA LYS D 34 7.50 -19.01 -22.01
C LYS D 34 6.84 -17.70 -21.53
N VAL D 35 7.30 -17.17 -20.39
CA VAL D 35 6.56 -16.14 -19.61
C VAL D 35 6.56 -14.87 -20.43
N LEU D 36 7.71 -14.53 -21.02
CA LEU D 36 7.93 -13.29 -21.81
C LEU D 36 7.78 -13.56 -23.31
N ASN D 37 7.15 -14.67 -23.71
CA ASN D 37 6.69 -14.91 -25.10
C ASN D 37 5.25 -15.38 -25.06
N ALA D 38 4.40 -14.65 -24.33
CA ALA D 38 2.98 -15.00 -24.09
C ALA D 38 2.12 -13.76 -24.28
N GLN D 39 2.66 -12.77 -25.00
CA GLN D 39 2.07 -11.42 -25.16
C GLN D 39 1.72 -11.17 -26.64
N GLU D 40 0.51 -11.53 -27.04
CA GLU D 40 -0.08 -11.38 -28.39
C GLU D 40 -1.29 -10.44 -28.31
N LEU D 41 -1.06 -9.16 -28.62
CA LEU D 41 -2.10 -8.13 -28.82
C LEU D 41 -3.04 -8.60 -29.95
N GLN D 42 -4.32 -8.81 -29.66
CA GLN D 42 -5.35 -9.20 -30.66
C GLN D 42 -5.59 -8.03 -31.62
N SER D 43 -5.49 -6.80 -31.15
CA SER D 43 -5.52 -5.60 -32.04
C SER D 43 -4.43 -5.72 -33.11
N GLU D 44 -3.25 -6.24 -32.77
CA GLU D 44 -2.08 -6.26 -33.68
C GLU D 44 -2.28 -7.40 -34.69
N THR D 45 -2.78 -8.55 -34.25
CA THR D 45 -3.00 -9.74 -35.11
C THR D 45 -4.33 -9.59 -35.85
N LYS D 46 -4.90 -8.38 -35.86
CA LYS D 46 -5.96 -7.96 -36.79
C LYS D 46 -5.60 -6.60 -37.41
N GLY D 47 -4.31 -6.23 -37.42
CA GLY D 47 -3.74 -5.17 -38.26
C GLY D 47 -4.02 -3.75 -37.76
N ASN D 48 -4.44 -3.59 -36.50
CA ASN D 48 -4.71 -2.26 -35.87
C ASN D 48 -4.23 -2.24 -34.41
N LYS D 49 -2.91 -2.32 -34.19
CA LYS D 49 -2.27 -2.51 -32.86
C LYS D 49 -2.66 -1.31 -31.98
N ILE D 50 -3.27 -1.57 -30.81
CA ILE D 50 -3.52 -0.52 -29.78
C ILE D 50 -2.54 -0.70 -28.60
N HIS D 51 -1.84 0.36 -28.23
CA HIS D 51 -0.71 0.35 -27.26
C HIS D 51 -1.14 -0.23 -25.90
N ASP D 52 -2.32 0.16 -25.40
CA ASP D 52 -2.74 -0.14 -24.01
C ASP D 52 -3.16 -1.61 -23.93
N GLU D 53 -3.37 -2.28 -25.06
CA GLU D 53 -3.79 -3.70 -24.98
C GLU D 53 -2.69 -4.49 -24.27
N HIS D 54 -1.42 -4.09 -24.42
CA HIS D 54 -0.27 -4.75 -23.76
C HIS D 54 -0.46 -4.71 -22.25
N LEU D 55 -0.79 -3.55 -21.69
CA LEU D 55 -1.05 -3.37 -20.23
C LEU D 55 -2.15 -4.32 -19.81
N PHE D 56 -3.22 -4.39 -20.58
CA PHE D 56 -4.38 -5.26 -20.28
C PHE D 56 -3.87 -6.68 -20.11
N ILE D 57 -2.97 -7.12 -20.98
CA ILE D 57 -2.56 -8.55 -21.05
C ILE D 57 -1.64 -8.86 -19.86
N ILE D 58 -0.61 -8.04 -19.65
CA ILE D 58 0.36 -8.21 -18.54
C ILE D 58 -0.40 -8.26 -17.22
N THR D 59 -1.31 -7.30 -17.01
CA THR D 59 -2.08 -7.17 -15.75
C THR D 59 -2.76 -8.51 -15.43
N HIS D 60 -3.52 -9.05 -16.38
CA HIS D 60 -4.23 -10.35 -16.21
C HIS D 60 -3.22 -11.48 -15.93
N GLN D 61 -2.07 -11.45 -16.59
CA GLN D 61 -1.06 -12.52 -16.50
C GLN D 61 -0.41 -12.45 -15.11
N ALA D 62 -0.11 -11.25 -14.64
CA ALA D 62 0.34 -11.05 -13.23
C ALA D 62 -0.71 -11.65 -12.28
N TYR D 63 -1.99 -11.34 -12.47
CA TYR D 63 -3.06 -11.82 -11.54
C TYR D 63 -3.00 -13.34 -11.54
N GLU D 64 -2.86 -13.94 -12.72
CA GLU D 64 -2.99 -15.41 -12.89
C GLU D 64 -1.78 -16.09 -12.24
N LEU D 65 -0.57 -15.52 -12.41
CA LEU D 65 0.64 -16.00 -11.69
C LEU D 65 0.31 -16.05 -10.19
N TRP D 66 -0.26 -14.96 -9.65
CA TRP D 66 -0.54 -14.87 -8.19
C TRP D 66 -1.67 -15.80 -7.76
N PHE D 67 -2.72 -15.97 -8.57
CA PHE D 67 -3.78 -16.97 -8.26
C PHE D 67 -3.09 -18.32 -8.15
N LYS D 68 -2.16 -18.63 -9.06
CA LYS D 68 -1.46 -19.94 -9.00
C LYS D 68 -0.71 -20.05 -7.66
N GLN D 69 -0.05 -18.98 -7.19
CA GLN D 69 0.62 -19.02 -5.87
C GLN D 69 -0.43 -19.21 -4.76
N ILE D 70 -1.54 -18.52 -4.82
CA ILE D 70 -2.55 -18.64 -3.75
C ILE D 70 -3.02 -20.10 -3.75
N LEU D 71 -3.26 -20.71 -4.91
CA LEU D 71 -3.71 -22.13 -4.94
C LEU D 71 -2.61 -23.06 -4.37
N TRP D 72 -1.35 -22.80 -4.66
CA TRP D 72 -0.19 -23.60 -4.15
C TRP D 72 -0.21 -23.59 -2.62
N GLU D 73 -0.34 -22.40 -2.01
CA GLU D 73 -0.39 -22.21 -0.55
C GLU D 73 -1.63 -22.92 -0.03
N LEU D 74 -2.78 -22.55 -0.57
CA LEU D 74 -4.11 -23.00 -0.08
C LEU D 74 -4.24 -24.53 -0.19
N ASP D 75 -3.76 -25.15 -1.26
CA ASP D 75 -3.77 -26.64 -1.39
C ASP D 75 -2.86 -27.29 -0.32
N SER D 76 -1.63 -26.81 -0.10
CA SER D 76 -0.71 -27.39 0.90
C SER D 76 -1.39 -27.39 2.26
N VAL D 77 -2.21 -26.36 2.52
CA VAL D 77 -2.84 -26.12 3.86
C VAL D 77 -4.02 -27.07 3.98
N ARG D 78 -4.89 -27.13 2.97
CA ARG D 78 -5.99 -28.13 2.91
C ARG D 78 -5.40 -29.52 3.21
N GLU D 79 -4.28 -29.85 2.56
CA GLU D 79 -3.61 -31.16 2.64
C GLU D 79 -3.23 -31.40 4.10
N ILE D 80 -2.49 -30.48 4.70
CA ILE D 80 -2.03 -30.56 6.12
C ILE D 80 -3.24 -30.90 7.02
N PHE D 81 -4.40 -30.29 6.79
CA PHE D 81 -5.61 -30.62 7.56
C PHE D 81 -6.07 -32.03 7.21
N GLN D 82 -6.15 -32.33 5.91
CA GLN D 82 -6.85 -33.55 5.40
C GLN D 82 -6.10 -34.80 5.87
N ASN D 83 -4.77 -34.76 5.85
CA ASN D 83 -3.90 -35.93 6.17
C ASN D 83 -3.72 -36.08 7.69
N GLY D 84 -4.31 -35.22 8.50
CA GLY D 84 -4.25 -35.31 9.97
C GLY D 84 -2.97 -34.73 10.59
N HIS D 85 -2.10 -34.06 9.81
CA HIS D 85 -0.83 -33.47 10.32
C HIS D 85 -1.12 -32.29 11.25
N VAL D 86 -2.24 -31.58 11.02
CA VAL D 86 -2.64 -30.37 11.80
C VAL D 86 -2.87 -30.74 13.27
N ARG D 87 -3.16 -32.01 13.56
CA ARG D 87 -3.25 -32.60 14.93
C ARG D 87 -1.94 -32.33 15.68
N ASP D 88 -0.80 -32.50 15.01
CA ASP D 88 0.53 -32.15 15.55
C ASP D 88 0.65 -30.62 15.53
N GLU D 89 0.57 -30.02 16.71
CA GLU D 89 0.46 -28.55 16.85
C GLU D 89 1.79 -27.88 16.42
N ARG D 90 2.87 -28.63 16.17
CA ARG D 90 4.14 -28.03 15.65
C ARG D 90 3.92 -27.56 14.19
N ASN D 91 2.80 -27.89 13.56
CA ASN D 91 2.49 -27.51 12.16
C ASN D 91 1.72 -26.19 12.10
N MET D 92 1.30 -25.66 13.24
CA MET D 92 0.45 -24.44 13.28
C MET D 92 1.25 -23.23 12.77
N LEU D 93 2.57 -23.13 13.00
CA LEU D 93 3.35 -21.95 12.53
C LEU D 93 3.29 -21.92 11.01
N LYS D 94 3.42 -23.09 10.39
CA LYS D 94 3.44 -23.26 8.92
C LYS D 94 2.05 -22.92 8.38
N VAL D 95 0.98 -23.41 9.00
CA VAL D 95 -0.42 -23.17 8.52
C VAL D 95 -0.73 -21.67 8.53
N VAL D 96 -0.41 -21.00 9.61
CA VAL D 96 -0.74 -19.56 9.83
C VAL D 96 0.18 -18.69 8.98
N SER D 97 1.42 -19.10 8.74
CA SER D 97 2.36 -18.42 7.81
C SER D 97 1.81 -18.46 6.38
N ARG D 98 1.30 -19.61 5.92
CA ARG D 98 0.81 -19.75 4.54
C ARG D 98 -0.56 -19.05 4.38
N MET D 99 -1.40 -19.01 5.43
CA MET D 99 -2.69 -18.29 5.33
C MET D 99 -2.43 -16.78 5.38
N HIS D 100 -1.46 -16.33 6.15
CA HIS D 100 -1.08 -14.90 6.20
C HIS D 100 -0.47 -14.47 4.86
N ARG D 101 0.35 -15.35 4.26
CA ARG D 101 0.98 -15.12 2.94
C ARG D 101 -0.13 -14.92 1.90
N VAL D 102 -1.15 -15.78 1.90
CA VAL D 102 -2.29 -15.60 0.97
C VAL D 102 -2.89 -14.20 1.14
N SER D 103 -3.09 -13.75 2.36
CA SER D 103 -3.74 -12.44 2.59
C SER D 103 -2.78 -11.31 2.17
N VAL D 104 -1.44 -11.51 2.32
CA VAL D 104 -0.42 -10.53 1.84
C VAL D 104 -0.44 -10.44 0.30
N ILE D 105 -0.56 -11.59 -0.39
CA ILE D 105 -0.65 -11.65 -1.88
C ILE D 105 -1.94 -10.95 -2.31
N LEU D 106 -3.06 -11.26 -1.67
CA LEU D 106 -4.39 -10.69 -1.98
C LEU D 106 -4.37 -9.19 -1.77
N LYS D 107 -3.61 -8.69 -0.81
CA LYS D 107 -3.43 -7.22 -0.61
C LYS D 107 -2.77 -6.63 -1.85
N LEU D 108 -1.74 -7.26 -2.39
CA LEU D 108 -1.03 -6.69 -3.56
C LEU D 108 -1.97 -6.75 -4.77
N LEU D 109 -2.72 -7.84 -4.92
CA LEU D 109 -3.72 -8.00 -6.01
C LEU D 109 -4.76 -6.86 -5.94
N VAL D 110 -5.22 -6.47 -4.75
CA VAL D 110 -6.14 -5.31 -4.56
C VAL D 110 -5.41 -4.05 -5.05
N GLN D 111 -4.16 -3.86 -4.65
CA GLN D 111 -3.32 -2.70 -5.04
C GLN D 111 -3.15 -2.69 -6.57
N GLN D 112 -3.02 -3.87 -7.16
CA GLN D 112 -2.68 -4.06 -8.61
C GLN D 112 -3.70 -3.32 -9.51
N PHE D 113 -4.96 -3.14 -9.10
CA PHE D 113 -6.00 -2.48 -9.96
C PHE D 113 -5.56 -1.05 -10.34
N SER D 114 -4.83 -0.36 -9.48
CA SER D 114 -4.31 1.01 -9.74
C SER D 114 -3.52 1.04 -11.06
N ILE D 115 -2.83 -0.04 -11.42
CA ILE D 115 -2.01 -0.06 -12.67
C ILE D 115 -2.97 -0.01 -13.85
N LEU D 116 -4.03 -0.80 -13.82
CA LEU D 116 -5.00 -0.85 -14.94
C LEU D 116 -5.83 0.44 -14.95
N GLU D 117 -5.91 1.18 -13.85
CA GLU D 117 -6.71 2.42 -13.78
C GLU D 117 -5.96 3.54 -14.54
N THR D 118 -4.70 3.32 -14.92
CA THR D 118 -3.92 4.30 -15.74
C THR D 118 -4.32 4.16 -17.21
N MET D 119 -5.08 3.13 -17.58
CA MET D 119 -5.70 3.00 -18.92
C MET D 119 -7.04 3.73 -18.91
N THR D 120 -7.25 4.69 -19.80
CA THR D 120 -8.53 5.44 -19.86
C THR D 120 -9.55 4.54 -20.55
N ALA D 121 -10.84 4.77 -20.25
CA ALA D 121 -12.01 4.16 -20.89
C ALA D 121 -12.00 4.41 -22.41
N LEU D 122 -11.61 5.62 -22.87
CA LEU D 122 -11.42 5.98 -24.31
C LEU D 122 -10.40 5.03 -24.95
N ASP D 123 -9.24 4.85 -24.31
CA ASP D 123 -8.17 3.97 -24.87
C ASP D 123 -8.63 2.52 -24.79
N PHE D 124 -9.31 2.14 -23.70
CA PHE D 124 -9.79 0.75 -23.55
C PHE D 124 -10.72 0.44 -24.71
N ASN D 125 -11.60 1.39 -25.04
CA ASN D 125 -12.64 1.32 -26.11
C ASN D 125 -12.01 1.05 -27.49
N ASP D 126 -10.75 1.42 -27.72
CA ASP D 126 -10.07 1.17 -29.01
C ASP D 126 -9.76 -0.32 -29.22
N PHE D 127 -9.69 -1.17 -28.19
CA PHE D 127 -9.35 -2.61 -28.42
C PHE D 127 -10.38 -3.56 -27.81
N ARG D 128 -11.41 -3.03 -27.16
CA ARG D 128 -12.47 -3.82 -26.47
C ARG D 128 -13.09 -4.83 -27.44
N GLU D 129 -13.37 -4.39 -28.67
CA GLU D 129 -14.08 -5.18 -29.73
C GLU D 129 -13.31 -6.49 -30.00
N TYR D 130 -11.98 -6.47 -29.93
CA TYR D 130 -11.11 -7.60 -30.33
C TYR D 130 -11.14 -8.72 -29.29
N LEU D 131 -11.82 -8.55 -28.15
CA LEU D 131 -11.71 -9.47 -26.99
C LEU D 131 -12.94 -10.36 -26.94
N SER D 132 -14.04 -9.92 -27.57
CA SER D 132 -15.33 -10.65 -27.61
C SER D 132 -15.17 -12.08 -28.16
N PRO D 133 -15.77 -13.13 -27.55
CA PRO D 133 -16.64 -13.04 -26.38
C PRO D 133 -15.99 -13.45 -25.04
N ALA D 134 -14.66 -13.38 -24.95
CA ALA D 134 -13.87 -13.74 -23.74
C ALA D 134 -14.18 -12.76 -22.60
N SER D 135 -14.09 -13.25 -21.36
CA SER D 135 -14.20 -12.43 -20.11
C SER D 135 -13.46 -13.10 -18.95
N GLY D 136 -13.33 -12.35 -17.85
CA GLY D 136 -12.83 -12.84 -16.55
C GLY D 136 -13.63 -14.04 -16.05
N PHE D 137 -14.88 -14.19 -16.50
CA PHE D 137 -15.80 -15.31 -16.14
C PHE D 137 -15.14 -16.66 -16.48
N GLN D 138 -14.18 -16.64 -17.41
CA GLN D 138 -13.50 -17.83 -18.00
C GLN D 138 -12.18 -18.13 -17.27
N SER D 139 -11.89 -17.51 -16.12
CA SER D 139 -10.61 -17.73 -15.40
C SER D 139 -10.75 -19.01 -14.57
N LEU D 140 -10.04 -20.07 -14.95
CA LEU D 140 -10.12 -21.37 -14.24
C LEU D 140 -9.66 -21.18 -12.80
N GLN D 141 -8.54 -20.49 -12.61
CA GLN D 141 -7.89 -20.40 -11.29
C GLN D 141 -8.78 -19.61 -10.31
N PHE D 142 -9.41 -18.51 -10.73
CA PHE D 142 -10.31 -17.71 -9.85
C PHE D 142 -11.46 -18.57 -9.32
N ARG D 143 -11.99 -19.47 -10.15
CA ARG D 143 -13.09 -20.40 -9.79
C ARG D 143 -12.54 -21.45 -8.82
N LEU D 144 -11.38 -22.03 -9.12
CA LEU D 144 -10.78 -23.05 -8.20
C LEU D 144 -10.57 -22.40 -6.81
N LEU D 145 -9.94 -21.23 -6.79
CA LEU D 145 -9.69 -20.43 -5.56
C LEU D 145 -11.01 -20.24 -4.80
N GLU D 146 -12.07 -19.80 -5.45
CA GLU D 146 -13.37 -19.64 -4.80
C GLU D 146 -13.83 -20.99 -4.23
N ASN D 147 -13.67 -22.07 -4.99
CA ASN D 147 -14.25 -23.38 -4.63
C ASN D 147 -13.46 -23.93 -3.45
N LYS D 148 -12.14 -23.84 -3.51
CA LYS D 148 -11.25 -24.51 -2.53
C LYS D 148 -11.37 -23.76 -1.20
N ILE D 149 -11.61 -22.44 -1.22
CA ILE D 149 -11.87 -21.66 0.01
C ILE D 149 -13.20 -22.12 0.56
N GLY D 150 -14.19 -22.35 -0.33
CA GLY D 150 -15.48 -22.94 0.03
C GLY D 150 -16.70 -22.12 -0.41
N VAL D 151 -16.62 -21.41 -1.53
CA VAL D 151 -17.84 -20.78 -2.12
C VAL D 151 -18.76 -21.92 -2.61
N LEU D 152 -20.00 -22.00 -2.09
CA LEU D 152 -20.97 -23.07 -2.47
C LEU D 152 -21.65 -22.66 -3.78
N GLN D 153 -21.74 -23.58 -4.75
CA GLN D 153 -22.36 -23.30 -6.07
C GLN D 153 -23.83 -22.96 -5.87
N ASN D 154 -24.50 -23.57 -4.87
CA ASN D 154 -25.95 -23.37 -4.54
C ASN D 154 -26.22 -21.91 -4.16
N MET D 155 -25.24 -21.22 -3.60
CA MET D 155 -25.38 -19.84 -3.06
C MET D 155 -24.84 -18.79 -4.05
N ARG D 156 -24.17 -19.19 -5.14
CA ARG D 156 -23.62 -18.22 -6.15
C ARG D 156 -24.77 -17.54 -6.87
N VAL D 157 -24.69 -16.23 -7.06
CA VAL D 157 -25.61 -15.45 -7.94
C VAL D 157 -25.50 -16.01 -9.36
N PRO D 158 -26.63 -16.38 -10.02
CA PRO D 158 -26.59 -16.84 -11.40
C PRO D 158 -26.30 -15.67 -12.37
N TYR D 159 -25.66 -16.00 -13.49
CA TYR D 159 -25.39 -15.06 -14.60
C TYR D 159 -26.13 -15.58 -15.84
N ASN D 160 -26.98 -14.76 -16.46
CA ASN D 160 -27.76 -15.22 -17.63
C ASN D 160 -28.52 -16.49 -17.23
N ARG D 161 -29.13 -16.50 -16.04
CA ARG D 161 -29.95 -17.63 -15.55
C ARG D 161 -29.20 -18.98 -15.61
N ARG D 162 -27.87 -18.99 -15.44
CA ARG D 162 -27.05 -20.23 -15.68
C ARG D 162 -25.85 -20.36 -14.73
N HIS D 163 -25.42 -21.61 -14.52
CA HIS D 163 -24.30 -22.05 -13.65
C HIS D 163 -22.98 -21.48 -14.19
N TYR D 164 -21.98 -21.28 -13.33
CA TYR D 164 -20.67 -20.66 -13.67
C TYR D 164 -19.83 -21.65 -14.49
N ARG D 165 -20.11 -22.96 -14.42
CA ARG D 165 -19.33 -24.02 -15.13
C ARG D 165 -19.70 -24.14 -16.63
N ASP D 166 -20.81 -23.54 -17.09
CA ASP D 166 -21.17 -23.40 -18.52
C ASP D 166 -19.94 -22.96 -19.35
N ASN D 167 -19.21 -21.94 -18.89
CA ASN D 167 -18.10 -21.27 -19.63
C ASN D 167 -16.85 -22.17 -19.73
N PHE D 168 -16.89 -23.40 -19.17
CA PHE D 168 -15.75 -24.35 -19.12
C PHE D 168 -16.21 -25.70 -19.66
N LYS D 169 -15.31 -26.41 -20.37
CA LYS D 169 -15.57 -27.73 -21.00
C LYS D 169 -14.41 -28.68 -20.70
N GLY D 170 -14.57 -29.97 -21.03
CA GLY D 170 -13.49 -30.98 -21.01
C GLY D 170 -12.83 -31.06 -19.66
N GLU D 171 -11.49 -31.09 -19.63
CA GLU D 171 -10.65 -31.24 -18.42
C GLU D 171 -10.91 -30.08 -17.44
N GLU D 172 -10.94 -28.84 -17.94
CA GLU D 172 -11.19 -27.64 -17.11
C GLU D 172 -12.53 -27.83 -16.36
N ASN D 173 -13.58 -28.31 -17.04
CA ASN D 173 -14.91 -28.55 -16.42
C ASN D 173 -14.78 -29.62 -15.33
N GLU D 174 -14.01 -30.67 -15.61
CA GLU D 174 -13.78 -31.81 -14.68
C GLU D 174 -13.03 -31.31 -13.43
N LEU D 175 -11.94 -30.57 -13.62
CA LEU D 175 -11.11 -30.01 -12.52
C LEU D 175 -11.95 -29.07 -11.62
N LEU D 176 -12.88 -28.32 -12.17
CA LEU D 176 -13.79 -27.44 -11.37
C LEU D 176 -14.73 -28.31 -10.55
N LEU D 177 -15.17 -29.43 -11.12
CA LEU D 177 -16.13 -30.33 -10.44
C LEU D 177 -15.42 -30.93 -9.24
N LYS D 178 -14.22 -31.50 -9.42
CA LYS D 178 -13.38 -32.02 -8.31
C LYS D 178 -13.33 -30.94 -7.22
N SER D 179 -12.92 -29.72 -7.57
CA SER D 179 -12.76 -28.58 -6.64
C SER D 179 -14.07 -28.27 -5.89
N GLU D 180 -15.25 -28.61 -6.44
CA GLU D 180 -16.55 -28.44 -5.73
C GLU D 180 -16.75 -29.60 -4.76
N GLN D 181 -16.29 -30.80 -5.11
CA GLN D 181 -16.56 -32.08 -4.39
C GLN D 181 -15.49 -32.33 -3.31
N GLU D 182 -14.23 -32.00 -3.56
CA GLU D 182 -13.16 -32.21 -2.55
C GLU D 182 -13.45 -31.31 -1.34
N LYS D 183 -12.94 -31.70 -0.18
CA LYS D 183 -13.14 -30.96 1.11
C LYS D 183 -12.62 -29.53 0.95
N THR D 184 -13.45 -28.54 1.26
CA THR D 184 -13.05 -27.10 1.20
C THR D 184 -12.26 -26.77 2.47
N LEU D 185 -11.50 -25.67 2.43
CA LEU D 185 -10.80 -25.08 3.59
C LEU D 185 -11.84 -24.90 4.71
N LEU D 186 -13.04 -24.43 4.39
CA LEU D 186 -14.12 -24.24 5.39
C LEU D 186 -14.44 -25.59 6.06
N GLU D 187 -14.64 -26.64 5.27
CA GLU D 187 -15.00 -27.99 5.80
C GLU D 187 -13.85 -28.50 6.68
N LEU D 188 -12.59 -28.21 6.31
CA LEU D 188 -11.40 -28.74 7.03
C LEU D 188 -11.15 -27.92 8.31
N VAL D 189 -11.42 -26.62 8.27
CA VAL D 189 -11.33 -25.75 9.48
C VAL D 189 -12.47 -26.19 10.41
N GLU D 190 -13.66 -26.34 9.87
CA GLU D 190 -14.88 -26.78 10.61
C GLU D 190 -14.54 -28.05 11.45
N ALA D 191 -13.94 -29.07 10.83
CA ALA D 191 -13.63 -30.40 11.45
C ALA D 191 -12.69 -30.19 12.65
N TRP D 192 -11.63 -29.41 12.44
CA TRP D 192 -10.61 -29.06 13.46
C TRP D 192 -11.28 -28.19 14.54
N LEU D 193 -12.24 -27.33 14.17
CA LEU D 193 -12.94 -26.48 15.17
C LEU D 193 -13.75 -27.37 16.13
N GLU D 194 -14.28 -28.48 15.61
CA GLU D 194 -15.15 -29.45 16.33
C GLU D 194 -14.33 -30.22 17.39
N ARG D 195 -13.03 -30.41 17.20
CA ARG D 195 -12.19 -31.14 18.18
C ARG D 195 -11.52 -30.12 19.12
N THR D 196 -11.97 -28.86 19.14
CA THR D 196 -11.33 -27.85 20.03
C THR D 196 -11.40 -28.39 21.44
N PRO D 197 -10.25 -28.49 22.15
CA PRO D 197 -10.24 -28.84 23.57
C PRO D 197 -10.96 -27.81 24.45
N GLY D 198 -11.73 -28.32 25.42
CA GLY D 198 -12.55 -27.55 26.38
C GLY D 198 -14.05 -27.71 26.14
N LEU D 199 -14.44 -28.26 24.98
CA LEU D 199 -15.85 -28.41 24.55
C LEU D 199 -16.50 -29.63 25.20
N GLU D 200 -15.71 -30.49 25.84
CA GLU D 200 -16.16 -31.82 26.32
C GLU D 200 -17.17 -31.60 27.45
N PRO D 201 -18.42 -32.13 27.33
CA PRO D 201 -19.42 -31.95 28.37
C PRO D 201 -18.92 -32.49 29.73
N HIS D 202 -18.11 -33.56 29.70
CA HIS D 202 -17.51 -34.23 30.89
C HIS D 202 -16.17 -33.58 31.27
N GLY D 203 -15.73 -32.54 30.54
CA GLY D 203 -14.42 -31.88 30.68
C GLY D 203 -14.54 -30.51 31.31
N PHE D 204 -13.99 -29.47 30.66
CA PHE D 204 -14.16 -28.05 31.05
C PHE D 204 -15.63 -27.62 30.82
N ASN D 205 -16.31 -28.20 29.84
CA ASN D 205 -17.77 -27.96 29.59
C ASN D 205 -18.02 -26.47 29.30
N PHE D 206 -17.22 -25.89 28.41
CA PHE D 206 -17.24 -24.45 28.04
C PHE D 206 -18.69 -24.00 27.87
N TRP D 207 -19.44 -24.71 27.02
CA TRP D 207 -20.78 -24.24 26.53
C TRP D 207 -21.79 -24.13 27.68
N GLY D 208 -21.97 -25.21 28.43
CA GLY D 208 -22.81 -25.23 29.64
C GLY D 208 -22.44 -24.10 30.58
N LYS D 209 -21.15 -23.98 30.90
CA LYS D 209 -20.63 -22.91 31.80
C LYS D 209 -20.92 -21.53 31.21
N LEU D 210 -20.84 -21.38 29.90
CA LEU D 210 -21.03 -20.05 29.24
C LEU D 210 -22.50 -19.63 29.42
N GLU D 211 -23.45 -20.54 29.13
CA GLU D 211 -24.91 -20.27 29.30
C GLU D 211 -25.19 -19.80 30.73
N LYS D 212 -24.64 -20.52 31.70
CA LYS D 212 -24.76 -20.23 33.15
C LYS D 212 -24.22 -18.83 33.43
N ASN D 213 -23.02 -18.50 32.94
CA ASN D 213 -22.38 -17.21 33.26
C ASN D 213 -23.14 -16.07 32.55
N ILE D 214 -23.71 -16.35 31.37
CA ILE D 214 -24.48 -15.33 30.57
C ILE D 214 -25.85 -15.09 31.23
N THR D 215 -26.56 -16.18 31.58
CA THR D 215 -27.81 -16.14 32.41
C THR D 215 -27.56 -15.24 33.65
N ARG D 216 -26.60 -15.58 34.52
CA ARG D 216 -26.23 -14.77 35.73
C ARG D 216 -25.93 -13.33 35.31
N GLY D 217 -25.10 -13.13 34.27
CA GLY D 217 -24.64 -11.80 33.83
C GLY D 217 -25.81 -10.89 33.50
N LEU D 218 -26.77 -11.42 32.74
CA LEU D 218 -27.96 -10.68 32.28
C LEU D 218 -28.85 -10.34 33.48
N GLU D 219 -29.06 -11.29 34.40
CA GLU D 219 -29.86 -11.12 35.64
C GLU D 219 -29.18 -10.02 36.47
N GLU D 220 -27.88 -10.12 36.72
CA GLU D 220 -27.13 -9.11 37.52
C GLU D 220 -27.31 -7.73 36.86
N GLU D 221 -27.28 -7.70 35.53
CA GLU D 221 -27.40 -6.47 34.72
C GLU D 221 -28.84 -5.95 34.84
N PHE D 222 -29.85 -6.83 34.81
CA PHE D 222 -31.27 -6.41 34.87
C PHE D 222 -31.57 -5.76 36.23
N ILE D 223 -30.84 -6.13 37.29
CA ILE D 223 -31.02 -5.61 38.68
C ILE D 223 -30.45 -4.19 38.78
N ARG D 224 -29.29 -3.87 38.17
CA ARG D 224 -28.65 -2.54 38.31
C ARG D 224 -29.45 -1.51 37.51
N ILE D 225 -30.20 -1.94 36.50
CA ILE D 225 -31.04 -1.04 35.64
C ILE D 225 -32.35 -0.73 36.35
N GLN D 226 -33.07 -1.76 36.84
CA GLN D 226 -34.38 -1.61 37.51
C GLN D 226 -34.20 -0.79 38.81
N ALA D 227 -32.95 -0.61 39.28
CA ALA D 227 -32.56 0.22 40.45
C ALA D 227 -32.45 1.70 40.07
N LYS D 228 -32.27 2.05 38.79
CA LYS D 228 -32.13 3.45 38.31
C LYS D 228 -33.52 4.12 38.30
N GLU D 229 -33.57 5.46 38.44
CA GLU D 229 -34.84 6.26 38.46
C GLU D 229 -35.49 6.23 37.05
N GLU D 230 -36.83 6.14 36.96
CA GLU D 230 -37.60 6.05 35.68
C GLU D 230 -37.32 7.30 34.82
N SER D 231 -36.40 7.19 33.86
CA SER D 231 -35.72 8.31 33.13
C SER D 231 -35.83 8.09 31.61
N GLU D 232 -35.05 8.86 30.82
CA GLU D 232 -34.75 8.58 29.39
C GLU D 232 -33.89 7.30 29.33
N GLU D 233 -32.85 7.23 30.19
CA GLU D 233 -31.96 6.04 30.36
C GLU D 233 -32.81 4.80 30.65
N LYS D 234 -33.61 4.85 31.70
CA LYS D 234 -34.41 3.70 32.23
C LYS D 234 -35.29 3.14 31.11
N GLU D 235 -36.02 3.98 30.36
CA GLU D 235 -36.86 3.55 29.21
C GLU D 235 -35.96 2.98 28.10
N GLU D 236 -34.80 3.59 27.84
CA GLU D 236 -33.85 3.22 26.74
C GLU D 236 -33.13 1.90 27.08
N GLN D 237 -32.40 1.85 28.21
CA GLN D 237 -31.55 0.71 28.61
C GLN D 237 -32.38 -0.57 28.71
N VAL D 238 -33.69 -0.49 28.97
CA VAL D 238 -34.60 -1.67 29.07
C VAL D 238 -34.92 -2.22 27.68
N ALA D 239 -35.04 -1.33 26.68
CA ALA D 239 -35.25 -1.70 25.26
C ALA D 239 -33.97 -2.31 24.69
N GLU D 240 -32.82 -1.71 25.02
CA GLU D 240 -31.47 -2.18 24.58
C GLU D 240 -31.15 -3.52 25.26
N PHE D 241 -31.24 -3.57 26.60
CA PHE D 241 -30.97 -4.77 27.44
C PHE D 241 -31.80 -5.94 26.92
N GLN D 242 -33.07 -5.68 26.59
CA GLN D 242 -34.01 -6.74 26.14
C GLN D 242 -33.56 -7.20 24.75
N LYS D 243 -32.97 -6.30 23.95
CA LYS D 243 -32.39 -6.64 22.61
C LYS D 243 -31.16 -7.54 22.80
N GLN D 244 -30.20 -7.11 23.63
CA GLN D 244 -28.92 -7.82 23.93
C GLN D 244 -29.24 -9.19 24.54
N LYS D 245 -30.29 -9.26 25.37
CA LYS D 245 -30.75 -10.50 26.04
C LYS D 245 -31.19 -11.50 24.98
N GLU D 246 -32.00 -11.09 24.01
CA GLU D 246 -32.59 -11.96 22.96
C GLU D 246 -31.47 -12.57 22.11
N VAL D 247 -30.53 -11.74 21.69
CA VAL D 247 -29.36 -12.12 20.85
C VAL D 247 -28.50 -13.15 21.59
N LEU D 248 -28.06 -12.83 22.81
CA LEU D 248 -27.17 -13.73 23.59
C LEU D 248 -27.85 -15.09 23.84
N LEU D 249 -29.10 -15.13 24.28
CA LEU D 249 -29.76 -16.43 24.56
C LEU D 249 -30.01 -17.17 23.23
N SER D 250 -30.25 -16.41 22.15
CA SER D 250 -30.27 -16.85 20.73
C SER D 250 -29.20 -17.91 20.46
N LEU D 251 -27.99 -17.66 20.96
CA LEU D 251 -26.74 -18.43 20.68
C LEU D 251 -26.87 -19.89 21.19
N PHE D 252 -27.69 -20.14 22.22
CA PHE D 252 -27.86 -21.48 22.85
C PHE D 252 -29.00 -22.26 22.15
N ASP D 253 -29.68 -21.63 21.20
CA ASP D 253 -30.79 -22.22 20.41
C ASP D 253 -30.17 -23.03 19.28
N GLU D 254 -29.79 -24.27 19.55
CA GLU D 254 -29.19 -25.18 18.53
C GLU D 254 -30.14 -25.41 17.35
N LYS D 255 -31.45 -25.27 17.54
CA LYS D 255 -32.46 -25.57 16.48
C LYS D 255 -32.43 -24.43 15.45
N ARG D 256 -32.35 -23.18 15.91
CA ARG D 256 -32.27 -21.96 15.05
C ARG D 256 -31.05 -22.06 14.13
N HIS D 257 -29.92 -22.46 14.71
CA HIS D 257 -28.62 -22.62 14.00
C HIS D 257 -28.74 -23.65 12.86
N GLU D 258 -29.25 -24.87 13.12
CA GLU D 258 -29.48 -25.92 12.08
C GLU D 258 -30.34 -25.33 10.94
N HIS D 259 -31.34 -24.51 11.28
CA HIS D 259 -32.27 -23.87 10.32
C HIS D 259 -31.47 -22.91 9.43
N LEU D 260 -30.65 -22.04 10.05
CA LEU D 260 -29.87 -21.01 9.32
C LEU D 260 -28.78 -21.67 8.47
N LEU D 261 -28.24 -22.83 8.89
CA LEU D 261 -27.34 -23.68 8.06
C LEU D 261 -27.96 -23.85 6.67
N SER D 262 -29.16 -24.44 6.62
CA SER D 262 -29.88 -24.82 5.38
C SER D 262 -30.26 -23.57 4.57
N LYS D 263 -30.66 -22.49 5.24
CA LYS D 263 -30.86 -21.16 4.60
C LYS D 263 -29.52 -20.63 4.07
N GLY D 264 -28.39 -21.24 4.45
CA GLY D 264 -27.03 -20.88 3.98
C GLY D 264 -26.52 -19.61 4.63
N GLU D 265 -27.28 -19.03 5.56
CA GLU D 265 -26.96 -17.74 6.26
C GLU D 265 -25.90 -18.01 7.34
N ARG D 266 -25.61 -19.27 7.65
CA ARG D 266 -24.47 -19.71 8.49
C ARG D 266 -23.85 -20.92 7.81
N ARG D 267 -22.58 -21.22 8.08
CA ARG D 267 -21.82 -22.25 7.30
C ARG D 267 -21.22 -23.30 8.22
N LEU D 268 -20.72 -22.90 9.39
CA LEU D 268 -20.03 -23.82 10.34
C LEU D 268 -21.07 -24.56 11.19
N SER D 269 -20.86 -25.86 11.40
CA SER D 269 -21.59 -26.70 12.38
C SER D 269 -21.62 -25.98 13.73
N TYR D 270 -22.68 -26.18 14.51
CA TYR D 270 -22.91 -25.55 15.84
C TYR D 270 -21.69 -25.84 16.74
N ARG D 271 -21.18 -27.06 16.65
CA ARG D 271 -20.03 -27.48 17.49
C ARG D 271 -18.77 -26.68 17.07
N ALA D 272 -18.57 -26.42 15.77
CA ALA D 272 -17.42 -25.64 15.24
C ALA D 272 -17.51 -24.20 15.78
N LEU D 273 -18.74 -23.68 15.76
CA LEU D 273 -19.05 -22.35 16.32
C LEU D 273 -18.54 -22.29 17.75
N GLN D 274 -18.72 -23.37 18.50
CA GLN D 274 -18.34 -23.45 19.94
C GLN D 274 -16.80 -23.40 20.03
N GLY D 275 -16.10 -24.21 19.24
CA GLY D 275 -14.62 -24.18 19.19
C GLY D 275 -14.11 -22.78 18.89
N ALA D 276 -14.69 -22.12 17.90
CA ALA D 276 -14.28 -20.77 17.46
C ALA D 276 -14.40 -19.80 18.63
N LEU D 277 -15.52 -19.86 19.35
CA LEU D 277 -15.81 -18.91 20.46
C LEU D 277 -14.85 -19.22 21.61
N MET D 278 -14.46 -20.49 21.75
CA MET D 278 -13.54 -20.93 22.83
C MET D 278 -12.17 -20.31 22.55
N ILE D 279 -11.72 -20.39 21.30
CA ILE D 279 -10.42 -19.83 20.85
C ILE D 279 -10.42 -18.30 21.01
N TYR D 280 -11.55 -17.62 20.72
CA TYR D 280 -11.67 -16.14 20.91
C TYR D 280 -11.43 -15.80 22.39
N PHE D 281 -12.24 -16.40 23.24
CA PHE D 281 -12.31 -16.03 24.67
C PHE D 281 -11.02 -16.43 25.36
N TYR D 282 -10.39 -17.55 24.98
CA TYR D 282 -9.16 -18.05 25.64
C TYR D 282 -7.91 -17.93 24.75
N ARG D 283 -7.88 -16.94 23.84
CA ARG D 283 -6.80 -16.74 22.86
C ARG D 283 -5.44 -16.59 23.55
N GLU D 284 -5.38 -15.91 24.69
CA GLU D 284 -4.09 -15.68 25.38
C GLU D 284 -3.54 -17.02 25.92
N GLU D 285 -4.40 -18.03 26.14
CA GLU D 285 -3.91 -19.37 26.53
C GLU D 285 -2.92 -19.83 25.46
N PRO D 286 -1.71 -20.26 25.83
CA PRO D 286 -0.70 -20.69 24.87
C PRO D 286 -1.14 -21.68 23.78
N ARG D 287 -1.94 -22.68 24.11
CA ARG D 287 -2.38 -23.68 23.11
C ARG D 287 -3.28 -22.96 22.10
N PHE D 288 -3.83 -21.80 22.47
CA PHE D 288 -4.84 -21.06 21.67
C PHE D 288 -4.26 -19.81 20.96
N GLN D 289 -3.00 -19.44 21.16
CA GLN D 289 -2.40 -18.19 20.59
C GLN D 289 -2.41 -18.25 19.06
N VAL D 290 -1.83 -19.30 18.49
CA VAL D 290 -1.62 -19.43 17.02
C VAL D 290 -2.95 -19.80 16.38
N PRO D 291 -3.79 -20.64 16.99
CA PRO D 291 -5.14 -20.87 16.46
C PRO D 291 -6.02 -19.62 16.31
N PHE D 292 -5.94 -18.70 17.27
CA PHE D 292 -6.61 -17.39 17.16
C PHE D 292 -6.02 -16.63 15.96
N GLN D 293 -4.69 -16.59 15.80
CA GLN D 293 -4.04 -15.95 14.63
C GLN D 293 -4.60 -16.58 13.34
N LEU D 294 -4.83 -17.90 13.30
CA LEU D 294 -5.37 -18.55 12.09
C LEU D 294 -6.80 -18.03 11.83
N LEU D 295 -7.63 -17.92 12.87
CA LEU D 295 -9.06 -17.56 12.66
C LEU D 295 -9.07 -16.11 12.18
N THR D 296 -8.22 -15.26 12.77
CA THR D 296 -7.96 -13.87 12.30
C THR D 296 -7.57 -13.89 10.82
N SER D 297 -6.79 -14.85 10.33
CA SER D 297 -6.29 -14.84 8.93
C SER D 297 -7.41 -15.22 7.96
N LEU D 298 -8.27 -16.17 8.36
CA LEU D 298 -9.44 -16.63 7.58
C LEU D 298 -10.36 -15.42 7.35
N MET D 299 -10.60 -14.62 8.37
CA MET D 299 -11.46 -13.43 8.19
C MET D 299 -10.73 -12.46 7.27
N ASP D 300 -9.41 -12.37 7.39
CA ASP D 300 -8.55 -11.46 6.58
C ASP D 300 -8.76 -11.78 5.10
N ILE D 301 -8.74 -13.06 4.75
CA ILE D 301 -8.84 -13.57 3.36
C ILE D 301 -10.23 -13.28 2.81
N ASP D 302 -11.28 -13.54 3.57
CA ASP D 302 -12.68 -13.18 3.19
C ASP D 302 -12.74 -11.67 2.89
N SER D 303 -12.22 -10.85 3.78
CA SER D 303 -12.31 -9.38 3.69
C SER D 303 -11.55 -8.92 2.43
N LEU D 304 -10.40 -9.52 2.13
CA LEU D 304 -9.53 -9.10 1.01
C LEU D 304 -10.08 -9.65 -0.31
N MET D 305 -10.71 -10.81 -0.31
CA MET D 305 -11.40 -11.30 -1.51
C MET D 305 -12.55 -10.34 -1.85
N THR D 306 -13.26 -9.84 -0.85
CA THR D 306 -14.41 -8.93 -1.09
C THR D 306 -13.89 -7.56 -1.57
N LYS D 307 -12.79 -7.04 -0.99
CA LYS D 307 -12.17 -5.79 -1.48
C LYS D 307 -11.70 -6.00 -2.92
N TRP D 308 -11.23 -7.20 -3.24
CA TRP D 308 -10.87 -7.56 -4.63
C TRP D 308 -12.11 -7.33 -5.50
N ARG D 309 -13.23 -7.98 -5.15
CA ARG D 309 -14.51 -7.91 -5.89
C ARG D 309 -14.94 -6.43 -6.05
N TYR D 310 -14.89 -5.65 -4.96
CA TYR D 310 -15.30 -4.23 -4.97
C TYR D 310 -14.36 -3.39 -5.85
N ASN D 311 -13.03 -3.54 -5.75
CA ASN D 311 -12.11 -2.71 -6.58
C ASN D 311 -12.33 -3.05 -8.05
N HIS D 312 -12.54 -4.31 -8.41
CA HIS D 312 -12.85 -4.77 -9.78
C HIS D 312 -14.08 -4.01 -10.29
N VAL D 313 -15.17 -4.04 -9.51
CA VAL D 313 -16.44 -3.31 -9.77
C VAL D 313 -16.14 -1.82 -10.06
N CYS D 314 -15.45 -1.11 -9.15
CA CYS D 314 -15.22 0.35 -9.24
C CYS D 314 -14.47 0.67 -10.53
N MET D 315 -13.64 -0.25 -10.99
CA MET D 315 -12.88 -0.10 -12.24
C MET D 315 -13.82 -0.33 -13.43
N VAL D 316 -14.56 -1.43 -13.43
CA VAL D 316 -15.55 -1.73 -14.49
C VAL D 316 -16.56 -0.56 -14.62
N HIS D 317 -16.99 0.07 -13.52
CA HIS D 317 -17.87 1.24 -13.64
C HIS D 317 -17.18 2.25 -14.55
N ARG D 318 -15.90 2.53 -14.32
CA ARG D 318 -15.22 3.65 -15.02
C ARG D 318 -15.05 3.24 -16.49
N MET D 319 -14.74 1.97 -16.74
CA MET D 319 -14.35 1.46 -18.08
C MET D 319 -15.58 1.34 -18.99
N LEU D 320 -16.70 0.87 -18.45
CA LEU D 320 -17.86 0.42 -19.26
C LEU D 320 -19.09 1.29 -19.01
N GLY D 321 -19.26 1.87 -17.81
CA GLY D 321 -20.52 2.52 -17.38
C GLY D 321 -21.62 1.48 -17.18
N SER D 322 -22.77 1.69 -17.83
CA SER D 322 -23.98 0.81 -17.78
C SER D 322 -23.92 -0.28 -18.88
N LYS D 323 -22.91 -0.27 -19.76
CA LYS D 323 -22.65 -1.36 -20.75
C LYS D 323 -22.65 -2.70 -20.00
N SER D 330 -26.12 -6.65 -18.52
CA SER D 330 -25.59 -5.89 -17.36
C SER D 330 -24.54 -6.71 -16.60
N GLY D 331 -23.26 -6.48 -16.91
CA GLY D 331 -22.11 -7.05 -16.19
C GLY D 331 -21.93 -6.37 -14.84
N TYR D 332 -21.74 -5.03 -14.87
CA TYR D 332 -21.54 -4.14 -13.69
C TYR D 332 -22.66 -4.29 -12.65
N HIS D 333 -23.81 -4.89 -12.99
CA HIS D 333 -24.89 -5.15 -12.00
C HIS D 333 -24.74 -6.53 -11.37
N TYR D 334 -24.17 -7.52 -12.07
CA TYR D 334 -23.91 -8.86 -11.49
C TYR D 334 -22.74 -8.68 -10.49
N LEU D 335 -21.72 -7.93 -10.89
CA LEU D 335 -20.45 -7.77 -10.12
C LEU D 335 -20.79 -7.16 -8.75
N ARG D 336 -21.71 -6.18 -8.67
CA ARG D 336 -22.14 -5.54 -7.41
C ARG D 336 -22.90 -6.54 -6.54
N SER D 337 -23.45 -7.61 -7.12
CA SER D 337 -24.12 -8.73 -6.38
C SER D 337 -23.07 -9.59 -5.67
N THR D 338 -21.87 -9.74 -6.24
CA THR D 338 -20.83 -10.66 -5.70
C THR D 338 -20.27 -10.06 -4.41
N VAL D 339 -20.34 -8.73 -4.27
CA VAL D 339 -19.89 -7.97 -3.06
C VAL D 339 -20.96 -8.13 -1.99
N SER D 340 -21.08 -9.33 -1.43
CA SER D 340 -22.21 -9.76 -0.59
C SER D 340 -21.82 -10.96 0.25
N ASP D 341 -22.54 -11.19 1.34
CA ASP D 341 -22.20 -12.22 2.35
C ASP D 341 -22.43 -13.62 1.77
N ARG D 342 -23.04 -13.76 0.61
CA ARG D 342 -23.16 -15.04 -0.13
C ARG D 342 -21.76 -15.60 -0.39
N TYR D 343 -20.78 -14.72 -0.63
CA TYR D 343 -19.38 -15.04 -1.07
C TYR D 343 -18.37 -14.97 0.09
N LYS D 344 -18.87 -14.73 1.32
CA LYS D 344 -18.09 -14.61 2.57
C LYS D 344 -18.18 -15.97 3.29
N VAL D 345 -17.22 -16.84 2.98
CA VAL D 345 -17.17 -18.27 3.41
C VAL D 345 -17.09 -18.36 4.95
N PHE D 346 -16.28 -17.52 5.59
CA PHE D 346 -16.09 -17.53 7.06
C PHE D 346 -16.94 -16.42 7.69
N VAL D 347 -18.11 -16.13 7.14
CA VAL D 347 -19.04 -15.10 7.70
C VAL D 347 -19.30 -15.36 9.19
N ASP D 348 -19.35 -16.62 9.63
CA ASP D 348 -19.60 -17.01 11.04
C ASP D 348 -18.56 -16.41 11.97
N LEU D 349 -17.29 -16.43 11.58
CA LEU D 349 -16.18 -15.90 12.40
C LEU D 349 -16.40 -14.40 12.64
N PHE D 350 -16.87 -13.66 11.63
CA PHE D 350 -17.17 -12.22 11.76
C PHE D 350 -18.33 -12.06 12.75
N ASN D 351 -19.39 -12.83 12.54
CA ASN D 351 -20.70 -12.65 13.22
C ASN D 351 -20.59 -13.03 14.71
N LEU D 352 -19.57 -13.80 15.11
CA LEU D 352 -19.35 -14.14 16.55
C LEU D 352 -19.18 -12.86 17.38
N SER D 353 -18.65 -11.78 16.80
CA SER D 353 -18.49 -10.46 17.50
C SER D 353 -19.84 -9.94 17.99
N THR D 354 -20.94 -10.50 17.47
CA THR D 354 -22.32 -10.25 17.94
C THR D 354 -22.49 -10.76 19.38
N TYR D 355 -21.93 -11.92 19.71
CA TYR D 355 -22.17 -12.62 21.01
C TYR D 355 -21.01 -12.37 21.99
N LEU D 356 -20.33 -11.22 21.91
CA LEU D 356 -19.21 -10.92 22.84
C LEU D 356 -19.82 -10.40 24.13
N ILE D 357 -19.14 -10.67 25.24
CA ILE D 357 -19.68 -10.44 26.60
C ILE D 357 -18.58 -9.76 27.39
N PRO D 358 -18.90 -9.06 28.49
CA PRO D 358 -17.85 -8.46 29.32
C PRO D 358 -16.86 -9.54 29.75
N ARG D 359 -15.58 -9.18 29.82
CA ARG D 359 -14.46 -10.08 30.22
C ARG D 359 -14.90 -10.92 31.43
N HIS D 360 -15.48 -10.29 32.44
CA HIS D 360 -15.70 -10.93 33.77
C HIS D 360 -16.78 -12.04 33.66
N TRP D 361 -17.61 -12.08 32.62
CA TRP D 361 -18.60 -13.19 32.43
C TRP D 361 -17.93 -14.44 31.87
N ILE D 362 -16.70 -14.38 31.43
CA ILE D 362 -16.11 -15.53 30.71
C ILE D 362 -15.78 -16.58 31.75
N PRO D 363 -16.19 -17.84 31.56
CA PRO D 363 -15.87 -18.90 32.52
C PRO D 363 -14.36 -18.93 32.80
N LYS D 364 -13.99 -18.87 34.09
CA LYS D 364 -12.58 -18.86 34.56
C LYS D 364 -11.96 -20.22 34.25
N MET D 365 -10.63 -20.25 34.17
CA MET D 365 -9.85 -21.48 33.99
C MET D 365 -9.07 -21.80 35.29
N ASN D 366 -9.10 -23.09 35.69
CA ASN D 366 -8.49 -23.65 36.92
C ASN D 366 -7.17 -24.36 36.57
N PRO D 367 -6.34 -24.78 37.56
CA PRO D 367 -5.09 -25.50 37.27
C PRO D 367 -5.16 -26.95 36.73
N THR D 368 -6.35 -27.49 36.46
CA THR D 368 -6.56 -28.81 35.78
C THR D 368 -6.69 -28.62 34.25
N ILE D 369 -7.19 -27.45 33.81
CA ILE D 369 -7.45 -27.09 32.37
C ILE D 369 -6.41 -26.04 31.90
N HIS D 370 -6.02 -25.06 32.73
CA HIS D 370 -4.89 -24.12 32.46
C HIS D 370 -3.64 -24.90 32.04
N LYS D 371 -3.32 -26.00 32.75
CA LYS D 371 -2.12 -26.87 32.56
C LYS D 371 -2.28 -27.80 31.34
N PHE D 372 -3.52 -28.01 30.85
CA PHE D 372 -3.83 -28.76 29.60
C PHE D 372 -3.70 -27.85 28.35
N LEU D 373 -3.64 -26.52 28.53
CA LEU D 373 -3.46 -25.51 27.44
C LEU D 373 -2.04 -24.88 27.48
N GLU D 374 -1.11 -25.52 28.21
CA GLU D 374 0.35 -25.18 28.28
C GLU D 374 1.10 -26.14 27.34
N HIS D 375 1.91 -25.56 26.45
CA HIS D 375 2.65 -26.24 25.34
C HIS D 375 3.49 -27.44 25.82
#